data_7VYP
#
_entry.id   7VYP
#
_cell.length_a   111.029
_cell.length_b   111.029
_cell.length_c   231.276
_cell.angle_alpha   90.000
_cell.angle_beta   90.000
_cell.angle_gamma   120.000
#
_symmetry.space_group_name_H-M   'P 31 2 1'
#
loop_
_entity.id
_entity.type
_entity.pdbx_description
1 polymer GdmN
2 non-polymer 'FE (III) ION'
3 non-polymer 'SULFATE ION'
4 non-polymer 'PHOSPHORIC ACID MONO(FORMAMIDE)ESTER'
5 non-polymer 1,2-ETHANEDIOL
6 non-polymer '[(5S,6E,8S,9S,12R,13E,15E)-21-chloranyl-12,20-dimethoxy-6,8,16-trimethyl-5-oxidanyl-3,11-bis(oxidanylidene)-2-azabicyclo[16.3.1]docosa-1(21),6,13,15,18(22),19-hexaen-9-yl] carbamate'
7 non-polymer 'ADENOSINE MONOPHOSPHATE'
8 non-polymer '[(2~{R},3~{S},4~{R},5~{R})-5-(6-aminopurin-9-yl)-3,4-bis(oxidanyl)oxolan-2-yl]methyl [(~{S})-azanyl-[[(5~{S},6~{E},8~{S},9~{S},12~{R},13~{E},15~{E})-21-chloranyl-12,20-dimethoxy-6,8,16-trimethyl-5-oxidanyl-3,11-bis(oxidanylidene)-2-azabicyclo[16.3.1]docosa-1(21),6,13,15,18(22),19-hexaen-9-yl]oxy]-oxidanyl-methyl] hydrogen phosphate'
9 water water
#
_entity_poly.entity_id   1
_entity_poly.type   'polypeptide(L)'
_entity_poly.pdbx_seq_one_letter_code
;MLVLGLNGNFSAADTDVVPQLGEVFFHDSAASLIRDGELVAAVEEERLNRIKKTTKFPLNAVRECLALAGARPEDVDAVG
YYFPENHIDTVLNHLYTEYPRAPLRYSRELIRQRLKEGLGWDLPDEKLVYVPHHEAHAYSSYLHSGMDSALVLVLDGRGE
LHSGTVYRAEGTRLEKLADYPVPKSLGGLYLNATYLLGYGFGDEYKVMGLAPWGNPETYRDTFAKLYTLQDNGEYELHGN
IMVPNLVSPLFYAEGFRPRRKGEPFTQAHRDFAAALQETVEKIVLHILEYWAKTSGHSRLCFGGGVAHNSSLNGLILKSG
LFDEVFVHPASHDAGAGEGAAYAAAASLGTLERPGKRLLSASLGPALGGREQIRARLADWAPLIDVEFPDDAVETAAGLL
AEGQVLGWAYGRSEFGPRALGHRSIVADARPEENRTRINAMVKKREGFRPFAPVVTAEAARDYFDLSGADGNHEFMSFVV
PVLPERRTELGAVTHVDGTARVQVVSAESGERFHRLVRRFGELTGTPVLLNTSFNNNAEPIVQSLDDVVTSFLTTDLDVL
VVEDCLVRGKASPDLGVLVPRFRPVTRLVERRTAGPDASAGAKTHEIHLDYDGGPSAKVSPELYELLGAVDGTTTLGDLA
KTVGGLSDALATEVFALWEQRFLTLAPAGDIGPLADDGTRGH
;
_entity_poly.pdbx_strand_id   A,B
#
loop_
_chem_comp.id
_chem_comp.type
_chem_comp.name
_chem_comp.formula
82Z non-polymer '[(5S,6E,8S,9S,12R,13E,15E)-21-chloranyl-12,20-dimethoxy-6,8,16-trimethyl-5-oxidanyl-3,11-bis(oxidanylidene)-2-azabicyclo[16.3.1]docosa-1(21),6,13,15,18(22),19-hexaen-9-yl] carbamate' 'C27 H35 Cl N2 O7'
8CW non-polymer '[(2~{R},3~{S},4~{R},5~{R})-5-(6-aminopurin-9-yl)-3,4-bis(oxidanyl)oxolan-2-yl]methyl [(~{S})-azanyl-[[(5~{S},6~{E},8~{S},9~{S},12~{R},13~{E},15~{E})-21-chloranyl-12,20-dimethoxy-6,8,16-trimethyl-5-oxidanyl-3,11-bis(oxidanylidene)-2-azabicyclo[16.3.1]docosa-1(21),6,13,15,18(22),19-hexaen-9-yl]oxy]-oxidanyl-methyl] hydrogen phosphate' 'C37 H49 Cl N7 O14 P'
AMP non-polymer 'ADENOSINE MONOPHOSPHATE' 'C10 H14 N5 O7 P'
CP non-polymer 'PHOSPHORIC ACID MONO(FORMAMIDE)ESTER' 'C H4 N O5 P'
EDO non-polymer 1,2-ETHANEDIOL 'C2 H6 O2'
FE non-polymer 'FE (III) ION' 'Fe 3'
SO4 non-polymer 'SULFATE ION' 'O4 S -2'
#
# COMPACT_ATOMS: atom_id res chain seq x y z
N MET A 1 -37.02 23.74 -0.65
CA MET A 1 -36.25 22.57 -0.17
C MET A 1 -34.96 22.29 -0.98
N LEU A 2 -33.80 22.52 -0.37
CA LEU A 2 -32.49 22.50 -1.03
C LEU A 2 -31.57 21.54 -0.29
N VAL A 3 -31.19 20.45 -0.94
CA VAL A 3 -30.41 19.39 -0.29
C VAL A 3 -29.15 19.13 -1.09
N LEU A 4 -28.02 19.06 -0.40
CA LEU A 4 -26.73 18.78 -1.00
C LEU A 4 -26.45 17.28 -0.97
N GLY A 5 -25.94 16.75 -2.07
CA GLY A 5 -25.57 15.35 -2.10
C GLY A 5 -24.06 15.16 -2.12
N LEU A 6 -23.50 14.48 -1.13
CA LEU A 6 -22.05 14.37 -1.01
C LEU A 6 -21.59 12.93 -1.17
N ASN A 7 -20.40 12.78 -1.76
CA ASN A 7 -19.67 11.53 -1.75
C ASN A 7 -18.22 11.84 -2.07
N GLY A 8 -17.33 11.00 -1.56
CA GLY A 8 -15.90 11.16 -1.70
C GLY A 8 -15.22 11.03 -0.36
N ASN A 9 -13.89 11.17 -0.39
CA ASN A 9 -13.13 11.22 0.85
C ASN A 9 -13.08 12.67 1.34
N PHE A 10 -12.11 13.00 2.19
CA PHE A 10 -12.08 14.28 2.90
C PHE A 10 -10.72 14.94 2.79
N SER A 11 -9.99 14.64 1.73
CA SER A 11 -8.65 15.17 1.59
C SER A 11 -8.69 16.59 1.05
N ALA A 12 -7.72 17.39 1.51
CA ALA A 12 -7.51 18.75 1.02
C ALA A 12 -7.02 18.72 -0.43
N ALA A 13 -6.80 19.91 -1.00
CA ALA A 13 -6.41 19.94 -2.40
C ALA A 13 -4.96 19.49 -2.60
N ASP A 14 -4.09 19.68 -1.60
CA ASP A 14 -2.67 19.40 -1.75
C ASP A 14 -2.15 18.23 -0.93
N THR A 15 -2.94 17.68 -0.01
CA THR A 15 -2.53 16.51 0.76
C THR A 15 -3.71 15.56 0.90
N ASP A 16 -3.45 14.37 1.42
CA ASP A 16 -4.48 13.38 1.64
C ASP A 16 -4.60 13.10 3.15
N VAL A 17 -5.81 12.68 3.58
CA VAL A 17 -6.04 12.43 5.00
C VAL A 17 -4.93 11.55 5.58
N VAL A 18 -4.45 10.59 4.81
CA VAL A 18 -3.22 9.85 5.15
C VAL A 18 -2.27 9.96 3.96
N PRO A 19 -0.97 9.91 4.18
CA PRO A 19 -0.03 10.00 3.05
C PRO A 19 -0.25 8.90 2.01
N GLN A 20 -0.32 9.30 0.75
CA GLN A 20 -0.53 8.40 -0.39
C GLN A 20 -1.80 7.56 -0.25
N LEU A 21 -2.89 8.18 0.20
CA LEU A 21 -4.17 7.49 0.30
C LEU A 21 -4.50 6.79 -1.01
N GLY A 22 -4.86 5.51 -0.89
CA GLY A 22 -5.05 4.71 -2.09
C GLY A 22 -6.20 5.20 -2.94
N GLU A 23 -6.08 4.98 -4.25
CA GLU A 23 -7.01 5.58 -5.21
C GLU A 23 -8.44 5.06 -5.10
N VAL A 24 -8.69 3.94 -4.40
CA VAL A 24 -10.04 3.37 -4.28
C VAL A 24 -10.73 3.72 -2.96
N PHE A 25 -10.12 4.52 -2.10
CA PHE A 25 -10.72 4.81 -0.79
C PHE A 25 -11.67 6.00 -0.93
N PHE A 26 -12.90 5.69 -1.34
CA PHE A 26 -14.00 6.64 -1.54
C PHE A 26 -13.68 7.58 -2.72
N HIS A 27 -13.94 7.08 -3.91
CA HIS A 27 -13.50 7.65 -5.16
C HIS A 27 -14.68 8.38 -5.81
N ASP A 28 -14.39 9.06 -6.93
CA ASP A 28 -15.43 9.68 -7.75
C ASP A 28 -16.17 10.76 -6.96
N SER A 29 -15.42 11.56 -6.23
CA SER A 29 -16.00 12.63 -5.43
C SER A 29 -16.85 13.57 -6.27
N ALA A 30 -18.00 13.94 -5.72
CA ALA A 30 -18.90 14.82 -6.45
C ALA A 30 -19.87 15.48 -5.47
N ALA A 31 -20.58 16.47 -5.98
CA ALA A 31 -21.62 17.16 -5.25
C ALA A 31 -22.82 17.29 -6.16
N SER A 32 -24.00 17.20 -5.56
CA SER A 32 -25.27 17.27 -6.26
C SER A 32 -26.19 18.19 -5.45
N LEU A 33 -27.02 18.95 -6.14
CA LEU A 33 -27.97 19.84 -5.48
C LEU A 33 -29.35 19.51 -5.99
N ILE A 34 -30.25 19.18 -5.07
N ILE A 34 -30.25 19.15 -5.10
CA ILE A 34 -31.65 18.92 -5.37
CA ILE A 34 -31.65 18.93 -5.46
C ILE A 34 -32.45 20.12 -4.86
C ILE A 34 -32.48 20.05 -4.87
N ARG A 35 -33.44 20.54 -5.65
CA ARG A 35 -34.36 21.60 -5.22
C ARG A 35 -35.77 21.20 -5.62
N ASP A 36 -36.66 21.11 -4.64
CA ASP A 36 -38.05 20.67 -4.87
C ASP A 36 -38.11 19.39 -5.71
N GLY A 37 -37.18 18.47 -5.40
CA GLY A 37 -37.09 17.19 -6.05
C GLY A 37 -36.39 17.19 -7.39
N GLU A 38 -36.03 18.34 -7.92
CA GLU A 38 -35.35 18.40 -9.21
C GLU A 38 -33.85 18.52 -8.99
N LEU A 39 -33.09 17.79 -9.80
CA LEU A 39 -31.63 17.83 -9.78
C LEU A 39 -31.20 19.05 -10.58
N VAL A 40 -30.78 20.12 -9.89
CA VAL A 40 -30.49 21.37 -10.57
C VAL A 40 -29.02 21.54 -10.87
N ALA A 41 -28.14 20.79 -10.21
CA ALA A 41 -26.72 20.93 -10.46
C ALA A 41 -26.01 19.69 -9.95
N ALA A 42 -25.02 19.24 -10.71
CA ALA A 42 -24.18 18.11 -10.30
C ALA A 42 -22.88 18.15 -11.09
N VAL A 43 -21.76 17.97 -10.39
CA VAL A 43 -20.47 17.91 -11.04
C VAL A 43 -19.54 17.03 -10.21
N GLU A 44 -18.73 16.23 -10.90
CA GLU A 44 -17.68 15.46 -10.25
C GLU A 44 -16.45 16.32 -10.01
N GLU A 45 -15.86 16.19 -8.82
CA GLU A 45 -14.68 16.98 -8.46
C GLU A 45 -13.52 16.74 -9.41
N GLU A 46 -13.41 15.52 -9.97
CA GLU A 46 -12.37 15.24 -10.96
C GLU A 46 -12.34 16.30 -12.08
N ARG A 47 -13.50 16.86 -12.46
CA ARG A 47 -13.52 17.87 -13.51
C ARG A 47 -12.84 19.17 -13.08
N LEU A 48 -12.81 19.44 -11.77
CA LEU A 48 -12.33 20.72 -11.31
C LEU A 48 -10.91 20.69 -10.80
N ASN A 49 -10.49 19.57 -10.22
CA ASN A 49 -9.10 19.38 -9.80
C ASN A 49 -8.31 18.54 -10.78
N ARG A 50 -8.93 18.12 -11.89
CA ARG A 50 -8.28 17.44 -13.02
C ARG A 50 -7.64 16.12 -12.65
N ILE A 51 -8.05 15.47 -11.56
CA ILE A 51 -7.54 14.16 -11.17
C ILE A 51 -8.63 13.11 -11.41
N LYS A 52 -8.52 12.35 -12.52
CA LYS A 52 -9.49 11.29 -12.84
C LYS A 52 -9.91 10.51 -11.60
N LYS A 53 -11.24 10.38 -11.42
CA LYS A 53 -11.86 9.58 -10.35
C LYS A 53 -11.33 9.93 -8.95
N THR A 54 -11.07 11.22 -8.71
CA THR A 54 -10.35 11.64 -7.50
C THR A 54 -11.05 11.19 -6.22
N THR A 55 -10.27 11.03 -5.15
CA THR A 55 -10.84 10.79 -3.82
C THR A 55 -10.99 12.06 -2.99
N LYS A 56 -10.41 13.17 -3.43
CA LYS A 56 -10.37 14.37 -2.59
C LYS A 56 -11.77 14.94 -2.37
N PHE A 57 -11.93 15.65 -1.27
CA PHE A 57 -13.23 16.19 -0.89
C PHE A 57 -13.76 17.10 -1.97
N PRO A 58 -15.05 17.00 -2.35
CA PRO A 58 -15.63 17.74 -3.45
C PRO A 58 -15.94 19.21 -3.11
N LEU A 59 -14.96 19.92 -2.55
CA LEU A 59 -15.14 21.31 -2.17
C LEU A 59 -15.53 22.17 -3.37
N ASN A 60 -14.67 22.18 -4.41
CA ASN A 60 -14.95 22.94 -5.63
C ASN A 60 -16.31 22.62 -6.18
N ALA A 61 -16.69 21.34 -6.17
CA ALA A 61 -17.96 20.95 -6.76
C ALA A 61 -19.16 21.46 -5.95
N VAL A 62 -19.03 21.59 -4.63
CA VAL A 62 -20.11 22.20 -3.86
C VAL A 62 -20.21 23.68 -4.22
N ARG A 63 -19.08 24.36 -4.34
CA ARG A 63 -19.07 25.76 -4.72
C ARG A 63 -19.71 26.00 -6.08
N GLU A 64 -19.42 25.12 -7.05
CA GLU A 64 -19.99 25.28 -8.38
C GLU A 64 -21.49 24.97 -8.40
N CYS A 65 -21.90 23.99 -7.60
CA CYS A 65 -23.32 23.63 -7.54
C CYS A 65 -24.13 24.78 -6.96
N LEU A 66 -23.69 25.32 -5.82
CA LEU A 66 -24.37 26.48 -5.24
C LEU A 66 -24.45 27.63 -6.24
N ALA A 67 -23.37 27.87 -6.99
CA ALA A 67 -23.41 28.91 -8.00
C ALA A 67 -24.50 28.64 -9.03
N LEU A 68 -24.52 27.43 -9.61
CA LEU A 68 -25.53 27.14 -10.64
C LEU A 68 -26.94 27.32 -10.08
N ALA A 69 -27.16 26.95 -8.83
CA ALA A 69 -28.49 27.10 -8.24
C ALA A 69 -28.76 28.51 -7.73
N GLY A 70 -27.78 29.41 -7.76
CA GLY A 70 -28.00 30.74 -7.22
C GLY A 70 -28.24 30.74 -5.74
N ALA A 71 -27.63 29.81 -5.02
CA ALA A 71 -27.83 29.66 -3.58
C ALA A 71 -26.57 30.03 -2.82
N ARG A 72 -26.75 30.51 -1.59
CA ARG A 72 -25.64 30.60 -0.65
C ARG A 72 -25.64 29.38 0.27
N PRO A 73 -24.49 29.01 0.86
CA PRO A 73 -24.46 27.83 1.76
C PRO A 73 -25.52 27.83 2.85
N GLU A 74 -25.81 28.99 3.42
CA GLU A 74 -26.86 29.14 4.43
C GLU A 74 -28.24 28.73 3.90
N ASP A 75 -28.41 28.62 2.58
CA ASP A 75 -29.69 28.20 2.00
C ASP A 75 -29.90 26.70 1.99
N VAL A 76 -28.92 25.90 2.34
CA VAL A 76 -29.02 24.46 2.18
C VAL A 76 -29.72 23.86 3.40
N ASP A 77 -30.86 23.22 3.18
CA ASP A 77 -31.59 22.60 4.29
C ASP A 77 -30.87 21.37 4.84
N ALA A 78 -30.39 20.49 3.97
CA ALA A 78 -29.77 19.27 4.45
C ALA A 78 -28.64 18.87 3.52
N VAL A 79 -27.75 18.05 4.08
CA VAL A 79 -26.60 17.48 3.40
C VAL A 79 -26.64 15.99 3.62
N GLY A 80 -26.59 15.22 2.55
CA GLY A 80 -26.56 13.76 2.63
C GLY A 80 -25.18 13.22 2.29
N TYR A 81 -24.75 12.21 3.03
CA TYR A 81 -23.53 11.48 2.72
C TYR A 81 -23.86 10.05 2.33
N TYR A 82 -23.18 9.54 1.29
CA TYR A 82 -23.57 8.28 0.63
C TYR A 82 -23.12 7.03 1.39
N PHE A 83 -22.77 7.07 2.68
CA PHE A 83 -22.35 5.89 3.43
C PHE A 83 -22.79 6.11 4.86
N PRO A 84 -23.10 5.05 5.59
CA PRO A 84 -23.42 5.23 7.02
C PRO A 84 -22.19 5.71 7.78
N GLU A 85 -22.45 6.37 8.93
CA GLU A 85 -21.40 7.07 9.65
C GLU A 85 -20.41 6.10 10.28
N ASN A 86 -20.93 5.07 10.97
CA ASN A 86 -20.06 4.08 11.59
C ASN A 86 -19.14 3.44 10.57
N HIS A 87 -19.64 3.21 9.35
CA HIS A 87 -18.82 2.51 8.37
C HIS A 87 -17.66 3.38 7.88
N ILE A 88 -17.95 4.57 7.36
CA ILE A 88 -16.84 5.43 6.91
C ILE A 88 -15.92 5.73 8.10
N ASP A 89 -16.47 5.93 9.29
CA ASP A 89 -15.62 6.23 10.43
C ASP A 89 -14.76 5.03 10.85
N THR A 90 -15.26 3.80 10.67
CA THR A 90 -14.43 2.64 11.01
C THR A 90 -13.27 2.53 10.04
N VAL A 91 -13.51 2.85 8.76
CA VAL A 91 -12.43 2.76 7.78
C VAL A 91 -11.44 3.91 7.95
N LEU A 92 -11.92 5.10 8.34
CA LEU A 92 -10.96 6.15 8.70
C LEU A 92 -10.11 5.65 9.86
N ASN A 93 -10.75 5.07 10.87
CA ASN A 93 -10.03 4.62 12.03
C ASN A 93 -8.96 3.58 11.67
N HIS A 94 -9.28 2.68 10.74
CA HIS A 94 -8.26 1.71 10.30
C HIS A 94 -7.05 2.43 9.69
N LEU A 95 -7.30 3.41 8.79
CA LEU A 95 -6.18 4.12 8.18
C LEU A 95 -5.32 4.80 9.23
N TYR A 96 -5.93 5.27 10.32
CA TYR A 96 -5.17 5.94 11.37
C TYR A 96 -4.31 4.96 12.16
N THR A 97 -4.74 3.71 12.35
CA THR A 97 -3.87 2.77 13.05
C THR A 97 -2.64 2.47 12.24
N GLU A 98 -2.75 2.56 10.90
CA GLU A 98 -1.62 2.33 10.01
C GLU A 98 -0.70 3.54 9.91
N TYR A 99 -1.14 4.72 10.35
CA TYR A 99 -0.38 5.97 10.20
C TYR A 99 -0.47 6.68 11.54
N PRO A 100 0.36 6.29 12.51
CA PRO A 100 0.24 6.85 13.87
C PRO A 100 0.42 8.36 13.96
N ARG A 101 1.02 9.02 12.96
CA ARG A 101 1.09 10.49 13.01
C ARG A 101 -0.27 11.14 12.73
N ALA A 102 -1.16 10.47 12.03
CA ALA A 102 -2.37 11.15 11.56
C ALA A 102 -3.34 11.41 12.71
N PRO A 103 -3.78 12.65 12.90
CA PRO A 103 -4.73 12.93 13.97
C PRO A 103 -6.10 12.29 13.74
N LEU A 104 -6.73 11.91 14.85
CA LEU A 104 -8.01 11.23 14.79
C LEU A 104 -9.10 12.26 14.48
N ARG A 105 -9.34 12.45 13.18
CA ARG A 105 -10.41 13.32 12.68
C ARG A 105 -11.38 12.44 11.91
N TYR A 106 -12.58 12.27 12.44
CA TYR A 106 -13.53 11.40 11.75
C TYR A 106 -14.43 12.21 10.83
N SER A 107 -15.28 11.50 10.08
CA SER A 107 -15.93 12.10 8.93
C SER A 107 -16.81 13.29 9.30
N ARG A 108 -17.47 13.25 10.46
CA ARG A 108 -18.31 14.38 10.82
C ARG A 108 -17.46 15.63 11.05
N GLU A 109 -16.40 15.50 11.85
CA GLU A 109 -15.45 16.60 12.00
C GLU A 109 -14.89 17.04 10.66
N LEU A 110 -14.55 16.08 9.78
CA LEU A 110 -13.83 16.46 8.57
C LEU A 110 -14.75 17.13 7.56
N ILE A 111 -16.00 16.64 7.43
CA ILE A 111 -16.95 17.29 6.54
C ILE A 111 -17.19 18.72 7.01
N ARG A 112 -17.40 18.89 8.32
CA ARG A 112 -17.67 20.21 8.86
C ARG A 112 -16.45 21.12 8.77
N GLN A 113 -15.25 20.56 8.93
CA GLN A 113 -14.05 21.37 8.72
C GLN A 113 -13.94 21.83 7.28
N ARG A 114 -14.24 20.96 6.32
CA ARG A 114 -14.02 21.33 4.95
C ARG A 114 -15.01 22.39 4.51
N LEU A 115 -16.27 22.24 4.91
CA LEU A 115 -17.29 23.19 4.49
C LEU A 115 -17.02 24.57 5.09
N LYS A 116 -16.62 24.62 6.36
CA LYS A 116 -16.41 25.88 7.04
C LYS A 116 -15.15 26.60 6.54
N GLU A 117 -14.05 25.87 6.40
CA GLU A 117 -12.82 26.49 5.91
C GLU A 117 -12.88 26.77 4.41
N GLY A 118 -13.68 26.00 3.66
CA GLY A 118 -13.69 26.11 2.22
C GLY A 118 -14.79 26.99 1.68
N LEU A 119 -15.89 27.13 2.45
CA LEU A 119 -17.07 27.86 1.99
C LEU A 119 -17.63 28.83 3.02
N GLY A 120 -17.07 28.89 4.23
CA GLY A 120 -17.57 29.74 5.29
C GLY A 120 -18.94 29.32 5.76
N TRP A 121 -19.06 28.04 6.07
CA TRP A 121 -20.35 27.39 6.29
C TRP A 121 -20.20 26.52 7.52
N ASP A 122 -20.73 27.00 8.65
CA ASP A 122 -20.87 26.15 9.83
C ASP A 122 -22.11 25.29 9.61
N LEU A 123 -21.90 24.03 9.23
CA LEU A 123 -22.99 23.10 9.01
C LEU A 123 -23.48 22.56 10.34
N PRO A 124 -24.76 22.70 10.67
CA PRO A 124 -25.26 22.16 11.95
C PRO A 124 -25.29 20.64 11.92
N ASP A 125 -24.96 20.03 13.07
CA ASP A 125 -24.99 18.58 13.15
C ASP A 125 -26.35 18.01 12.76
N GLU A 126 -27.42 18.72 13.11
CA GLU A 126 -28.74 18.17 12.86
C GLU A 126 -29.07 18.12 11.38
N LYS A 127 -28.35 18.86 10.54
CA LYS A 127 -28.59 18.89 9.10
C LYS A 127 -27.75 17.89 8.31
N LEU A 128 -26.82 17.18 8.94
CA LEU A 128 -26.00 16.18 8.26
C LEU A 128 -26.64 14.81 8.42
N VAL A 129 -26.96 14.16 7.31
CA VAL A 129 -27.61 12.86 7.29
C VAL A 129 -26.73 11.87 6.54
N TYR A 130 -26.36 10.78 7.21
CA TYR A 130 -25.70 9.66 6.56
C TYR A 130 -26.71 8.61 6.12
N VAL A 131 -26.36 7.90 5.04
CA VAL A 131 -27.32 7.11 4.27
C VAL A 131 -26.72 5.75 3.94
N PRO A 132 -27.50 4.67 4.03
CA PRO A 132 -27.06 3.37 3.48
C PRO A 132 -26.69 3.50 2.01
N HIS A 133 -25.54 2.91 1.64
CA HIS A 133 -24.96 3.21 0.34
C HIS A 133 -25.82 2.72 -0.81
N HIS A 134 -26.27 1.46 -0.77
CA HIS A 134 -27.11 1.01 -1.88
C HIS A 134 -28.49 1.68 -1.87
N GLU A 135 -28.94 2.17 -0.72
CA GLU A 135 -30.14 3.00 -0.70
C GLU A 135 -29.94 4.27 -1.52
N ALA A 136 -28.80 4.94 -1.33
CA ALA A 136 -28.49 6.12 -2.15
C ALA A 136 -28.47 5.80 -3.64
N HIS A 137 -27.78 4.73 -4.03
CA HIS A 137 -27.80 4.29 -5.42
C HIS A 137 -29.22 4.09 -5.94
N ALA A 138 -30.07 3.47 -5.12
CA ALA A 138 -31.41 3.13 -5.58
C ALA A 138 -32.24 4.38 -5.88
N TYR A 139 -32.20 5.36 -4.97
CA TYR A 139 -32.99 6.56 -5.17
C TYR A 139 -32.59 7.26 -6.46
N SER A 140 -31.27 7.47 -6.62
CA SER A 140 -30.72 8.07 -7.82
C SER A 140 -31.24 7.37 -9.07
N SER A 141 -30.98 6.07 -9.18
CA SER A 141 -31.41 5.32 -10.35
C SER A 141 -32.91 5.42 -10.56
N TYR A 142 -33.69 5.26 -9.50
CA TYR A 142 -35.13 5.06 -9.71
C TYR A 142 -35.91 6.38 -9.84
N LEU A 143 -35.55 7.41 -9.07
CA LEU A 143 -36.36 8.63 -9.09
C LEU A 143 -36.28 9.33 -10.44
N HIS A 144 -35.15 9.22 -11.11
CA HIS A 144 -34.98 9.80 -12.44
C HIS A 144 -35.51 8.92 -13.58
N SER A 145 -36.17 7.81 -13.29
CA SER A 145 -36.59 6.91 -14.37
C SER A 145 -37.87 7.33 -15.06
N GLY A 146 -38.62 8.27 -14.49
CA GLY A 146 -39.96 8.51 -14.98
C GLY A 146 -40.90 7.32 -14.77
N MET A 147 -40.64 6.50 -13.75
CA MET A 147 -41.38 5.29 -13.44
C MET A 147 -41.95 5.42 -12.03
N ASP A 148 -43.16 4.91 -11.81
CA ASP A 148 -43.77 5.02 -10.49
C ASP A 148 -43.79 3.71 -9.73
N SER A 149 -43.31 2.65 -10.35
CA SER A 149 -43.06 1.37 -9.71
C SER A 149 -42.04 0.63 -10.55
N ALA A 150 -41.08 -0.01 -9.90
CA ALA A 150 -40.11 -0.80 -10.63
C ALA A 150 -39.41 -1.75 -9.68
N LEU A 151 -38.81 -2.78 -10.27
CA LEU A 151 -37.74 -3.49 -9.61
C LEU A 151 -36.46 -2.66 -9.75
N VAL A 152 -35.77 -2.43 -8.64
CA VAL A 152 -34.51 -1.68 -8.64
C VAL A 152 -33.39 -2.61 -8.23
N LEU A 153 -32.40 -2.76 -9.11
CA LEU A 153 -31.22 -3.57 -8.85
C LEU A 153 -29.98 -2.68 -8.74
N VAL A 154 -29.26 -2.81 -7.63
CA VAL A 154 -27.99 -2.11 -7.41
C VAL A 154 -26.90 -3.17 -7.31
N LEU A 155 -25.89 -3.08 -8.16
CA LEU A 155 -24.68 -3.89 -8.04
C LEU A 155 -23.47 -2.99 -8.15
N ASP A 156 -22.57 -3.04 -7.18
CA ASP A 156 -21.32 -2.26 -7.25
C ASP A 156 -20.19 -3.09 -6.62
N GLY A 157 -19.13 -2.42 -6.19
CA GLY A 157 -18.10 -3.14 -5.47
C GLY A 157 -18.68 -3.57 -4.14
N ARG A 158 -19.00 -2.60 -3.29
CA ARG A 158 -19.56 -2.89 -1.99
C ARG A 158 -20.12 -1.61 -1.35
N GLY A 159 -21.29 -1.73 -0.73
CA GLY A 159 -21.76 -0.76 0.24
C GLY A 159 -21.20 -1.12 1.61
N GLU A 160 -21.89 -0.65 2.66
CA GLU A 160 -21.38 -0.90 4.01
C GLU A 160 -21.44 -2.40 4.37
N LEU A 161 -22.47 -3.13 3.92
CA LEU A 161 -22.56 -4.57 4.22
C LEU A 161 -22.82 -5.50 3.02
N HIS A 162 -23.19 -4.98 1.85
CA HIS A 162 -23.60 -5.84 0.73
C HIS A 162 -22.96 -5.38 -0.57
N SER A 163 -22.69 -6.34 -1.44
CA SER A 163 -22.24 -6.05 -2.79
C SER A 163 -23.39 -5.84 -3.76
N GLY A 164 -24.60 -6.25 -3.38
CA GLY A 164 -25.75 -6.01 -4.24
C GLY A 164 -27.01 -5.92 -3.40
N THR A 165 -27.92 -5.01 -3.76
CA THR A 165 -29.22 -4.94 -3.12
C THR A 165 -30.29 -4.98 -4.20
N VAL A 166 -31.41 -5.63 -3.91
CA VAL A 166 -32.58 -5.61 -4.77
C VAL A 166 -33.73 -4.94 -4.03
N TYR A 167 -34.43 -4.05 -4.74
CA TYR A 167 -35.43 -3.17 -4.16
C TYR A 167 -36.73 -3.25 -4.94
N ARG A 168 -37.83 -2.98 -4.27
CA ARG A 168 -39.09 -2.66 -4.94
C ARG A 168 -39.37 -1.19 -4.70
N ALA A 169 -39.63 -0.46 -5.77
CA ALA A 169 -39.92 0.95 -5.67
C ALA A 169 -41.34 1.17 -6.13
N GLU A 170 -42.11 1.91 -5.35
CA GLU A 170 -43.49 2.26 -5.68
C GLU A 170 -43.71 3.67 -5.18
N GLY A 171 -44.17 4.55 -6.08
CA GLY A 171 -44.26 5.96 -5.76
C GLY A 171 -42.90 6.50 -5.38
N THR A 172 -42.73 6.89 -4.11
CA THR A 172 -41.42 7.30 -3.60
C THR A 172 -40.93 6.39 -2.47
N ARG A 173 -41.54 5.20 -2.33
CA ARG A 173 -41.16 4.25 -1.30
C ARG A 173 -40.26 3.18 -1.90
N LEU A 174 -39.11 2.94 -1.26
CA LEU A 174 -38.26 1.81 -1.59
C LEU A 174 -38.47 0.72 -0.55
N GLU A 175 -38.49 -0.52 -1.01
CA GLU A 175 -38.70 -1.65 -0.12
C GLU A 175 -37.66 -2.69 -0.50
N LYS A 176 -36.72 -2.96 0.40
CA LYS A 176 -35.70 -3.97 0.14
C LYS A 176 -36.33 -5.36 0.04
N LEU A 177 -35.93 -6.10 -0.98
CA LEU A 177 -36.34 -7.47 -1.21
C LEU A 177 -35.26 -8.49 -0.90
N ALA A 178 -33.99 -8.14 -1.11
CA ALA A 178 -32.90 -9.12 -1.08
C ALA A 178 -31.57 -8.38 -1.01
N ASP A 179 -30.53 -9.10 -0.56
CA ASP A 179 -29.18 -8.54 -0.67
C ASP A 179 -28.15 -9.66 -0.79
N TYR A 180 -27.00 -9.30 -1.35
CA TYR A 180 -25.88 -10.19 -1.58
C TYR A 180 -24.69 -9.70 -0.79
N PRO A 181 -24.04 -10.55 0.00
CA PRO A 181 -22.96 -10.05 0.86
C PRO A 181 -21.75 -9.62 0.05
N VAL A 182 -20.81 -8.99 0.77
CA VAL A 182 -19.64 -8.40 0.11
C VAL A 182 -18.80 -9.45 -0.61
N PRO A 183 -18.47 -10.62 -0.01
CA PRO A 183 -17.61 -11.57 -0.72
C PRO A 183 -18.22 -12.15 -1.99
N LYS A 184 -19.45 -11.78 -2.36
CA LYS A 184 -19.99 -12.14 -3.66
C LYS A 184 -19.94 -10.98 -4.67
N SER A 185 -19.05 -10.01 -4.47
CA SER A 185 -19.09 -8.82 -5.30
C SER A 185 -18.70 -9.13 -6.73
N LEU A 186 -19.53 -8.67 -7.68
CA LEU A 186 -19.27 -8.75 -9.11
C LEU A 186 -18.42 -7.59 -9.61
N GLY A 187 -18.54 -6.41 -9.00
CA GLY A 187 -17.57 -5.36 -9.30
C GLY A 187 -16.20 -5.68 -8.75
N GLY A 188 -16.16 -6.35 -7.59
CA GLY A 188 -14.89 -6.85 -7.10
C GLY A 188 -14.30 -7.90 -8.02
N LEU A 189 -15.15 -8.79 -8.54
CA LEU A 189 -14.66 -9.77 -9.50
C LEU A 189 -14.10 -9.07 -10.73
N TYR A 190 -14.88 -8.13 -11.30
CA TYR A 190 -14.44 -7.49 -12.53
C TYR A 190 -13.14 -6.71 -12.34
N LEU A 191 -13.02 -5.99 -11.22
CA LEU A 191 -11.80 -5.25 -10.96
C LEU A 191 -10.62 -6.19 -10.75
N ASN A 192 -10.87 -7.35 -10.12
CA ASN A 192 -9.79 -8.31 -9.90
C ASN A 192 -9.28 -8.85 -11.21
N ALA A 193 -10.18 -9.21 -12.12
CA ALA A 193 -9.78 -9.66 -13.44
C ALA A 193 -9.09 -8.55 -14.23
N THR A 194 -9.55 -7.31 -14.06
CA THR A 194 -8.95 -6.18 -14.76
C THR A 194 -7.46 -6.06 -14.44
N TYR A 195 -7.05 -6.38 -13.21
CA TYR A 195 -5.63 -6.29 -12.88
C TYR A 195 -4.79 -7.27 -13.67
N LEU A 196 -5.36 -8.40 -14.10
CA LEU A 196 -4.61 -9.38 -14.88
C LEU A 196 -4.31 -8.90 -16.30
N LEU A 197 -5.02 -7.90 -16.80
CA LEU A 197 -4.76 -7.38 -18.13
C LEU A 197 -3.89 -6.14 -18.09
N GLY A 198 -3.18 -5.92 -16.99
CA GLY A 198 -2.29 -4.79 -16.90
C GLY A 198 -2.98 -3.47 -16.70
N TYR A 199 -4.26 -3.48 -16.39
CA TYR A 199 -5.04 -2.29 -16.14
C TYR A 199 -5.23 -2.08 -14.63
N GLY A 200 -5.95 -1.02 -14.28
CA GLY A 200 -6.21 -0.73 -12.88
C GLY A 200 -7.61 -0.19 -12.65
N PHE A 201 -7.88 0.29 -11.43
CA PHE A 201 -9.20 0.86 -11.16
C PHE A 201 -9.47 2.01 -12.12
N GLY A 202 -10.71 2.09 -12.61
CA GLY A 202 -11.06 3.02 -13.65
C GLY A 202 -10.98 2.48 -15.07
N ASP A 203 -10.32 1.34 -15.29
CA ASP A 203 -10.13 0.80 -16.63
C ASP A 203 -11.12 -0.30 -16.99
N GLU A 204 -12.10 -0.55 -16.12
CA GLU A 204 -12.98 -1.70 -16.32
C GLU A 204 -13.71 -1.64 -17.64
N TYR A 205 -14.03 -0.45 -18.14
CA TYR A 205 -14.73 -0.41 -19.42
C TYR A 205 -13.79 -0.55 -20.60
N LYS A 206 -12.49 -0.35 -20.41
CA LYS A 206 -11.53 -0.73 -21.43
C LYS A 206 -11.53 -2.24 -21.61
N VAL A 207 -11.51 -2.98 -20.49
CA VAL A 207 -11.61 -4.43 -20.54
C VAL A 207 -12.91 -4.83 -21.22
N MET A 208 -14.01 -4.18 -20.88
CA MET A 208 -15.29 -4.44 -21.54
C MET A 208 -15.15 -4.32 -23.06
N GLY A 209 -14.50 -3.23 -23.52
CA GLY A 209 -14.31 -3.00 -24.94
C GLY A 209 -13.40 -4.00 -25.61
N LEU A 210 -12.47 -4.59 -24.85
CA LEU A 210 -11.60 -5.61 -25.42
C LEU A 210 -12.34 -6.95 -25.59
N ALA A 211 -13.25 -7.26 -24.66
CA ALA A 211 -14.01 -8.52 -24.68
C ALA A 211 -14.50 -8.99 -26.05
N PRO A 212 -15.14 -8.17 -26.88
CA PRO A 212 -15.70 -8.71 -28.13
C PRO A 212 -14.66 -9.23 -29.11
N TRP A 213 -13.37 -8.91 -28.92
CA TRP A 213 -12.28 -9.41 -29.75
C TRP A 213 -11.85 -10.81 -29.34
N GLY A 214 -12.48 -11.43 -28.35
CA GLY A 214 -11.98 -12.65 -27.76
C GLY A 214 -12.99 -13.78 -27.91
N ASN A 215 -12.54 -14.98 -27.60
CA ASN A 215 -13.38 -16.16 -27.67
C ASN A 215 -13.69 -16.63 -26.24
N PRO A 216 -14.92 -16.48 -25.75
CA PRO A 216 -15.21 -16.87 -24.36
C PRO A 216 -15.09 -18.38 -24.09
N GLU A 217 -14.76 -19.19 -25.10
CA GLU A 217 -14.68 -20.63 -24.90
C GLU A 217 -13.37 -21.07 -24.25
N THR A 218 -12.25 -20.39 -24.56
CA THR A 218 -10.96 -20.76 -24.02
C THR A 218 -10.98 -20.88 -22.50
N TYR A 219 -11.52 -19.87 -21.82
CA TYR A 219 -11.42 -19.83 -20.37
C TYR A 219 -12.75 -20.00 -19.67
N ARG A 220 -13.81 -20.34 -20.41
CA ARG A 220 -15.10 -20.62 -19.77
C ARG A 220 -14.97 -21.62 -18.63
N ASP A 221 -14.31 -22.75 -18.88
CA ASP A 221 -14.19 -23.80 -17.87
C ASP A 221 -13.30 -23.36 -16.70
N THR A 222 -12.40 -22.40 -16.95
CA THR A 222 -11.60 -21.85 -15.86
C THR A 222 -12.42 -20.88 -15.00
N PHE A 223 -13.11 -19.92 -15.64
CA PHE A 223 -13.97 -19.05 -14.86
C PHE A 223 -15.05 -19.84 -14.15
N ALA A 224 -15.48 -20.96 -14.75
CA ALA A 224 -16.50 -21.79 -14.13
C ALA A 224 -16.10 -22.24 -12.73
N LYS A 225 -14.80 -22.45 -12.49
CA LYS A 225 -14.32 -22.83 -11.16
C LYS A 225 -14.51 -21.74 -10.11
N LEU A 226 -14.68 -20.47 -10.51
CA LEU A 226 -14.71 -19.39 -9.55
C LEU A 226 -16.11 -18.99 -9.13
N TYR A 227 -17.15 -19.49 -9.79
CA TYR A 227 -18.52 -19.19 -9.40
C TYR A 227 -19.41 -20.39 -9.61
N THR A 228 -20.53 -20.37 -8.91
CA THR A 228 -21.54 -21.41 -9.00
C THR A 228 -22.93 -20.79 -8.90
N LEU A 229 -23.71 -20.94 -9.97
CA LEU A 229 -25.12 -20.58 -9.92
C LEU A 229 -25.88 -21.60 -9.07
N GLN A 230 -26.71 -21.12 -8.16
CA GLN A 230 -27.55 -21.98 -7.34
C GLN A 230 -29.02 -21.66 -7.58
N ASP A 231 -29.89 -22.48 -6.98
CA ASP A 231 -31.33 -22.36 -7.12
C ASP A 231 -31.84 -21.00 -6.65
N ASN A 232 -33.00 -20.61 -7.20
CA ASN A 232 -33.80 -19.51 -6.66
C ASN A 232 -32.99 -18.20 -6.62
N GLY A 233 -32.25 -17.95 -7.69
CA GLY A 233 -31.57 -16.70 -7.91
C GLY A 233 -30.28 -16.50 -7.14
N GLU A 234 -29.76 -17.53 -6.50
CA GLU A 234 -28.57 -17.41 -5.68
C GLU A 234 -27.31 -17.80 -6.46
N TYR A 235 -26.17 -17.40 -5.93
CA TYR A 235 -24.88 -17.77 -6.51
C TYR A 235 -23.80 -17.64 -5.46
N GLU A 236 -22.66 -18.27 -5.73
CA GLU A 236 -21.46 -18.07 -4.93
C GLU A 236 -20.26 -17.77 -5.81
N LEU A 237 -19.35 -16.97 -5.27
CA LEU A 237 -17.99 -16.89 -5.79
C LEU A 237 -17.08 -17.68 -4.85
N HIS A 238 -16.01 -18.22 -5.41
CA HIS A 238 -15.13 -19.12 -4.67
C HIS A 238 -13.81 -18.44 -4.37
N GLY A 239 -13.61 -18.07 -3.10
CA GLY A 239 -12.43 -17.36 -2.67
C GLY A 239 -11.23 -18.26 -2.45
N ASN A 240 -10.14 -17.62 -2.05
CA ASN A 240 -8.93 -18.33 -1.70
C ASN A 240 -8.32 -17.61 -0.51
N ILE A 241 -7.23 -18.16 0.00
CA ILE A 241 -6.53 -17.52 1.10
C ILE A 241 -5.09 -17.20 0.73
N MET A 242 -4.79 -17.19 -0.57
CA MET A 242 -3.45 -16.84 -1.02
C MET A 242 -3.25 -15.34 -1.14
N VAL A 243 -4.11 -14.69 -1.92
CA VAL A 243 -3.95 -13.27 -2.22
C VAL A 243 -5.30 -12.61 -2.22
N PRO A 244 -5.36 -11.27 -1.98
CA PRO A 244 -6.66 -10.56 -2.04
C PRO A 244 -7.09 -10.27 -3.47
N ASN A 245 -7.38 -11.34 -4.21
CA ASN A 245 -7.76 -11.25 -5.62
C ASN A 245 -8.40 -12.56 -6.01
N LEU A 246 -9.61 -12.50 -6.53
CA LEU A 246 -10.38 -13.71 -6.73
C LEU A 246 -9.92 -14.53 -7.93
N VAL A 247 -9.18 -13.92 -8.85
CA VAL A 247 -8.98 -14.47 -10.19
C VAL A 247 -7.54 -14.92 -10.41
N SER A 248 -6.55 -14.16 -9.93
CA SER A 248 -5.17 -14.42 -10.33
C SER A 248 -4.63 -15.76 -9.86
N PRO A 249 -4.91 -16.24 -8.63
CA PRO A 249 -4.28 -17.51 -8.24
C PRO A 249 -4.65 -18.67 -9.15
N LEU A 250 -5.93 -18.84 -9.46
CA LEU A 250 -6.33 -19.92 -10.33
C LEU A 250 -5.69 -19.79 -11.72
N PHE A 251 -5.73 -18.59 -12.30
CA PHE A 251 -5.18 -18.38 -13.63
C PHE A 251 -3.66 -18.53 -13.65
N TYR A 252 -2.98 -18.13 -12.57
CA TYR A 252 -1.54 -18.36 -12.52
C TYR A 252 -1.26 -19.86 -12.60
N ALA A 253 -1.87 -20.63 -11.69
CA ALA A 253 -1.74 -22.08 -11.69
C ALA A 253 -1.99 -22.69 -13.06
N GLU A 254 -2.79 -22.04 -13.91
CA GLU A 254 -3.08 -22.59 -15.22
C GLU A 254 -2.21 -22.02 -16.30
N GLY A 255 -1.21 -21.21 -15.95
CA GLY A 255 -0.25 -20.70 -16.90
C GLY A 255 -0.51 -19.31 -17.42
N PHE A 256 -1.54 -18.63 -16.92
CA PHE A 256 -1.84 -17.27 -17.36
C PHE A 256 -0.90 -16.27 -16.70
N ARG A 257 -0.24 -15.44 -17.53
CA ARG A 257 0.66 -14.41 -17.03
C ARG A 257 0.03 -13.03 -17.22
N PRO A 258 -0.04 -12.23 -16.17
CA PRO A 258 -0.60 -10.87 -16.31
C PRO A 258 0.14 -10.03 -17.34
N ARG A 259 -0.64 -9.26 -18.10
CA ARG A 259 -0.05 -8.38 -19.09
C ARG A 259 0.79 -7.29 -18.42
N ARG A 260 1.84 -6.84 -19.10
CA ARG A 260 2.65 -5.75 -18.57
C ARG A 260 2.31 -4.45 -19.31
N LYS A 261 2.45 -3.32 -18.62
CA LYS A 261 2.18 -2.06 -19.29
C LYS A 261 3.23 -1.84 -20.36
N GLY A 262 2.75 -1.40 -21.53
CA GLY A 262 3.55 -1.30 -22.72
C GLY A 262 3.39 -2.48 -23.67
N GLU A 263 3.11 -3.66 -23.14
CA GLU A 263 3.02 -4.86 -23.95
C GLU A 263 1.70 -4.92 -24.73
N PRO A 264 1.71 -5.60 -25.87
CA PRO A 264 0.47 -5.77 -26.64
C PRO A 264 -0.52 -6.70 -25.94
N PHE A 265 -1.72 -6.71 -26.50
CA PHE A 265 -2.83 -7.50 -26.00
C PHE A 265 -2.89 -8.79 -26.81
N THR A 266 -2.29 -9.85 -26.27
CA THR A 266 -2.27 -11.14 -26.95
C THR A 266 -3.67 -11.72 -27.11
N GLN A 267 -3.76 -12.80 -27.89
CA GLN A 267 -5.05 -13.47 -28.06
C GLN A 267 -5.51 -14.12 -26.75
N ALA A 268 -4.58 -14.53 -25.89
CA ALA A 268 -5.01 -15.04 -24.59
C ALA A 268 -5.58 -13.92 -23.73
N HIS A 269 -5.04 -12.71 -23.88
CA HIS A 269 -5.63 -11.56 -23.22
C HIS A 269 -7.05 -11.33 -23.71
N ARG A 270 -7.25 -11.29 -25.03
CA ARG A 270 -8.59 -11.02 -25.56
C ARG A 270 -9.60 -12.08 -25.11
N ASP A 271 -9.16 -13.33 -24.98
CA ASP A 271 -10.06 -14.41 -24.57
C ASP A 271 -10.37 -14.33 -23.09
N PHE A 272 -9.37 -13.99 -22.28
CA PHE A 272 -9.64 -13.73 -20.86
C PHE A 272 -10.76 -12.70 -20.69
N ALA A 273 -10.64 -11.55 -21.38
CA ALA A 273 -11.67 -10.52 -21.26
C ALA A 273 -13.02 -11.08 -21.68
N ALA A 274 -13.03 -11.90 -22.73
CA ALA A 274 -14.30 -12.39 -23.25
C ALA A 274 -14.98 -13.31 -22.26
N ALA A 275 -14.22 -14.21 -21.64
CA ALA A 275 -14.78 -15.11 -20.65
C ALA A 275 -15.27 -14.35 -19.42
N LEU A 276 -14.47 -13.38 -18.92
CA LEU A 276 -14.86 -12.55 -17.78
C LEU A 276 -16.18 -11.85 -18.05
N GLN A 277 -16.30 -11.22 -19.23
CA GLN A 277 -17.53 -10.58 -19.63
C GLN A 277 -18.69 -11.57 -19.58
N GLU A 278 -18.51 -12.75 -20.18
CA GLU A 278 -19.57 -13.76 -20.16
C GLU A 278 -19.96 -14.13 -18.74
N THR A 279 -18.96 -14.25 -17.84
CA THR A 279 -19.21 -14.69 -16.47
C THR A 279 -20.17 -13.74 -15.77
N VAL A 280 -19.90 -12.44 -15.84
CA VAL A 280 -20.74 -11.45 -15.19
C VAL A 280 -22.11 -11.39 -15.83
N GLU A 281 -22.18 -11.53 -17.15
CA GLU A 281 -23.46 -11.62 -17.81
C GLU A 281 -24.28 -12.82 -17.32
N LYS A 282 -23.62 -13.98 -17.14
CA LYS A 282 -24.36 -15.15 -16.68
C LYS A 282 -24.91 -14.95 -15.27
N ILE A 283 -24.15 -14.27 -14.41
CA ILE A 283 -24.56 -14.13 -13.02
C ILE A 283 -25.66 -13.08 -12.87
N VAL A 284 -25.45 -11.90 -13.43
CA VAL A 284 -26.44 -10.83 -13.34
C VAL A 284 -27.74 -11.25 -14.00
N LEU A 285 -27.67 -11.85 -15.19
CA LEU A 285 -28.91 -12.32 -15.80
C LEU A 285 -29.57 -13.41 -14.97
N HIS A 286 -28.77 -14.24 -14.29
CA HIS A 286 -29.30 -15.26 -13.40
C HIS A 286 -30.04 -14.61 -12.23
N ILE A 287 -29.40 -13.64 -11.59
CA ILE A 287 -30.09 -12.77 -10.62
C ILE A 287 -31.37 -12.22 -11.23
N LEU A 288 -31.23 -11.52 -12.36
CA LEU A 288 -32.36 -10.74 -12.84
C LEU A 288 -33.52 -11.63 -13.24
N GLU A 289 -33.24 -12.76 -13.89
CA GLU A 289 -34.32 -13.65 -14.30
C GLU A 289 -35.14 -14.06 -13.08
N TYR A 290 -34.47 -14.33 -11.97
CA TYR A 290 -35.19 -14.71 -10.78
C TYR A 290 -36.07 -13.58 -10.27
N TRP A 291 -35.46 -12.44 -9.96
CA TRP A 291 -36.19 -11.33 -9.35
C TRP A 291 -37.18 -10.69 -10.30
N ALA A 292 -37.00 -10.86 -11.62
CA ALA A 292 -38.06 -10.48 -12.56
C ALA A 292 -39.36 -11.22 -12.24
N LYS A 293 -39.31 -12.56 -12.24
CA LYS A 293 -40.53 -13.34 -12.06
C LYS A 293 -40.99 -13.39 -10.62
N THR A 294 -40.11 -13.09 -9.67
CA THR A 294 -40.52 -13.17 -8.27
C THR A 294 -41.23 -11.91 -7.82
N SER A 295 -40.65 -10.75 -8.09
CA SER A 295 -41.27 -9.48 -7.68
C SER A 295 -42.40 -9.07 -8.61
N GLY A 296 -42.53 -9.71 -9.78
CA GLY A 296 -43.61 -9.36 -10.68
C GLY A 296 -43.48 -8.04 -11.41
N HIS A 297 -42.34 -7.37 -11.32
CA HIS A 297 -42.20 -6.10 -12.01
C HIS A 297 -41.79 -6.31 -13.46
N SER A 298 -42.34 -5.49 -14.33
CA SER A 298 -41.98 -5.45 -15.73
C SER A 298 -40.98 -4.34 -16.07
N ARG A 299 -40.64 -3.49 -15.11
CA ARG A 299 -39.74 -2.37 -15.33
C ARG A 299 -38.58 -2.48 -14.36
N LEU A 300 -37.38 -2.25 -14.87
CA LEU A 300 -36.15 -2.40 -14.11
C LEU A 300 -35.39 -1.07 -14.13
N CYS A 301 -34.91 -0.66 -12.95
CA CYS A 301 -33.87 0.33 -12.83
C CYS A 301 -32.60 -0.39 -12.39
N PHE A 302 -31.52 -0.17 -13.12
CA PHE A 302 -30.22 -0.77 -12.83
C PHE A 302 -29.26 0.33 -12.41
N GLY A 303 -28.61 0.15 -11.27
CA GLY A 303 -27.65 1.15 -10.82
C GLY A 303 -26.48 0.53 -10.08
N GLY A 304 -25.65 1.36 -9.46
CA GLY A 304 -24.37 0.87 -9.00
C GLY A 304 -23.37 0.89 -10.13
N GLY A 305 -22.09 0.87 -9.76
CA GLY A 305 -21.05 0.97 -10.76
C GLY A 305 -21.14 -0.10 -11.84
N VAL A 306 -21.67 -1.27 -11.51
CA VAL A 306 -21.69 -2.32 -12.51
C VAL A 306 -22.61 -1.94 -13.66
N ALA A 307 -23.58 -1.06 -13.41
CA ALA A 307 -24.48 -0.63 -14.47
C ALA A 307 -23.80 0.27 -15.49
N HIS A 308 -22.51 0.54 -15.38
CA HIS A 308 -21.80 1.16 -16.48
C HIS A 308 -21.23 0.13 -17.45
N ASN A 309 -21.52 -1.15 -17.23
CA ASN A 309 -21.13 -2.20 -18.15
C ASN A 309 -22.20 -2.25 -19.22
N SER A 310 -22.07 -1.34 -20.20
CA SER A 310 -23.11 -1.18 -21.21
C SER A 310 -23.30 -2.45 -22.04
N SER A 311 -22.29 -3.31 -22.13
CA SER A 311 -22.48 -4.59 -22.80
C SER A 311 -23.47 -5.45 -22.02
N LEU A 312 -23.28 -5.51 -20.70
CA LEU A 312 -24.24 -6.17 -19.84
C LEU A 312 -25.64 -5.56 -19.96
N ASN A 313 -25.75 -4.22 -19.92
CA ASN A 313 -27.05 -3.60 -20.14
C ASN A 313 -27.67 -3.95 -21.48
N GLY A 314 -26.89 -4.04 -22.56
CA GLY A 314 -27.46 -4.46 -23.81
C GLY A 314 -28.04 -5.86 -23.75
N LEU A 315 -27.40 -6.74 -22.99
CA LEU A 315 -27.95 -8.08 -22.88
C LEU A 315 -29.22 -8.08 -22.05
N ILE A 316 -29.25 -7.34 -20.92
CA ILE A 316 -30.50 -7.20 -20.15
C ILE A 316 -31.64 -6.75 -21.03
N LEU A 317 -31.39 -5.75 -21.87
CA LEU A 317 -32.40 -5.23 -22.77
C LEU A 317 -32.94 -6.32 -23.69
N LYS A 318 -32.06 -7.11 -24.31
CA LYS A 318 -32.50 -8.08 -25.30
C LYS A 318 -33.01 -9.38 -24.69
N SER A 319 -33.06 -9.47 -23.38
CA SER A 319 -33.38 -10.76 -22.76
C SER A 319 -34.87 -11.03 -22.68
N GLY A 320 -35.71 -10.04 -22.97
CA GLY A 320 -37.13 -10.21 -22.75
C GLY A 320 -37.55 -10.34 -21.30
N LEU A 321 -36.64 -10.16 -20.35
CA LEU A 321 -37.05 -10.22 -18.95
C LEU A 321 -37.95 -9.05 -18.57
N PHE A 322 -37.80 -7.90 -19.24
CA PHE A 322 -38.48 -6.67 -18.82
C PHE A 322 -39.02 -5.93 -20.04
N ASP A 323 -40.01 -5.07 -19.80
CA ASP A 323 -40.56 -4.21 -20.85
C ASP A 323 -39.86 -2.86 -20.95
N GLU A 324 -39.36 -2.32 -19.83
CA GLU A 324 -38.55 -1.11 -19.81
C GLU A 324 -37.34 -1.34 -18.91
N VAL A 325 -36.21 -0.74 -19.29
CA VAL A 325 -35.04 -0.63 -18.44
C VAL A 325 -34.61 0.83 -18.42
N PHE A 326 -34.23 1.32 -17.24
CA PHE A 326 -33.67 2.66 -17.11
C PHE A 326 -32.33 2.57 -16.40
N VAL A 327 -31.32 3.29 -16.92
CA VAL A 327 -30.02 3.45 -16.28
C VAL A 327 -29.69 4.93 -16.20
N HIS A 328 -29.28 5.36 -15.01
CA HIS A 328 -28.80 6.71 -14.77
C HIS A 328 -27.46 6.97 -15.48
N PRO A 329 -27.22 8.19 -16.00
CA PRO A 329 -25.91 8.48 -16.60
C PRO A 329 -24.76 8.40 -15.61
N ALA A 330 -25.00 8.68 -14.34
CA ALA A 330 -24.01 8.50 -13.28
C ALA A 330 -24.53 7.40 -12.35
N SER A 331 -24.26 6.15 -12.71
CA SER A 331 -24.69 5.04 -11.87
C SER A 331 -23.61 4.60 -10.91
N HIS A 332 -22.38 5.10 -11.06
CA HIS A 332 -21.28 4.86 -10.13
C HIS A 332 -21.44 5.78 -8.92
N ASP A 333 -20.38 6.00 -8.13
CA ASP A 333 -20.58 6.54 -6.80
C ASP A 333 -20.93 8.03 -6.76
N ALA A 334 -20.65 8.78 -7.83
CA ALA A 334 -21.16 10.15 -7.88
C ALA A 334 -22.68 10.15 -7.86
N GLY A 335 -23.30 9.23 -8.61
CA GLY A 335 -24.74 9.11 -8.56
C GLY A 335 -25.24 8.74 -7.17
N ALA A 336 -24.51 7.88 -6.46
CA ALA A 336 -24.86 7.57 -5.08
C ALA A 336 -24.88 8.83 -4.22
N GLY A 337 -23.98 9.77 -4.49
CA GLY A 337 -24.02 11.02 -3.76
C GLY A 337 -25.30 11.79 -4.01
N GLU A 338 -25.73 11.86 -5.27
CA GLU A 338 -27.01 12.50 -5.59
C GLU A 338 -28.16 11.83 -4.86
N GLY A 339 -28.22 10.49 -4.91
CA GLY A 339 -29.24 9.76 -4.17
C GLY A 339 -29.18 9.98 -2.68
N ALA A 340 -27.98 10.19 -2.13
CA ALA A 340 -27.88 10.53 -0.71
C ALA A 340 -28.67 11.79 -0.37
N ALA A 341 -28.84 12.72 -1.31
CA ALA A 341 -29.63 13.91 -1.00
C ALA A 341 -31.12 13.58 -0.95
N TYR A 342 -31.60 12.83 -1.94
CA TYR A 342 -32.98 12.36 -1.90
C TYR A 342 -33.27 11.67 -0.59
N ALA A 343 -32.39 10.74 -0.19
CA ALA A 343 -32.63 10.01 1.06
C ALA A 343 -32.58 10.95 2.26
N ALA A 344 -31.69 11.93 2.25
CA ALA A 344 -31.66 12.88 3.37
C ALA A 344 -32.93 13.71 3.42
N ALA A 345 -33.36 14.23 2.26
CA ALA A 345 -34.63 14.95 2.24
C ALA A 345 -35.78 14.05 2.68
N ALA A 346 -35.65 12.75 2.48
CA ALA A 346 -36.71 11.83 2.89
C ALA A 346 -36.78 11.66 4.40
N SER A 347 -35.62 11.64 5.08
CA SER A 347 -35.62 11.44 6.52
C SER A 347 -35.98 12.71 7.30
N LEU A 348 -35.85 13.89 6.68
CA LEU A 348 -36.26 15.16 7.26
C LEU A 348 -37.40 15.71 6.40
N GLY A 349 -38.61 15.20 6.64
CA GLY A 349 -39.78 15.61 5.90
C GLY A 349 -40.22 14.58 4.89
N THR A 350 -40.79 15.05 3.80
CA THR A 350 -41.25 14.15 2.75
C THR A 350 -40.41 14.37 1.49
N LEU A 351 -40.38 13.33 0.65
CA LEU A 351 -39.52 13.30 -0.53
C LEU A 351 -40.29 13.87 -1.70
N GLU A 352 -39.85 15.05 -2.18
CA GLU A 352 -40.30 15.60 -3.45
C GLU A 352 -39.42 14.97 -4.52
N ARG A 353 -40.04 14.59 -5.64
CA ARG A 353 -39.35 13.79 -6.64
C ARG A 353 -39.40 14.48 -8.00
N PRO A 354 -38.47 14.14 -8.89
CA PRO A 354 -38.55 14.64 -10.27
C PRO A 354 -39.90 14.30 -10.86
N GLY A 355 -40.32 15.12 -11.81
CA GLY A 355 -41.56 14.89 -12.52
C GLY A 355 -41.41 14.25 -13.87
N LYS A 356 -40.18 13.97 -14.32
CA LYS A 356 -39.99 13.46 -15.67
C LYS A 356 -38.71 12.63 -15.74
N ARG A 357 -38.67 11.66 -16.65
CA ARG A 357 -37.44 10.91 -16.86
C ARG A 357 -36.29 11.84 -17.22
N LEU A 358 -35.17 11.68 -16.52
CA LEU A 358 -33.97 12.46 -16.86
C LEU A 358 -33.55 12.22 -18.30
N LEU A 359 -33.54 13.27 -19.12
CA LEU A 359 -33.13 13.17 -20.52
C LEU A 359 -31.76 13.76 -20.81
N SER A 360 -31.32 14.75 -20.04
CA SER A 360 -30.03 15.40 -20.27
C SER A 360 -29.14 15.18 -19.05
N ALA A 361 -27.86 14.92 -19.31
CA ALA A 361 -26.87 14.85 -18.24
C ALA A 361 -26.13 16.16 -18.06
N SER A 362 -26.59 17.21 -18.73
CA SER A 362 -25.84 18.47 -18.89
C SER A 362 -26.08 19.32 -17.65
N LEU A 363 -25.25 19.11 -16.64
CA LEU A 363 -25.58 19.53 -15.28
C LEU A 363 -24.44 20.20 -14.54
N GLY A 364 -23.25 20.29 -15.11
CA GLY A 364 -22.15 20.89 -14.41
C GLY A 364 -22.12 22.37 -14.70
N PRO A 365 -20.99 23.00 -14.41
CA PRO A 365 -20.82 24.41 -14.77
C PRO A 365 -20.78 24.57 -16.29
N ALA A 366 -21.00 25.79 -16.71
CA ALA A 366 -20.94 26.12 -18.13
C ALA A 366 -19.58 26.72 -18.43
N LEU A 367 -19.39 27.15 -19.69
CA LEU A 367 -18.14 27.74 -20.13
C LEU A 367 -18.06 29.24 -19.90
N GLY A 368 -19.20 29.95 -19.96
CA GLY A 368 -19.25 31.35 -19.64
C GLY A 368 -20.24 32.06 -20.56
N GLY A 369 -20.41 33.36 -20.28
CA GLY A 369 -21.22 34.18 -21.15
C GLY A 369 -20.54 34.47 -22.47
N ARG A 370 -21.32 35.04 -23.39
CA ARG A 370 -20.81 35.39 -24.71
C ARG A 370 -19.60 36.31 -24.63
N GLU A 371 -19.67 37.35 -23.78
CA GLU A 371 -18.62 38.36 -23.82
C GLU A 371 -17.39 37.92 -23.05
N GLN A 372 -17.57 37.20 -21.95
CA GLN A 372 -16.39 36.73 -21.22
C GLN A 372 -15.69 35.61 -21.98
N ILE A 373 -16.41 34.92 -22.86
CA ILE A 373 -15.79 33.88 -23.65
C ILE A 373 -14.97 34.49 -24.77
N ARG A 374 -15.53 35.49 -25.46
CA ARG A 374 -14.76 36.23 -26.47
C ARG A 374 -13.52 36.88 -25.84
N ALA A 375 -13.68 37.47 -24.65
CA ALA A 375 -12.57 38.11 -23.97
C ALA A 375 -11.47 37.10 -23.64
N ARG A 376 -11.84 35.89 -23.21
CA ARG A 376 -10.80 34.93 -22.86
C ARG A 376 -10.15 34.33 -24.10
N LEU A 377 -10.91 34.18 -25.19
CA LEU A 377 -10.30 33.70 -26.42
C LEU A 377 -9.36 34.73 -27.02
N ALA A 378 -9.56 36.01 -26.71
CA ALA A 378 -8.61 37.01 -27.14
C ALA A 378 -7.27 36.87 -26.40
N ASP A 379 -7.32 36.48 -25.12
CA ASP A 379 -6.11 36.20 -24.34
C ASP A 379 -5.31 35.04 -24.89
N TRP A 380 -5.91 34.13 -25.66
CA TRP A 380 -5.15 33.06 -26.30
C TRP A 380 -4.69 33.44 -27.72
N ALA A 381 -4.88 34.70 -28.13
CA ALA A 381 -4.58 35.10 -29.51
C ALA A 381 -3.17 34.76 -29.97
N PRO A 382 -2.11 34.87 -29.15
CA PRO A 382 -0.80 34.38 -29.59
C PRO A 382 -0.78 32.90 -29.94
N LEU A 383 -1.78 32.10 -29.56
CA LEU A 383 -1.79 30.68 -29.85
C LEU A 383 -2.90 30.22 -30.78
N ILE A 384 -3.98 30.99 -30.94
CA ILE A 384 -5.16 30.51 -31.67
C ILE A 384 -5.70 31.58 -32.62
N ASP A 385 -6.31 31.10 -33.69
CA ASP A 385 -7.06 31.92 -34.61
C ASP A 385 -8.54 31.60 -34.43
N VAL A 386 -9.37 32.63 -34.35
CA VAL A 386 -10.77 32.47 -34.02
C VAL A 386 -11.63 33.06 -35.12
N GLU A 387 -12.51 32.24 -35.69
CA GLU A 387 -13.56 32.70 -36.58
C GLU A 387 -14.90 32.76 -35.83
N PHE A 388 -15.83 33.57 -36.34
CA PHE A 388 -17.16 33.74 -35.75
C PHE A 388 -18.24 33.58 -36.82
N PRO A 389 -18.64 32.34 -37.14
CA PRO A 389 -19.57 32.13 -38.25
C PRO A 389 -20.99 32.59 -37.91
N ASP A 390 -21.77 32.78 -38.98
CA ASP A 390 -23.19 33.09 -38.84
C ASP A 390 -23.93 31.94 -38.17
N ASP A 391 -23.68 30.72 -38.64
CA ASP A 391 -24.33 29.52 -38.13
C ASP A 391 -23.26 28.47 -37.81
N ALA A 392 -22.79 28.46 -36.57
CA ALA A 392 -21.70 27.56 -36.19
C ALA A 392 -22.10 26.10 -36.37
N VAL A 393 -23.31 25.73 -35.99
CA VAL A 393 -23.75 24.35 -36.19
C VAL A 393 -23.67 23.98 -37.67
N GLU A 394 -24.18 24.87 -38.54
CA GLU A 394 -24.14 24.62 -39.98
C GLU A 394 -22.71 24.50 -40.48
N THR A 395 -21.84 25.41 -40.07
CA THR A 395 -20.44 25.29 -40.44
C THR A 395 -19.84 23.95 -39.98
N ALA A 396 -20.05 23.58 -38.70
CA ALA A 396 -19.42 22.36 -38.18
C ALA A 396 -19.87 21.11 -38.93
N ALA A 397 -21.17 21.04 -39.25
CA ALA A 397 -21.66 19.96 -40.10
C ALA A 397 -20.85 19.89 -41.40
N GLY A 398 -20.63 21.03 -42.05
CA GLY A 398 -19.86 21.04 -43.28
C GLY A 398 -18.45 20.54 -43.07
N LEU A 399 -17.79 21.03 -42.03
CA LEU A 399 -16.45 20.56 -41.71
C LEU A 399 -16.42 19.08 -41.38
N LEU A 400 -17.49 18.56 -40.77
CA LEU A 400 -17.48 17.13 -40.44
C LEU A 400 -17.62 16.29 -41.70
N ALA A 401 -18.43 16.76 -42.66
CA ALA A 401 -18.52 16.05 -43.93
C ALA A 401 -17.22 16.11 -44.72
N GLU A 402 -16.39 17.13 -44.50
CA GLU A 402 -15.08 17.25 -45.15
C GLU A 402 -13.98 16.46 -44.44
N GLY A 403 -14.33 15.64 -43.44
CA GLY A 403 -13.38 14.77 -42.77
C GLY A 403 -12.59 15.37 -41.63
N GLN A 404 -12.95 16.58 -41.19
CA GLN A 404 -12.33 17.17 -40.02
C GLN A 404 -12.79 16.48 -38.73
N VAL A 405 -11.87 16.34 -37.77
CA VAL A 405 -12.16 15.85 -36.43
C VAL A 405 -12.35 17.07 -35.52
N LEU A 406 -13.52 17.20 -34.92
CA LEU A 406 -13.92 18.43 -34.22
C LEU A 406 -13.94 18.26 -32.71
N GLY A 407 -13.44 19.28 -32.01
CA GLY A 407 -13.76 19.44 -30.61
C GLY A 407 -15.01 20.30 -30.50
N TRP A 408 -15.91 19.88 -29.60
CA TRP A 408 -17.26 20.43 -29.52
C TRP A 408 -17.57 20.71 -28.06
N ALA A 409 -17.64 21.98 -27.69
CA ALA A 409 -17.78 22.35 -26.28
C ALA A 409 -18.87 23.40 -26.16
N TYR A 410 -19.99 23.01 -25.57
CA TYR A 410 -21.17 23.86 -25.43
C TYR A 410 -21.78 23.66 -24.05
N GLY A 411 -22.23 24.77 -23.45
CA GLY A 411 -23.13 24.67 -22.30
C GLY A 411 -22.54 23.97 -21.10
N ARG A 412 -23.39 23.28 -20.35
CA ARG A 412 -22.99 22.67 -19.09
C ARG A 412 -22.45 21.26 -19.30
N SER A 413 -21.43 20.90 -18.53
CA SER A 413 -20.75 19.63 -18.76
C SER A 413 -21.57 18.44 -18.29
N GLU A 414 -21.29 17.30 -18.91
CA GLU A 414 -22.00 16.06 -18.64
C GLU A 414 -21.62 15.55 -17.27
N PHE A 415 -22.63 15.19 -16.48
CA PHE A 415 -22.48 14.44 -15.24
C PHE A 415 -22.32 12.96 -15.58
N GLY A 416 -21.21 12.36 -15.17
CA GLY A 416 -21.00 10.95 -15.44
C GLY A 416 -19.92 10.76 -16.48
N PRO A 417 -19.56 9.51 -16.77
CA PRO A 417 -18.39 9.29 -17.65
C PRO A 417 -18.60 9.62 -19.13
N ARG A 418 -19.82 9.53 -19.67
CA ARG A 418 -19.97 9.74 -21.10
C ARG A 418 -20.09 11.22 -21.48
N ALA A 419 -19.52 11.55 -22.63
CA ALA A 419 -19.76 12.83 -23.27
C ALA A 419 -20.89 12.69 -24.29
N LEU A 420 -21.77 13.68 -24.32
CA LEU A 420 -23.07 13.56 -24.96
C LEU A 420 -23.44 14.82 -25.73
N GLY A 421 -22.45 15.55 -26.23
CA GLY A 421 -22.69 16.79 -26.95
C GLY A 421 -22.39 18.06 -26.19
N HIS A 422 -21.72 17.98 -25.06
CA HIS A 422 -21.33 19.21 -24.40
C HIS A 422 -19.83 19.31 -24.14
N ARG A 423 -19.13 18.18 -24.07
CA ARG A 423 -17.68 18.15 -24.04
C ARG A 423 -17.24 16.98 -24.92
N SER A 424 -17.55 17.06 -26.21
CA SER A 424 -17.37 15.94 -27.11
C SER A 424 -16.28 16.21 -28.12
N ILE A 425 -15.79 15.11 -28.69
CA ILE A 425 -15.00 15.09 -29.92
C ILE A 425 -15.78 14.27 -30.94
N VAL A 426 -16.00 14.85 -32.13
CA VAL A 426 -16.90 14.23 -33.10
C VAL A 426 -16.26 14.21 -34.49
N ALA A 427 -16.63 13.21 -35.27
CA ALA A 427 -16.10 13.01 -36.60
C ALA A 427 -17.11 12.20 -37.39
N ASP A 428 -16.99 12.23 -38.72
CA ASP A 428 -17.69 11.32 -39.60
C ASP A 428 -17.60 9.89 -39.07
N ALA A 429 -18.76 9.22 -38.93
CA ALA A 429 -18.77 7.87 -38.38
C ALA A 429 -18.55 6.78 -39.43
N ARG A 430 -18.49 7.15 -40.71
CA ARG A 430 -18.50 6.22 -41.83
C ARG A 430 -17.13 5.60 -42.12
N PRO A 431 -16.02 6.35 -42.18
CA PRO A 431 -14.75 5.72 -42.59
C PRO A 431 -14.15 4.88 -41.47
N GLU A 432 -13.80 3.65 -41.80
CA GLU A 432 -13.13 2.79 -40.83
C GLU A 432 -11.80 3.38 -40.37
N GLU A 433 -11.13 4.17 -41.24
CA GLU A 433 -9.86 4.77 -40.89
C GLU A 433 -9.98 5.78 -39.76
N ASN A 434 -11.20 6.34 -39.53
CA ASN A 434 -11.40 7.28 -38.44
C ASN A 434 -11.25 6.63 -37.07
N ARG A 435 -11.60 5.36 -36.96
CA ARG A 435 -11.32 4.63 -35.74
C ARG A 435 -9.82 4.50 -35.49
N THR A 436 -9.08 4.06 -36.51
CA THR A 436 -7.66 3.80 -36.34
C THR A 436 -6.92 5.10 -36.01
N ARG A 437 -7.27 6.20 -36.67
CA ARG A 437 -6.55 7.44 -36.43
C ARG A 437 -6.94 8.09 -35.11
N ILE A 438 -8.24 8.23 -34.84
CA ILE A 438 -8.65 8.92 -33.61
C ILE A 438 -8.18 8.15 -32.37
N ASN A 439 -8.04 6.84 -32.49
CA ASN A 439 -7.43 6.07 -31.42
C ASN A 439 -5.94 6.39 -31.29
N ALA A 440 -5.23 6.46 -32.41
CA ALA A 440 -3.77 6.52 -32.33
C ALA A 440 -3.23 7.94 -32.28
N MET A 441 -3.88 8.89 -32.95
CA MET A 441 -3.38 10.25 -33.06
C MET A 441 -4.01 11.18 -32.05
N VAL A 442 -5.32 11.08 -31.87
CA VAL A 442 -6.08 12.02 -31.06
C VAL A 442 -6.09 11.55 -29.60
N LYS A 443 -6.95 10.59 -29.28
CA LYS A 443 -7.04 10.18 -27.88
C LYS A 443 -5.83 9.36 -27.42
N LYS A 444 -4.97 8.95 -28.36
CA LYS A 444 -3.68 8.33 -28.06
C LYS A 444 -3.85 7.14 -27.11
N ARG A 445 -4.48 6.09 -27.65
CA ARG A 445 -4.88 4.93 -26.87
C ARG A 445 -4.87 3.68 -27.73
N GLU A 446 -5.31 2.58 -27.12
CA GLU A 446 -5.18 1.25 -27.71
C GLU A 446 -6.05 1.09 -28.97
N GLY A 447 -5.52 0.36 -29.95
CA GLY A 447 -6.19 0.21 -31.23
C GLY A 447 -7.49 -0.58 -31.17
N PHE A 448 -7.63 -1.48 -30.18
CA PHE A 448 -8.84 -2.29 -30.12
C PHE A 448 -10.04 -1.50 -29.62
N ARG A 449 -9.84 -0.29 -29.13
CA ARG A 449 -10.92 0.42 -28.46
C ARG A 449 -12.00 0.79 -29.47
N PRO A 450 -13.27 0.65 -29.12
CA PRO A 450 -14.35 1.03 -30.02
C PRO A 450 -14.70 2.51 -29.84
N PHE A 451 -15.50 3.01 -30.78
CA PHE A 451 -16.03 4.36 -30.71
C PHE A 451 -17.54 4.29 -30.84
N ALA A 452 -18.21 5.16 -30.10
CA ALA A 452 -19.64 5.16 -29.91
C ALA A 452 -20.31 6.13 -30.89
N PRO A 453 -21.43 5.75 -31.50
CA PRO A 453 -22.17 6.69 -32.35
C PRO A 453 -23.21 7.49 -31.60
N VAL A 454 -23.47 8.69 -32.12
CA VAL A 454 -24.71 9.40 -31.83
C VAL A 454 -25.55 9.48 -33.11
N VAL A 455 -26.85 9.20 -32.98
CA VAL A 455 -27.80 9.17 -34.08
C VAL A 455 -29.03 9.99 -33.69
N THR A 456 -29.62 10.67 -34.68
CA THR A 456 -30.84 11.39 -34.36
C THR A 456 -31.89 10.40 -33.89
N ALA A 457 -32.77 10.87 -33.00
CA ALA A 457 -33.90 10.07 -32.56
C ALA A 457 -34.74 9.60 -33.74
N GLU A 458 -34.90 10.45 -34.76
CA GLU A 458 -35.76 10.12 -35.89
C GLU A 458 -35.20 8.95 -36.70
N ALA A 459 -33.88 8.86 -36.83
CA ALA A 459 -33.24 7.85 -37.68
C ALA A 459 -32.69 6.66 -36.90
N ALA A 460 -32.89 6.61 -35.58
CA ALA A 460 -32.22 5.59 -34.78
C ALA A 460 -32.48 4.19 -35.29
N ARG A 461 -33.76 3.83 -35.46
CA ARG A 461 -34.14 2.47 -35.85
C ARG A 461 -33.90 2.20 -37.32
N ASP A 462 -33.30 3.14 -38.06
CA ASP A 462 -32.80 2.93 -39.40
C ASP A 462 -31.44 2.28 -39.41
N TYR A 463 -30.73 2.34 -38.29
CA TYR A 463 -29.33 1.95 -38.18
C TYR A 463 -29.08 0.92 -37.11
N PHE A 464 -29.80 0.98 -36.00
CA PHE A 464 -29.56 0.14 -34.84
C PHE A 464 -30.78 -0.69 -34.53
N ASP A 465 -30.54 -1.80 -33.82
CA ASP A 465 -31.58 -2.76 -33.46
C ASP A 465 -31.97 -2.51 -32.00
N LEU A 466 -32.87 -1.57 -31.79
CA LEU A 466 -33.34 -1.22 -30.46
C LEU A 466 -34.44 -2.17 -29.95
N SER A 467 -34.68 -3.31 -30.61
CA SER A 467 -35.80 -4.16 -30.23
C SER A 467 -35.57 -4.81 -28.87
N GLY A 468 -36.65 -5.38 -28.35
CA GLY A 468 -36.66 -5.87 -26.99
C GLY A 468 -37.36 -4.88 -26.11
N ALA A 469 -36.91 -4.80 -24.86
CA ALA A 469 -37.43 -3.79 -23.96
C ALA A 469 -37.11 -2.39 -24.48
N ASP A 470 -37.81 -1.41 -23.93
CA ASP A 470 -37.56 -0.02 -24.24
C ASP A 470 -36.53 0.47 -23.23
N GLY A 471 -35.31 0.73 -23.70
CA GLY A 471 -34.28 1.29 -22.85
C GLY A 471 -34.10 2.76 -23.12
N ASN A 472 -33.57 3.48 -22.13
CA ASN A 472 -33.19 4.87 -22.36
C ASN A 472 -31.80 4.92 -23.00
N HIS A 473 -31.68 5.65 -24.12
CA HIS A 473 -30.43 5.72 -24.87
C HIS A 473 -29.86 7.12 -24.93
N GLU A 474 -30.31 8.00 -24.04
CA GLU A 474 -29.77 9.34 -24.00
C GLU A 474 -28.40 9.40 -23.36
N PHE A 475 -27.93 8.34 -22.70
CA PHE A 475 -26.63 8.45 -22.04
C PHE A 475 -25.64 7.36 -22.44
N MET A 476 -25.82 6.73 -23.60
CA MET A 476 -25.05 5.56 -24.03
C MET A 476 -24.97 4.49 -22.95
N SER A 477 -26.11 4.18 -22.33
CA SER A 477 -26.16 3.14 -21.31
C SER A 477 -26.20 1.74 -21.91
N PHE A 478 -26.64 1.60 -23.16
CA PHE A 478 -26.87 0.29 -23.75
C PHE A 478 -26.01 0.05 -24.98
N VAL A 479 -25.31 -1.07 -24.99
CA VAL A 479 -24.74 -1.61 -26.20
C VAL A 479 -25.83 -2.28 -27.00
N VAL A 480 -25.90 -1.96 -28.28
CA VAL A 480 -27.02 -2.35 -29.13
C VAL A 480 -26.47 -2.77 -30.49
N PRO A 481 -27.11 -3.76 -31.13
CA PRO A 481 -26.59 -4.23 -32.42
C PRO A 481 -26.79 -3.19 -33.52
N VAL A 482 -25.79 -3.04 -34.38
CA VAL A 482 -25.98 -2.27 -35.61
C VAL A 482 -26.61 -3.20 -36.63
N LEU A 483 -27.63 -2.70 -37.34
CA LEU A 483 -28.32 -3.52 -38.32
C LEU A 483 -27.33 -4.00 -39.38
N PRO A 484 -27.36 -5.29 -39.75
CA PRO A 484 -26.27 -5.82 -40.60
C PRO A 484 -26.07 -5.06 -41.91
N GLU A 485 -27.14 -4.57 -42.53
CA GLU A 485 -27.02 -3.79 -43.75
C GLU A 485 -26.54 -2.37 -43.51
N ARG A 486 -26.09 -2.06 -42.30
CA ARG A 486 -25.51 -0.76 -42.01
C ARG A 486 -24.06 -0.82 -41.54
N ARG A 487 -23.52 -2.02 -41.30
CA ARG A 487 -22.22 -2.13 -40.65
C ARG A 487 -21.07 -1.62 -41.52
N THR A 488 -21.23 -1.66 -42.85
CA THR A 488 -20.17 -1.14 -43.71
C THR A 488 -20.29 0.38 -43.83
N GLU A 489 -21.52 0.89 -43.92
CA GLU A 489 -21.75 2.34 -43.89
C GLU A 489 -21.07 2.96 -42.67
N LEU A 490 -21.19 2.33 -41.51
CA LEU A 490 -20.70 2.87 -40.24
C LEU A 490 -19.42 2.15 -39.84
N GLY A 491 -18.34 2.41 -40.58
CA GLY A 491 -17.09 1.71 -40.32
C GLY A 491 -16.46 2.07 -39.00
N ALA A 492 -16.55 3.33 -38.57
CA ALA A 492 -15.81 3.76 -37.38
C ALA A 492 -16.48 3.34 -36.08
N VAL A 493 -17.82 3.33 -36.05
CA VAL A 493 -18.55 3.13 -34.82
C VAL A 493 -19.16 1.74 -34.72
N THR A 494 -18.85 0.83 -35.65
CA THR A 494 -19.37 -0.54 -35.58
C THR A 494 -18.29 -1.43 -34.97
N HIS A 495 -18.57 -1.99 -33.80
CA HIS A 495 -17.51 -2.71 -33.11
C HIS A 495 -17.28 -4.06 -33.78
N VAL A 496 -16.34 -4.84 -33.25
CA VAL A 496 -15.90 -6.05 -33.93
C VAL A 496 -17.03 -7.09 -34.03
N ASP A 497 -17.98 -7.06 -33.10
CA ASP A 497 -19.12 -7.97 -33.08
C ASP A 497 -20.40 -7.33 -33.60
N GLY A 498 -20.30 -6.24 -34.37
CA GLY A 498 -21.48 -5.62 -34.94
C GLY A 498 -22.39 -4.91 -33.96
N THR A 499 -21.86 -4.47 -32.82
CA THR A 499 -22.62 -3.75 -31.80
C THR A 499 -22.06 -2.33 -31.67
N ALA A 500 -22.81 -1.46 -30.98
CA ALA A 500 -22.37 -0.10 -30.72
C ALA A 500 -23.03 0.43 -29.44
N ARG A 501 -22.25 1.16 -28.64
CA ARG A 501 -22.77 1.81 -27.43
C ARG A 501 -23.41 3.13 -27.86
N VAL A 502 -24.69 3.04 -28.28
CA VAL A 502 -25.33 4.10 -29.07
C VAL A 502 -25.86 5.21 -28.16
N GLN A 503 -25.90 6.44 -28.69
CA GLN A 503 -26.56 7.59 -28.06
C GLN A 503 -27.63 8.09 -29.00
N VAL A 504 -28.87 8.08 -28.55
CA VAL A 504 -29.97 8.62 -29.34
C VAL A 504 -30.23 10.02 -28.82
N VAL A 505 -29.86 11.04 -29.61
CA VAL A 505 -30.06 12.43 -29.22
C VAL A 505 -31.36 12.92 -29.87
N SER A 506 -32.05 13.83 -29.18
CA SER A 506 -33.30 14.38 -29.68
C SER A 506 -33.34 15.87 -29.37
N ALA A 507 -34.31 16.58 -29.97
CA ALA A 507 -34.53 18.00 -29.64
C ALA A 507 -34.63 18.23 -28.14
N GLU A 508 -35.26 17.33 -27.42
CA GLU A 508 -35.44 17.48 -25.97
C GLU A 508 -34.20 17.06 -25.17
N SER A 509 -33.44 16.09 -25.68
CA SER A 509 -32.21 15.60 -25.06
C SER A 509 -31.08 16.63 -25.14
N GLY A 510 -30.90 17.24 -26.31
CA GLY A 510 -29.81 18.12 -26.65
C GLY A 510 -30.17 18.74 -27.97
N GLU A 511 -30.93 19.84 -27.92
CA GLU A 511 -31.39 20.50 -29.14
C GLU A 511 -30.25 20.77 -30.10
N ARG A 512 -29.13 21.30 -29.60
CA ARG A 512 -28.05 21.70 -30.49
C ARG A 512 -27.30 20.51 -31.02
N PHE A 513 -26.95 19.55 -30.16
CA PHE A 513 -26.24 18.37 -30.65
C PHE A 513 -27.11 17.65 -31.67
N HIS A 514 -28.42 17.64 -31.45
CA HIS A 514 -29.35 17.02 -32.40
C HIS A 514 -29.41 17.80 -33.71
N ARG A 515 -29.29 19.14 -33.63
CA ARG A 515 -29.27 19.92 -34.87
C ARG A 515 -28.03 19.56 -35.71
N LEU A 516 -26.88 19.43 -35.06
CA LEU A 516 -25.64 19.07 -35.76
C LEU A 516 -25.77 17.70 -36.43
N VAL A 517 -26.21 16.68 -35.69
CA VAL A 517 -26.35 15.33 -36.26
C VAL A 517 -27.39 15.32 -37.37
N ARG A 518 -28.44 16.12 -37.24
CA ARG A 518 -29.49 16.15 -38.26
C ARG A 518 -28.94 16.73 -39.56
N ARG A 519 -28.21 17.85 -39.45
CA ARG A 519 -27.67 18.51 -40.63
C ARG A 519 -26.59 17.67 -41.31
N PHE A 520 -25.66 17.13 -40.52
CA PHE A 520 -24.66 16.23 -41.09
C PHE A 520 -25.32 15.16 -41.95
N GLY A 521 -26.48 14.65 -41.50
CA GLY A 521 -27.16 13.60 -42.23
C GLY A 521 -27.87 14.12 -43.47
N GLU A 522 -28.38 15.35 -43.40
CA GLU A 522 -28.88 16.01 -44.59
C GLU A 522 -27.76 16.19 -45.63
N LEU A 523 -26.55 16.50 -45.16
CA LEU A 523 -25.44 16.76 -46.06
C LEU A 523 -24.80 15.49 -46.60
N THR A 524 -24.87 14.36 -45.89
CA THR A 524 -24.08 13.18 -46.27
C THR A 524 -24.92 11.93 -46.55
N GLY A 525 -26.19 11.92 -46.17
CA GLY A 525 -26.98 10.71 -46.19
C GLY A 525 -26.96 9.89 -44.90
N THR A 526 -26.10 10.23 -43.93
CA THR A 526 -25.86 9.40 -42.75
C THR A 526 -25.95 10.24 -41.48
N PRO A 527 -27.12 10.30 -40.83
CA PRO A 527 -27.27 11.11 -39.60
C PRO A 527 -26.68 10.42 -38.37
N VAL A 528 -25.39 10.09 -38.45
CA VAL A 528 -24.67 9.41 -37.38
C VAL A 528 -23.27 10.00 -37.28
N LEU A 529 -22.82 10.22 -36.05
CA LEU A 529 -21.48 10.75 -35.80
C LEU A 529 -20.75 9.92 -34.75
N LEU A 530 -19.43 9.80 -34.94
CA LEU A 530 -18.53 9.38 -33.88
C LEU A 530 -18.56 10.40 -32.75
N ASN A 531 -18.67 9.94 -31.51
CA ASN A 531 -18.75 10.87 -30.39
C ASN A 531 -17.98 10.29 -29.21
N THR A 532 -16.79 10.80 -28.99
CA THR A 532 -15.96 10.40 -27.87
C THR A 532 -15.72 11.57 -26.93
N SER A 533 -15.32 11.25 -25.71
CA SER A 533 -15.13 12.26 -24.69
C SER A 533 -13.96 13.19 -25.02
N PHE A 534 -14.15 14.48 -24.75
CA PHE A 534 -13.18 15.52 -25.05
C PHE A 534 -12.17 15.55 -23.90
N ASN A 535 -11.08 14.81 -24.07
CA ASN A 535 -9.98 14.73 -23.12
C ASN A 535 -8.86 13.87 -23.71
N ASN A 536 -7.60 14.24 -23.43
CA ASN A 536 -6.50 13.38 -23.85
C ASN A 536 -6.26 12.32 -22.78
N ASN A 537 -5.24 11.47 -22.98
CA ASN A 537 -5.12 10.32 -22.09
C ASN A 537 -4.68 10.68 -20.68
N ALA A 538 -4.50 11.96 -20.35
CA ALA A 538 -3.89 12.37 -19.08
C ALA A 538 -4.81 13.19 -18.20
N GLU A 539 -6.12 13.13 -18.41
CA GLU A 539 -7.02 14.07 -17.74
C GLU A 539 -8.44 13.55 -17.85
N PRO A 540 -9.33 14.01 -16.97
CA PRO A 540 -10.76 13.75 -17.18
C PRO A 540 -11.32 14.74 -18.18
N ILE A 541 -12.58 14.51 -18.56
CA ILE A 541 -13.32 15.37 -19.48
C ILE A 541 -13.05 16.84 -19.17
N VAL A 542 -12.76 17.63 -20.21
CA VAL A 542 -12.46 19.04 -20.01
C VAL A 542 -13.68 19.76 -19.46
N GLN A 543 -13.45 20.72 -18.55
CA GLN A 543 -14.53 21.45 -17.92
C GLN A 543 -14.59 22.91 -18.39
N SER A 544 -13.61 23.73 -18.03
CA SER A 544 -13.63 25.17 -18.28
C SER A 544 -13.15 25.49 -19.70
N LEU A 545 -13.31 26.77 -20.07
CA LEU A 545 -12.86 27.22 -21.37
C LEU A 545 -11.37 27.06 -21.50
N ASP A 546 -10.63 27.39 -20.44
CA ASP A 546 -9.20 27.15 -20.44
C ASP A 546 -8.89 25.67 -20.59
N ASP A 547 -9.68 24.82 -19.94
CA ASP A 547 -9.53 23.38 -20.12
C ASP A 547 -9.73 22.99 -21.59
N VAL A 548 -10.79 23.52 -22.20
CA VAL A 548 -11.10 23.18 -23.59
C VAL A 548 -9.96 23.59 -24.51
N VAL A 549 -9.46 24.81 -24.39
CA VAL A 549 -8.44 25.25 -25.33
C VAL A 549 -7.14 24.50 -25.11
N THR A 550 -6.77 24.31 -23.83
CA THR A 550 -5.57 23.53 -23.52
C THR A 550 -5.64 22.14 -24.14
N SER A 551 -6.81 21.50 -24.04
CA SER A 551 -6.92 20.17 -24.59
C SER A 551 -6.89 20.23 -26.11
N PHE A 552 -7.53 21.25 -26.70
CA PHE A 552 -7.47 21.41 -28.14
C PHE A 552 -6.04 21.57 -28.62
N LEU A 553 -5.27 22.45 -28.00
CA LEU A 553 -3.92 22.73 -28.47
C LEU A 553 -2.97 21.55 -28.26
N THR A 554 -3.19 20.73 -27.23
CA THR A 554 -2.30 19.62 -26.91
C THR A 554 -2.84 18.29 -27.41
N THR A 555 -3.83 18.32 -28.27
CA THR A 555 -4.34 17.15 -28.96
C THR A 555 -4.28 17.45 -30.45
N ASP A 556 -4.26 16.41 -31.28
CA ASP A 556 -4.27 16.63 -32.72
C ASP A 556 -5.72 16.65 -33.23
N LEU A 557 -6.43 17.69 -32.82
CA LEU A 557 -7.77 17.96 -33.31
C LEU A 557 -7.67 19.01 -34.42
N ASP A 558 -8.50 18.88 -35.45
CA ASP A 558 -8.40 19.77 -36.60
C ASP A 558 -8.93 21.16 -36.28
N VAL A 559 -10.05 21.24 -35.56
CA VAL A 559 -10.69 22.50 -35.26
C VAL A 559 -11.55 22.31 -34.02
N LEU A 560 -11.80 23.41 -33.31
CA LEU A 560 -12.53 23.40 -32.05
C LEU A 560 -13.75 24.31 -32.19
N VAL A 561 -14.94 23.77 -31.94
CA VAL A 561 -16.16 24.58 -31.88
C VAL A 561 -16.52 24.76 -30.42
N VAL A 562 -16.29 25.95 -29.88
CA VAL A 562 -16.65 26.27 -28.50
C VAL A 562 -17.62 27.43 -28.54
N GLU A 563 -18.84 27.20 -28.08
CA GLU A 563 -19.85 28.25 -27.90
C GLU A 563 -19.93 29.19 -29.11
N ASP A 564 -20.11 28.59 -30.29
CA ASP A 564 -20.34 29.26 -31.58
C ASP A 564 -19.09 29.93 -32.15
N CYS A 565 -17.91 29.69 -31.55
CA CYS A 565 -16.63 30.21 -32.03
C CYS A 565 -15.83 29.10 -32.69
N LEU A 566 -15.33 29.37 -33.90
CA LEU A 566 -14.45 28.47 -34.63
C LEU A 566 -13.00 28.79 -34.24
N VAL A 567 -12.34 27.84 -33.58
CA VAL A 567 -10.98 28.04 -33.08
C VAL A 567 -10.04 27.10 -33.82
N ARG A 568 -8.87 27.62 -34.16
CA ARG A 568 -7.88 26.84 -34.87
C ARG A 568 -6.51 27.17 -34.28
N GLY A 569 -5.59 26.21 -34.37
CA GLY A 569 -4.24 26.45 -33.93
C GLY A 569 -3.53 27.45 -34.85
N LYS A 570 -2.79 28.38 -34.23
CA LYS A 570 -1.92 29.25 -35.00
C LYS A 570 -0.75 28.46 -35.58
N ALA A 571 -0.24 28.96 -36.71
CA ALA A 571 0.90 28.37 -37.42
C ALA A 571 2.09 28.21 -36.48
N SER A 572 2.74 29.33 -36.14
CA SER A 572 3.78 29.34 -35.11
C SER A 572 3.15 29.89 -33.83
N PRO A 573 2.76 29.03 -32.89
CA PRO A 573 2.24 29.49 -31.60
C PRO A 573 3.35 30.05 -30.73
N ASP A 574 2.99 31.03 -29.90
CA ASP A 574 3.93 31.65 -28.96
C ASP A 574 3.69 31.10 -27.56
N LEU A 575 4.45 30.05 -27.19
CA LEU A 575 4.30 29.47 -25.86
C LEU A 575 4.70 30.44 -24.76
N GLY A 576 5.59 31.38 -25.06
CA GLY A 576 6.15 32.23 -24.01
C GLY A 576 5.15 33.12 -23.32
N VAL A 577 4.03 33.43 -23.98
CA VAL A 577 3.06 34.31 -23.34
C VAL A 577 2.23 33.60 -22.28
N LEU A 578 2.39 32.28 -22.13
CA LEU A 578 1.60 31.48 -21.18
C LEU A 578 2.23 31.56 -19.80
N VAL A 579 1.37 31.55 -18.78
CA VAL A 579 1.79 31.72 -17.39
C VAL A 579 1.79 30.35 -16.71
N PRO A 580 2.96 29.76 -16.43
CA PRO A 580 2.98 28.48 -15.74
C PRO A 580 2.43 28.61 -14.32
N ARG A 581 1.80 27.54 -13.84
CA ARG A 581 1.16 27.53 -12.54
C ARG A 581 1.22 26.10 -12.02
N PHE A 582 1.72 25.92 -10.80
CA PHE A 582 1.75 24.60 -10.17
C PHE A 582 0.34 24.14 -9.80
N ARG A 583 0.05 22.87 -10.06
CA ARG A 583 -1.14 22.28 -9.49
C ARG A 583 -0.91 22.02 -8.00
N PRO A 584 -1.98 21.99 -7.16
CA PRO A 584 -1.77 21.77 -5.72
C PRO A 584 -0.98 20.49 -5.46
N VAL A 585 -0.97 19.59 -6.45
CA VAL A 585 -0.28 18.31 -6.34
C VAL A 585 1.04 18.27 -7.10
N THR A 586 1.41 19.33 -7.82
CA THR A 586 2.70 19.35 -8.52
C THR A 586 3.86 19.36 -7.51
N ARG A 587 4.88 18.53 -7.77
CA ARG A 587 6.13 18.48 -7.01
C ARG A 587 7.31 18.50 -7.96
N LEU A 588 8.35 19.26 -7.62
CA LEU A 588 9.65 19.25 -8.30
C LEU A 588 10.67 18.58 -7.40
N VAL A 589 11.53 17.76 -7.98
CA VAL A 589 12.48 16.96 -7.20
C VAL A 589 13.83 16.90 -7.90
N GLU A 590 14.91 17.13 -7.13
CA GLU A 590 16.27 16.77 -7.50
C GLU A 590 16.71 15.62 -6.60
N ARG A 591 17.06 14.48 -7.20
CA ARG A 591 17.24 13.23 -6.48
C ARG A 591 18.61 12.63 -6.76
N ARG A 592 19.25 12.08 -5.74
CA ARG A 592 20.52 11.37 -5.86
C ARG A 592 20.41 10.05 -5.10
N THR A 593 20.60 8.94 -5.80
CA THR A 593 20.63 7.62 -5.16
C THR A 593 22.07 7.22 -4.81
N ALA A 594 22.29 5.95 -4.52
CA ALA A 594 23.67 5.55 -4.34
C ALA A 594 24.28 5.28 -5.72
N GLY A 595 25.60 5.36 -5.80
CA GLY A 595 26.29 5.16 -7.05
C GLY A 595 27.39 4.12 -6.90
N PRO A 596 28.23 3.95 -7.91
CA PRO A 596 29.35 3.01 -7.82
C PRO A 596 30.23 3.31 -6.61
N ASP A 597 30.55 2.25 -5.88
CA ASP A 597 31.49 2.33 -4.77
C ASP A 597 30.98 3.24 -3.65
N ALA A 598 29.70 3.04 -3.30
CA ALA A 598 29.01 3.76 -2.23
C ALA A 598 29.12 5.29 -2.41
N SER A 599 29.27 5.76 -3.66
CA SER A 599 29.26 7.19 -3.93
C SER A 599 27.83 7.71 -3.93
N ALA A 600 27.70 9.03 -4.11
CA ALA A 600 26.41 9.61 -4.47
C ALA A 600 26.22 9.42 -5.96
N GLY A 601 25.01 9.09 -6.35
CA GLY A 601 24.70 8.99 -7.76
C GLY A 601 24.73 10.36 -8.41
N ALA A 602 24.57 10.36 -9.73
CA ALA A 602 24.43 11.62 -10.45
C ALA A 602 23.02 12.17 -10.29
N LYS A 603 22.92 13.49 -10.11
CA LYS A 603 21.64 14.17 -10.04
C LYS A 603 20.71 13.74 -11.17
N THR A 604 19.42 13.65 -10.84
CA THR A 604 18.35 13.64 -11.84
C THR A 604 17.28 14.60 -11.37
N HIS A 605 16.38 14.95 -12.27
CA HIS A 605 15.33 15.93 -11.98
C HIS A 605 14.00 15.41 -12.49
N GLU A 606 13.01 15.35 -11.60
CA GLU A 606 11.67 14.87 -11.94
C GLU A 606 10.63 15.90 -11.54
N ILE A 607 9.54 15.92 -12.29
CA ILE A 607 8.29 16.52 -11.89
C ILE A 607 7.31 15.37 -11.68
N HIS A 608 6.51 15.44 -10.62
CA HIS A 608 5.53 14.38 -10.35
C HIS A 608 4.31 14.99 -9.67
N LEU A 609 3.18 14.28 -9.76
CA LEU A 609 1.94 14.68 -9.10
C LEU A 609 1.70 13.80 -7.88
N ASP A 610 1.44 14.44 -6.74
CA ASP A 610 1.48 13.80 -5.43
C ASP A 610 0.14 13.18 -5.03
N TYR A 611 -0.28 12.21 -5.83
CA TYR A 611 -1.40 11.37 -5.44
C TYR A 611 -1.08 9.96 -5.87
N ASP A 612 -1.83 9.01 -5.32
CA ASP A 612 -1.60 7.59 -5.58
C ASP A 612 -1.91 7.23 -7.03
N GLY A 613 -0.88 6.84 -7.76
CA GLY A 613 -1.03 6.58 -9.18
C GLY A 613 -0.77 7.76 -10.08
N GLY A 614 -0.18 8.84 -9.56
CA GLY A 614 0.12 10.00 -10.36
C GLY A 614 1.41 9.84 -11.13
N PRO A 615 1.49 10.49 -12.29
CA PRO A 615 2.62 10.28 -13.20
C PRO A 615 3.90 10.97 -12.74
N SER A 616 5.00 10.59 -13.40
CA SER A 616 6.32 11.16 -13.21
C SER A 616 6.94 11.42 -14.56
N ALA A 617 7.91 12.34 -14.60
CA ALA A 617 8.66 12.63 -15.81
C ALA A 617 10.01 13.22 -15.44
N LYS A 618 11.09 12.67 -15.99
CA LYS A 618 12.39 13.31 -15.89
C LYS A 618 12.33 14.66 -16.60
N VAL A 619 13.05 15.64 -16.05
CA VAL A 619 13.18 16.95 -16.69
C VAL A 619 14.65 17.34 -16.76
N SER A 620 14.98 18.19 -17.72
CA SER A 620 16.33 18.69 -17.86
C SER A 620 16.70 19.64 -16.73
N PRO A 621 17.99 19.77 -16.40
CA PRO A 621 18.41 20.78 -15.41
C PRO A 621 18.00 22.20 -15.73
N GLU A 622 17.98 22.59 -17.02
CA GLU A 622 17.54 23.93 -17.35
C GLU A 622 16.05 24.09 -17.08
N LEU A 623 15.24 23.10 -17.47
CA LEU A 623 13.82 23.15 -17.13
C LEU A 623 13.60 23.12 -15.63
N TYR A 624 14.38 22.33 -14.89
CA TYR A 624 14.20 22.28 -13.44
C TYR A 624 14.46 23.64 -12.80
N GLU A 625 15.46 24.37 -13.29
CA GLU A 625 15.75 25.69 -12.74
C GLU A 625 14.69 26.70 -13.16
N LEU A 626 14.17 26.59 -14.38
CA LEU A 626 13.07 27.44 -14.81
C LEU A 626 11.84 27.24 -13.91
N LEU A 627 11.39 25.97 -13.76
CA LEU A 627 10.18 25.67 -12.99
C LEU A 627 10.32 26.06 -11.53
N GLY A 628 11.52 26.03 -10.96
CA GLY A 628 11.68 26.46 -9.58
C GLY A 628 11.37 27.93 -9.36
N ALA A 629 11.32 28.72 -10.43
CA ALA A 629 11.08 30.16 -10.36
C ALA A 629 9.64 30.54 -10.57
N VAL A 630 8.75 29.56 -10.69
CA VAL A 630 7.35 29.81 -11.04
C VAL A 630 6.67 30.56 -9.89
N ASP A 631 6.11 31.71 -10.19
CA ASP A 631 5.37 32.48 -9.21
C ASP A 631 3.87 32.57 -9.50
N GLY A 632 3.38 31.92 -10.55
CA GLY A 632 1.98 31.99 -10.88
C GLY A 632 1.56 33.21 -11.66
N THR A 633 2.45 34.19 -11.83
CA THR A 633 2.12 35.39 -12.57
C THR A 633 3.06 35.68 -13.73
N THR A 634 4.38 35.54 -13.54
CA THR A 634 5.33 35.69 -14.64
C THR A 634 5.01 34.72 -15.77
N THR A 635 5.14 35.19 -17.02
CA THR A 635 4.96 34.33 -18.18
C THR A 635 6.18 33.45 -18.38
N LEU A 636 5.98 32.37 -19.16
CA LEU A 636 7.04 31.42 -19.43
C LEU A 636 8.22 32.08 -20.12
N GLY A 637 7.95 33.11 -20.94
CA GLY A 637 9.02 33.78 -21.66
C GLY A 637 9.96 34.54 -20.75
N ASP A 638 9.43 35.22 -19.74
CA ASP A 638 10.29 35.94 -18.82
C ASP A 638 10.96 35.00 -17.83
N LEU A 639 10.31 33.89 -17.49
CA LEU A 639 10.95 32.89 -16.65
C LEU A 639 12.16 32.31 -17.35
N ALA A 640 12.07 32.12 -18.67
CA ALA A 640 13.15 31.48 -19.39
C ALA A 640 14.42 32.32 -19.40
N LYS A 641 14.29 33.65 -19.25
CA LYS A 641 15.45 34.52 -19.19
C LYS A 641 16.53 33.99 -18.25
N THR A 642 16.15 33.59 -17.04
CA THR A 642 17.10 33.10 -16.06
C THR A 642 17.85 31.83 -16.48
N VAL A 643 17.52 31.26 -17.63
CA VAL A 643 18.30 30.13 -18.13
C VAL A 643 18.63 30.39 -19.60
N GLY A 644 18.73 31.67 -19.96
CA GLY A 644 19.12 32.06 -21.30
C GLY A 644 18.03 31.86 -22.33
N GLY A 645 16.83 32.32 -22.01
CA GLY A 645 15.75 32.43 -22.98
C GLY A 645 15.10 31.14 -23.41
N LEU A 646 13.85 31.25 -23.88
CA LEU A 646 13.04 30.10 -24.27
C LEU A 646 13.57 29.49 -25.56
N SER A 647 14.60 28.67 -25.43
CA SER A 647 15.11 28.00 -26.60
C SER A 647 14.01 27.12 -27.16
N ASP A 648 14.19 26.68 -28.41
CA ASP A 648 13.28 25.71 -28.97
C ASP A 648 13.35 24.39 -28.22
N ALA A 649 14.53 24.06 -27.67
CA ALA A 649 14.65 22.87 -26.82
C ALA A 649 13.71 22.97 -25.63
N LEU A 650 13.67 24.14 -24.99
CA LEU A 650 12.90 24.31 -23.76
C LEU A 650 11.40 24.32 -24.04
N ALA A 651 10.98 25.04 -25.08
CA ALA A 651 9.56 25.06 -25.43
C ALA A 651 9.02 23.64 -25.64
N THR A 652 9.75 22.82 -26.42
CA THR A 652 9.32 21.45 -26.66
C THR A 652 9.19 20.65 -25.38
N GLU A 653 10.12 20.87 -24.43
CA GLU A 653 10.04 20.13 -23.17
C GLU A 653 8.85 20.59 -22.35
N VAL A 654 8.69 21.90 -22.22
CA VAL A 654 7.51 22.43 -21.54
C VAL A 654 6.26 21.88 -22.20
N PHE A 655 6.20 21.91 -23.53
CA PHE A 655 4.99 21.48 -24.21
C PHE A 655 4.61 20.06 -23.84
N ALA A 656 5.58 19.15 -23.79
CA ALA A 656 5.29 17.77 -23.45
C ALA A 656 4.85 17.64 -21.98
N LEU A 657 5.48 18.42 -21.09
CA LEU A 657 4.96 18.45 -19.72
C LEU A 657 3.53 18.95 -19.70
N TRP A 658 3.22 19.93 -20.56
CA TRP A 658 1.87 20.47 -20.61
C TRP A 658 0.89 19.39 -21.04
N GLU A 659 1.27 18.57 -22.02
CA GLU A 659 0.41 17.51 -22.53
C GLU A 659 0.05 16.51 -21.43
N GLN A 660 1.02 16.16 -20.60
CA GLN A 660 0.74 15.25 -19.51
C GLN A 660 0.17 15.94 -18.28
N ARG A 661 -0.01 17.27 -18.33
CA ARG A 661 -0.75 18.04 -17.33
C ARG A 661 -0.03 18.14 -15.98
N PHE A 662 1.30 18.07 -15.97
CA PHE A 662 2.04 18.25 -14.73
C PHE A 662 1.90 19.65 -14.14
N LEU A 663 1.49 20.63 -14.94
CA LEU A 663 1.22 21.97 -14.43
C LEU A 663 0.37 22.73 -15.42
N THR A 664 -0.35 23.72 -14.92
CA THR A 664 -1.21 24.54 -15.77
C THR A 664 -0.40 25.52 -16.60
N LEU A 665 -0.64 25.54 -17.90
CA LEU A 665 -0.22 26.61 -18.79
C LEU A 665 -1.45 27.28 -19.36
N ALA A 666 -1.59 28.58 -19.14
CA ALA A 666 -2.72 29.32 -19.70
C ALA A 666 -2.39 30.81 -19.59
N PRO A 667 -2.96 31.63 -20.48
CA PRO A 667 -2.60 33.06 -20.48
C PRO A 667 -2.87 33.72 -19.13
N ALA A 668 -2.25 34.89 -18.96
CA ALA A 668 -2.40 35.63 -17.72
C ALA A 668 -3.89 35.92 -17.47
N GLY A 669 -4.26 35.88 -16.20
CA GLY A 669 -5.64 36.12 -15.84
C GLY A 669 -6.49 34.86 -15.95
N ASP A 670 -7.79 35.09 -15.96
CA ASP A 670 -8.75 34.00 -16.03
C ASP A 670 -10.04 34.55 -16.60
N ILE A 671 -11.00 33.66 -16.83
CA ILE A 671 -12.26 34.06 -17.42
C ILE A 671 -13.15 34.81 -16.42
N GLY A 672 -12.96 34.59 -15.11
CA GLY A 672 -13.75 35.28 -14.11
C GLY A 672 -14.96 34.49 -13.67
N PRO A 673 -15.80 35.08 -12.82
CA PRO A 673 -17.05 34.40 -12.43
C PRO A 673 -17.93 34.17 -13.64
N LEU A 674 -18.81 33.17 -13.53
CA LEU A 674 -19.59 32.78 -14.68
C LEU A 674 -20.98 33.39 -14.68
N MET B 1 27.06 -33.83 3.58
CA MET B 1 26.24 -33.00 2.71
C MET B 1 26.07 -31.53 3.19
N LEU B 2 26.16 -30.59 2.23
CA LEU B 2 26.19 -29.15 2.48
C LEU B 2 24.90 -28.48 2.00
N VAL B 3 24.04 -28.08 2.93
CA VAL B 3 22.74 -27.53 2.54
C VAL B 3 22.61 -26.10 3.01
N LEU B 4 22.24 -25.22 2.09
CA LEU B 4 21.93 -23.82 2.37
C LEU B 4 20.43 -23.64 2.55
N GLY B 5 20.05 -22.92 3.61
CA GLY B 5 18.65 -22.58 3.83
C GLY B 5 18.37 -21.10 3.64
N LEU B 6 17.41 -20.75 2.78
CA LEU B 6 17.06 -19.37 2.44
C LEU B 6 15.67 -19.00 2.97
N ASN B 7 15.50 -17.72 3.32
CA ASN B 7 14.18 -17.15 3.59
C ASN B 7 14.22 -15.65 3.35
N GLY B 8 13.05 -15.08 3.06
CA GLY B 8 12.92 -13.69 2.71
C GLY B 8 12.58 -13.51 1.24
N ASN B 9 12.44 -12.24 0.85
CA ASN B 9 12.03 -11.88 -0.50
C ASN B 9 13.24 -11.84 -1.42
N PHE B 10 13.14 -11.17 -2.57
CA PHE B 10 14.18 -11.28 -3.60
C PHE B 10 14.70 -9.93 -4.06
N SER B 11 14.38 -8.86 -3.34
CA SER B 11 14.87 -7.53 -3.65
C SER B 11 16.40 -7.48 -3.62
N ALA B 12 16.97 -6.62 -4.45
CA ALA B 12 18.39 -6.35 -4.48
C ALA B 12 18.72 -5.33 -3.38
N ALA B 13 19.97 -4.86 -3.35
CA ALA B 13 20.39 -3.92 -2.32
C ALA B 13 19.66 -2.59 -2.44
N ASP B 14 19.64 -2.00 -3.63
CA ASP B 14 19.18 -0.62 -3.81
C ASP B 14 17.70 -0.49 -4.21
N THR B 15 17.02 -1.57 -4.62
CA THR B 15 15.61 -1.50 -5.00
C THR B 15 14.86 -2.71 -4.45
N ASP B 16 13.53 -2.67 -4.56
CA ASP B 16 12.69 -3.78 -4.15
C ASP B 16 12.00 -4.39 -5.39
N VAL B 17 11.55 -5.65 -5.26
CA VAL B 17 10.94 -6.33 -6.42
C VAL B 17 9.82 -5.47 -7.01
N VAL B 18 9.04 -4.85 -6.15
CA VAL B 18 8.06 -3.84 -6.56
C VAL B 18 8.33 -2.61 -5.71
N PRO B 19 8.05 -1.41 -6.21
CA PRO B 19 8.42 -0.19 -5.49
C PRO B 19 7.80 -0.12 -4.11
N GLN B 20 8.60 0.29 -3.13
CA GLN B 20 8.17 0.47 -1.76
C GLN B 20 7.45 -0.78 -1.22
N LEU B 21 7.87 -1.96 -1.70
CA LEU B 21 7.42 -3.27 -1.26
C LEU B 21 7.18 -3.30 0.24
N GLY B 22 5.97 -3.69 0.63
CA GLY B 22 5.61 -3.75 2.03
C GLY B 22 6.61 -4.48 2.90
N GLU B 23 6.82 -4.00 4.13
CA GLU B 23 7.79 -4.61 5.05
C GLU B 23 7.34 -5.97 5.60
N VAL B 24 6.10 -6.40 5.36
CA VAL B 24 5.63 -7.72 5.80
C VAL B 24 5.74 -8.77 4.71
N PHE B 25 6.27 -8.43 3.52
CA PHE B 25 6.28 -9.36 2.39
C PHE B 25 7.60 -10.14 2.41
N PHE B 26 7.60 -11.17 3.27
CA PHE B 26 8.68 -12.16 3.43
C PHE B 26 9.90 -11.50 4.05
N HIS B 27 9.75 -11.22 5.32
CA HIS B 27 10.64 -10.46 6.17
C HIS B 27 11.65 -11.37 6.87
N ASP B 28 12.60 -10.73 7.58
CA ASP B 28 13.64 -11.40 8.35
C ASP B 28 14.51 -12.29 7.47
N SER B 29 14.81 -11.81 6.26
CA SER B 29 15.74 -12.45 5.35
C SER B 29 16.97 -12.97 6.09
N ALA B 30 17.40 -14.15 5.69
CA ALA B 30 18.52 -14.81 6.35
C ALA B 30 19.00 -15.97 5.48
N ALA B 31 20.15 -16.50 5.85
CA ALA B 31 20.70 -17.68 5.20
C ALA B 31 21.38 -18.51 6.27
N SER B 32 21.21 -19.82 6.18
CA SER B 32 21.84 -20.75 7.09
C SER B 32 22.55 -21.85 6.30
N LEU B 33 23.60 -22.39 6.89
CA LEU B 33 24.35 -23.48 6.29
C LEU B 33 24.35 -24.66 7.25
N ILE B 34 24.02 -25.82 6.71
N ILE B 34 23.96 -25.82 6.75
CA ILE B 34 24.12 -27.10 7.41
CA ILE B 34 24.13 -27.07 7.49
C ILE B 34 25.15 -27.96 6.70
C ILE B 34 25.12 -27.95 6.73
N ARG B 35 25.99 -28.61 7.48
CA ARG B 35 26.95 -29.59 6.96
C ARG B 35 26.82 -30.85 7.82
N ASP B 36 26.64 -31.99 7.17
CA ASP B 36 26.50 -33.27 7.85
C ASP B 36 25.56 -33.14 9.04
N GLY B 37 24.44 -32.45 8.85
CA GLY B 37 23.43 -32.30 9.87
C GLY B 37 23.65 -31.22 10.90
N GLU B 38 24.77 -30.52 10.87
CA GLU B 38 25.09 -29.54 11.91
C GLU B 38 24.91 -28.13 11.37
N LEU B 39 24.38 -27.24 12.21
CA LEU B 39 24.23 -25.84 11.85
C LEU B 39 25.61 -25.20 11.97
N VAL B 40 26.29 -24.99 10.85
CA VAL B 40 27.63 -24.43 10.93
C VAL B 40 27.61 -22.90 11.04
N ALA B 41 26.61 -22.25 10.43
CA ALA B 41 26.62 -20.80 10.29
C ALA B 41 25.21 -20.31 9.96
N ALA B 42 24.85 -19.17 10.53
CA ALA B 42 23.56 -18.56 10.24
C ALA B 42 23.63 -17.08 10.61
N VAL B 43 23.20 -16.23 9.69
CA VAL B 43 23.17 -14.81 9.91
C VAL B 43 21.90 -14.27 9.26
N GLU B 44 21.15 -13.46 9.99
CA GLU B 44 20.07 -12.69 9.36
C GLU B 44 20.64 -11.54 8.54
N GLU B 45 20.03 -11.30 7.37
CA GLU B 45 20.53 -10.25 6.48
C GLU B 45 20.43 -8.87 7.10
N GLU B 46 19.58 -8.71 8.13
CA GLU B 46 19.45 -7.41 8.77
C GLU B 46 20.79 -6.94 9.36
N ARG B 47 21.59 -7.86 9.91
CA ARG B 47 22.89 -7.50 10.48
C ARG B 47 23.84 -6.93 9.42
N LEU B 48 23.73 -7.41 8.18
CA LEU B 48 24.69 -7.05 7.15
C LEU B 48 24.24 -5.86 6.31
N ASN B 49 22.94 -5.75 6.00
CA ASN B 49 22.49 -4.57 5.26
C ASN B 49 21.93 -3.50 6.18
N ARG B 50 21.82 -3.79 7.48
CA ARG B 50 21.57 -2.80 8.52
C ARG B 50 20.13 -2.30 8.50
N ILE B 51 19.18 -3.12 8.04
CA ILE B 51 17.77 -2.75 7.99
C ILE B 51 17.01 -3.75 8.86
N LYS B 52 16.45 -3.28 9.98
CA LYS B 52 15.70 -4.15 10.89
C LYS B 52 14.72 -5.02 10.10
N LYS B 53 14.83 -6.34 10.26
CA LYS B 53 13.84 -7.30 9.77
C LYS B 53 13.64 -7.18 8.25
N THR B 54 14.73 -6.91 7.54
CA THR B 54 14.67 -6.65 6.11
C THR B 54 13.98 -7.78 5.34
N THR B 55 13.42 -7.40 4.21
CA THR B 55 12.80 -8.32 3.27
C THR B 55 13.72 -8.65 2.10
N LYS B 56 14.91 -8.06 2.04
CA LYS B 56 15.70 -8.11 0.83
C LYS B 56 16.41 -9.46 0.68
N PHE B 57 16.76 -9.81 -0.56
CA PHE B 57 17.41 -11.11 -0.78
C PHE B 57 18.66 -11.22 0.07
N PRO B 58 18.86 -12.32 0.82
CA PRO B 58 19.92 -12.42 1.81
C PRO B 58 21.29 -12.75 1.22
N LEU B 59 21.64 -12.03 0.15
CA LEU B 59 22.86 -12.35 -0.59
C LEU B 59 24.09 -12.23 0.29
N ASN B 60 24.21 -11.13 1.04
CA ASN B 60 25.35 -10.97 1.94
C ASN B 60 25.36 -12.06 2.98
N ALA B 61 24.18 -12.45 3.48
CA ALA B 61 24.11 -13.54 4.44
C ALA B 61 24.71 -14.80 3.86
N VAL B 62 24.50 -15.05 2.57
CA VAL B 62 25.02 -16.25 1.95
C VAL B 62 26.52 -16.17 1.75
N ARG B 63 27.02 -15.02 1.27
CA ARG B 63 28.47 -14.86 1.17
C ARG B 63 29.13 -15.09 2.54
N GLU B 64 28.51 -14.58 3.62
CA GLU B 64 29.12 -14.71 4.94
C GLU B 64 29.12 -16.15 5.42
N CYS B 65 28.04 -16.89 5.12
CA CYS B 65 27.91 -18.28 5.55
C CYS B 65 28.83 -19.21 4.79
N LEU B 66 28.97 -19.02 3.48
CA LEU B 66 29.89 -19.83 2.69
C LEU B 66 31.32 -19.66 3.19
N ALA B 67 31.74 -18.40 3.41
CA ALA B 67 33.11 -18.13 3.87
C ALA B 67 33.35 -18.69 5.28
N LEU B 68 32.33 -18.65 6.13
CA LEU B 68 32.43 -19.22 7.46
C LEU B 68 32.64 -20.74 7.43
N ALA B 69 32.29 -21.39 6.32
CA ALA B 69 32.44 -22.83 6.21
C ALA B 69 33.58 -23.21 5.25
N GLY B 70 34.31 -22.23 4.72
CA GLY B 70 35.38 -22.50 3.78
C GLY B 70 34.87 -23.17 2.54
N ALA B 71 33.85 -22.60 1.91
CA ALA B 71 33.16 -23.27 0.82
C ALA B 71 32.93 -22.33 -0.35
N ARG B 72 33.29 -22.78 -1.54
CA ARG B 72 32.77 -22.16 -2.74
C ARG B 72 31.25 -22.22 -2.73
N PRO B 73 30.59 -21.43 -3.59
CA PRO B 73 29.16 -21.68 -3.83
C PRO B 73 28.90 -23.02 -4.49
N GLU B 74 29.74 -23.39 -5.47
CA GLU B 74 29.57 -24.63 -6.21
C GLU B 74 29.64 -25.85 -5.29
N ASP B 75 30.21 -25.71 -4.10
CA ASP B 75 30.29 -26.82 -3.18
C ASP B 75 28.94 -27.27 -2.61
N VAL B 76 27.91 -26.42 -2.69
CA VAL B 76 26.67 -26.64 -1.95
C VAL B 76 25.81 -27.67 -2.66
N ASP B 77 25.28 -28.63 -1.90
CA ASP B 77 24.56 -29.74 -2.49
C ASP B 77 23.07 -29.45 -2.70
N ALA B 78 22.45 -28.64 -1.84
CA ALA B 78 21.06 -28.26 -2.06
C ALA B 78 20.78 -26.94 -1.36
N VAL B 79 19.81 -26.20 -1.92
CA VAL B 79 19.26 -24.98 -1.34
C VAL B 79 17.79 -25.21 -1.01
N GLY B 80 17.38 -24.80 0.20
CA GLY B 80 16.00 -24.96 0.63
C GLY B 80 15.31 -23.66 0.97
N TYR B 81 14.16 -23.36 0.35
CA TYR B 81 13.45 -22.12 0.54
C TYR B 81 12.20 -22.34 1.38
N TYR B 82 11.94 -21.43 2.32
CA TYR B 82 11.06 -21.72 3.45
C TYR B 82 9.56 -21.69 3.14
N PHE B 83 9.18 -21.71 1.86
CA PHE B 83 7.79 -21.66 1.44
C PHE B 83 7.61 -22.52 0.20
N PRO B 84 6.42 -23.09 -0.01
CA PRO B 84 6.17 -23.80 -1.27
C PRO B 84 6.27 -22.87 -2.47
N GLU B 85 6.73 -23.43 -3.60
CA GLU B 85 6.93 -22.66 -4.83
C GLU B 85 5.65 -21.95 -5.26
N ASN B 86 4.54 -22.70 -5.37
CA ASN B 86 3.34 -22.07 -5.92
C ASN B 86 2.82 -20.98 -4.99
N HIS B 87 3.13 -21.06 -3.69
CA HIS B 87 2.63 -20.01 -2.81
C HIS B 87 3.43 -18.72 -3.02
N ILE B 88 4.75 -18.79 -2.97
CA ILE B 88 5.53 -17.57 -3.14
C ILE B 88 5.32 -17.01 -4.54
N ASP B 89 5.18 -17.89 -5.52
CA ASP B 89 4.97 -17.40 -6.86
C ASP B 89 3.58 -16.77 -7.03
N THR B 90 2.57 -17.27 -6.31
CA THR B 90 1.25 -16.63 -6.36
C THR B 90 1.25 -15.27 -5.67
N VAL B 91 1.98 -15.13 -4.56
CA VAL B 91 2.08 -13.81 -3.94
C VAL B 91 2.84 -12.85 -4.84
N LEU B 92 3.95 -13.32 -5.45
CA LEU B 92 4.69 -12.50 -6.41
C LEU B 92 3.81 -12.11 -7.58
N ASN B 93 3.01 -13.05 -8.07
CA ASN B 93 2.09 -12.77 -9.16
C ASN B 93 1.12 -11.66 -8.78
N HIS B 94 0.63 -11.68 -7.55
CA HIS B 94 -0.30 -10.64 -7.11
C HIS B 94 0.38 -9.28 -7.04
N LEU B 95 1.60 -9.24 -6.49
CA LEU B 95 2.37 -8.00 -6.53
C LEU B 95 2.54 -7.52 -7.97
N TYR B 96 2.84 -8.44 -8.88
CA TYR B 96 3.04 -8.01 -10.26
C TYR B 96 1.75 -7.48 -10.92
N THR B 97 0.58 -7.97 -10.50
CA THR B 97 -0.64 -7.45 -11.14
C THR B 97 -0.96 -6.04 -10.65
N GLU B 98 -0.51 -5.67 -9.45
CA GLU B 98 -0.71 -4.30 -8.96
C GLU B 98 0.36 -3.34 -9.44
N TYR B 99 1.49 -3.85 -9.95
CA TYR B 99 2.54 -3.02 -10.52
C TYR B 99 2.79 -3.53 -11.94
N PRO B 100 1.97 -3.11 -12.91
CA PRO B 100 2.08 -3.69 -14.26
C PRO B 100 3.40 -3.42 -14.95
N ARG B 101 4.28 -2.57 -14.40
CA ARG B 101 5.58 -2.32 -15.00
C ARG B 101 6.65 -3.31 -14.54
N ALA B 102 6.41 -4.05 -13.45
CA ALA B 102 7.42 -4.99 -12.95
C ALA B 102 7.55 -6.18 -13.89
N PRO B 103 8.76 -6.60 -14.26
CA PRO B 103 8.89 -7.77 -15.13
C PRO B 103 8.42 -9.03 -14.40
N LEU B 104 7.91 -9.98 -15.18
CA LEU B 104 7.36 -11.20 -14.60
C LEU B 104 8.49 -12.19 -14.32
N ARG B 105 9.11 -12.05 -13.15
CA ARG B 105 10.14 -12.95 -12.68
C ARG B 105 9.65 -13.63 -11.41
N TYR B 106 9.61 -14.96 -11.40
CA TYR B 106 9.17 -15.65 -10.19
C TYR B 106 10.38 -16.19 -9.42
N SER B 107 10.09 -16.87 -8.31
CA SER B 107 11.11 -17.11 -7.28
C SER B 107 12.27 -17.95 -7.80
N ARG B 108 11.99 -18.99 -8.58
CA ARG B 108 13.08 -19.83 -9.07
C ARG B 108 14.03 -19.01 -9.95
N GLU B 109 13.49 -18.22 -10.89
CA GLU B 109 14.35 -17.34 -11.67
C GLU B 109 15.04 -16.31 -10.77
N LEU B 110 14.28 -15.66 -9.89
CA LEU B 110 14.88 -14.62 -9.07
C LEU B 110 15.98 -15.18 -8.16
N ILE B 111 15.77 -16.35 -7.57
CA ILE B 111 16.80 -16.94 -6.73
C ILE B 111 18.04 -17.23 -7.55
N ARG B 112 17.88 -17.87 -8.71
CA ARG B 112 19.06 -18.16 -9.52
C ARG B 112 19.77 -16.88 -9.94
N GLN B 113 19.00 -15.83 -10.23
CA GLN B 113 19.63 -14.61 -10.73
C GLN B 113 20.40 -13.90 -9.63
N ARG B 114 19.87 -13.88 -8.42
CA ARG B 114 20.59 -13.24 -7.33
C ARG B 114 21.90 -13.97 -7.04
N LEU B 115 21.91 -15.28 -7.25
CA LEU B 115 23.12 -16.05 -6.95
C LEU B 115 24.11 -16.01 -8.11
N LYS B 116 23.63 -16.16 -9.36
CA LYS B 116 24.52 -16.05 -10.50
C LYS B 116 25.18 -14.69 -10.54
N GLU B 117 24.44 -13.63 -10.23
CA GLU B 117 25.04 -12.30 -10.29
C GLU B 117 25.89 -12.03 -9.06
N GLY B 118 25.39 -12.38 -7.88
CA GLY B 118 25.98 -11.92 -6.64
C GLY B 118 27.12 -12.79 -6.16
N LEU B 119 27.17 -14.04 -6.62
CA LEU B 119 28.25 -14.96 -6.25
C LEU B 119 28.79 -15.75 -7.43
N GLY B 120 28.40 -15.42 -8.65
CA GLY B 120 28.86 -16.16 -9.80
C GLY B 120 28.49 -17.62 -9.69
N TRP B 121 27.33 -17.91 -9.11
CA TRP B 121 26.90 -19.26 -8.79
C TRP B 121 25.77 -19.67 -9.74
N ASP B 122 26.11 -20.52 -10.70
CA ASP B 122 25.21 -21.03 -11.72
C ASP B 122 24.39 -22.17 -11.11
N LEU B 123 23.33 -21.83 -10.37
CA LEU B 123 22.60 -22.84 -9.58
C LEU B 123 21.71 -23.75 -10.44
N PRO B 124 22.01 -25.05 -10.50
CA PRO B 124 21.17 -25.96 -11.30
C PRO B 124 19.81 -26.15 -10.66
N ASP B 125 18.78 -26.24 -11.51
CA ASP B 125 17.41 -26.35 -11.00
C ASP B 125 17.22 -27.53 -10.05
N GLU B 126 17.98 -28.62 -10.24
CA GLU B 126 17.77 -29.85 -9.48
C GLU B 126 17.94 -29.63 -7.98
N LYS B 127 18.72 -28.62 -7.59
CA LYS B 127 19.20 -28.40 -6.24
C LYS B 127 18.30 -27.49 -5.40
N LEU B 128 17.28 -26.90 -6.01
CA LEU B 128 16.42 -25.91 -5.34
C LEU B 128 15.14 -26.60 -4.84
N VAL B 129 14.96 -26.66 -3.52
CA VAL B 129 13.88 -27.44 -2.92
C VAL B 129 12.99 -26.51 -2.09
N TYR B 130 11.74 -26.35 -2.52
CA TYR B 130 10.83 -25.53 -1.73
C TYR B 130 10.15 -26.40 -0.69
N VAL B 131 9.77 -25.77 0.43
CA VAL B 131 9.46 -26.50 1.64
C VAL B 131 8.16 -25.97 2.24
N PRO B 132 7.29 -26.83 2.77
CA PRO B 132 6.14 -26.33 3.55
C PRO B 132 6.60 -25.47 4.72
N HIS B 133 6.04 -24.26 4.81
CA HIS B 133 6.53 -23.29 5.79
C HIS B 133 6.48 -23.84 7.20
N HIS B 134 5.34 -24.38 7.61
CA HIS B 134 5.31 -24.79 9.00
C HIS B 134 6.16 -26.03 9.22
N GLU B 135 6.46 -26.77 8.16
CA GLU B 135 7.39 -27.87 8.29
C GLU B 135 8.80 -27.35 8.57
N ALA B 136 9.22 -26.32 7.83
CA ALA B 136 10.50 -25.66 8.10
C ALA B 136 10.64 -25.26 9.57
N HIS B 137 9.65 -24.55 10.11
CA HIS B 137 9.67 -24.13 11.50
C HIS B 137 9.89 -25.30 12.44
N ALA B 138 9.12 -26.38 12.22
CA ALA B 138 9.14 -27.52 13.12
C ALA B 138 10.50 -28.20 13.16
N TYR B 139 11.07 -28.47 11.97
CA TYR B 139 12.41 -29.03 11.91
C TYR B 139 13.40 -28.19 12.73
N SER B 140 13.42 -26.87 12.49
CA SER B 140 14.32 -25.98 13.23
C SER B 140 14.10 -26.12 14.73
N SER B 141 12.85 -25.96 15.18
CA SER B 141 12.57 -26.04 16.61
C SER B 141 12.89 -27.40 17.20
N TYR B 142 12.68 -28.50 16.45
CA TYR B 142 12.82 -29.81 17.07
C TYR B 142 14.22 -30.43 16.96
N LEU B 143 14.91 -30.28 15.83
CA LEU B 143 16.21 -30.92 15.74
C LEU B 143 17.23 -30.30 16.68
N HIS B 144 17.03 -29.07 17.14
CA HIS B 144 18.01 -28.48 18.04
C HIS B 144 17.63 -28.63 19.51
N SER B 145 16.50 -29.23 19.79
CA SER B 145 16.10 -29.41 21.19
C SER B 145 16.92 -30.48 21.90
N GLY B 146 17.66 -31.32 21.16
CA GLY B 146 18.32 -32.46 21.75
C GLY B 146 17.34 -33.47 22.29
N MET B 147 16.05 -33.25 22.05
CA MET B 147 15.04 -34.24 22.35
C MET B 147 14.98 -35.31 21.26
N ASP B 148 14.62 -36.52 21.67
CA ASP B 148 14.54 -37.62 20.71
C ASP B 148 13.11 -37.90 20.25
N SER B 149 12.12 -37.41 20.98
CA SER B 149 10.75 -37.30 20.49
C SER B 149 10.06 -36.17 21.23
N ALA B 150 9.13 -35.49 20.56
CA ALA B 150 8.40 -34.41 21.22
C ALA B 150 7.14 -34.08 20.46
N LEU B 151 6.22 -33.44 21.17
CA LEU B 151 5.10 -32.72 20.57
C LEU B 151 5.61 -31.38 20.03
N VAL B 152 5.46 -31.14 18.74
CA VAL B 152 5.90 -29.89 18.13
C VAL B 152 4.69 -29.00 17.84
N LEU B 153 4.71 -27.76 18.35
CA LEU B 153 3.68 -26.76 18.06
C LEU B 153 4.28 -25.57 17.30
N VAL B 154 3.73 -25.25 16.14
CA VAL B 154 4.12 -24.06 15.38
C VAL B 154 2.94 -23.09 15.34
N LEU B 155 3.18 -21.85 15.79
CA LEU B 155 2.21 -20.76 15.71
C LEU B 155 2.93 -19.51 15.19
N ASP B 156 2.43 -18.94 14.10
CA ASP B 156 3.00 -17.68 13.55
C ASP B 156 1.84 -16.86 13.02
N GLY B 157 2.14 -15.90 12.14
CA GLY B 157 1.08 -15.21 11.44
C GLY B 157 0.39 -16.10 10.43
N ARG B 158 1.17 -16.72 9.55
CA ARG B 158 0.64 -17.67 8.58
C ARG B 158 1.77 -18.25 7.75
N GLY B 159 1.61 -19.51 7.38
CA GLY B 159 2.36 -20.12 6.29
C GLY B 159 1.53 -20.10 5.02
N GLU B 160 1.79 -21.09 4.16
CA GLU B 160 1.05 -21.14 2.89
C GLU B 160 -0.43 -21.41 3.11
N LEU B 161 -0.76 -22.25 4.10
CA LEU B 161 -2.15 -22.67 4.28
C LEU B 161 -2.63 -22.59 5.72
N HIS B 162 -1.76 -22.43 6.70
CA HIS B 162 -2.17 -22.48 8.09
C HIS B 162 -1.50 -21.37 8.88
N SER B 163 -2.06 -21.11 10.06
CA SER B 163 -1.50 -20.20 11.05
C SER B 163 -0.99 -20.93 12.29
N GLY B 164 -1.24 -22.24 12.37
CA GLY B 164 -0.79 -23.07 13.47
C GLY B 164 -0.73 -24.51 13.01
N THR B 165 0.34 -25.23 13.36
CA THR B 165 0.38 -26.65 13.02
C THR B 165 0.92 -27.43 14.21
N VAL B 166 0.38 -28.63 14.41
CA VAL B 166 0.78 -29.53 15.49
C VAL B 166 1.43 -30.77 14.88
N TYR B 167 2.64 -31.09 15.34
CA TYR B 167 3.41 -32.23 14.85
C TYR B 167 3.74 -33.21 15.97
N ARG B 168 3.90 -34.48 15.60
CA ARG B 168 4.60 -35.44 16.43
C ARG B 168 5.95 -35.71 15.80
N ALA B 169 7.01 -35.68 16.60
CA ALA B 169 8.36 -35.81 16.11
C ALA B 169 9.04 -36.96 16.83
N GLU B 170 9.63 -37.90 16.06
CA GLU B 170 10.34 -39.07 16.59
C GLU B 170 11.62 -39.22 15.77
N GLY B 171 12.76 -38.99 16.42
CA GLY B 171 14.03 -39.00 15.72
C GLY B 171 14.12 -37.97 14.61
N THR B 172 13.88 -38.39 13.36
CA THR B 172 13.94 -37.47 12.24
C THR B 172 12.61 -37.41 11.53
N ARG B 173 11.59 -38.08 12.07
CA ARG B 173 10.30 -38.20 11.43
C ARG B 173 9.37 -37.12 11.97
N LEU B 174 8.82 -36.33 11.05
CA LEU B 174 7.80 -35.34 11.37
C LEU B 174 6.47 -35.92 10.92
N GLU B 175 5.50 -35.97 11.83
CA GLU B 175 4.15 -36.44 11.50
C GLU B 175 3.16 -35.38 11.93
N LYS B 176 2.29 -34.98 11.01
CA LYS B 176 1.39 -33.86 11.26
C LYS B 176 0.15 -34.32 12.03
N LEU B 177 -0.20 -33.58 13.08
CA LEU B 177 -1.35 -33.96 13.87
C LEU B 177 -2.57 -33.07 13.66
N ALA B 178 -2.38 -31.81 13.29
CA ALA B 178 -3.48 -30.85 13.31
C ALA B 178 -3.00 -29.56 12.68
N ASP B 179 -3.97 -28.78 12.18
CA ASP B 179 -3.69 -27.46 11.65
C ASP B 179 -4.80 -26.51 12.08
N TYR B 180 -4.53 -25.22 11.91
CA TYR B 180 -5.49 -24.16 12.17
C TYR B 180 -5.42 -23.22 10.98
N PRO B 181 -6.56 -22.84 10.40
CA PRO B 181 -6.52 -22.11 9.13
C PRO B 181 -6.06 -20.67 9.33
N VAL B 182 -5.70 -20.05 8.21
CA VAL B 182 -5.09 -18.72 8.27
C VAL B 182 -5.94 -17.72 9.04
N PRO B 183 -7.24 -17.60 8.80
CA PRO B 183 -8.03 -16.61 9.56
C PRO B 183 -8.13 -16.84 11.07
N LYS B 184 -7.53 -17.89 11.63
CA LYS B 184 -7.44 -18.02 13.09
C LYS B 184 -6.09 -17.57 13.63
N SER B 185 -5.35 -16.78 12.86
CA SER B 185 -3.98 -16.47 13.20
C SER B 185 -3.91 -15.69 14.50
N LEU B 186 -3.04 -16.16 15.40
CA LEU B 186 -2.77 -15.46 16.65
C LEU B 186 -1.65 -14.46 16.49
N GLY B 187 -0.66 -14.77 15.65
CA GLY B 187 0.24 -13.73 15.20
C GLY B 187 -0.52 -12.58 14.57
N GLY B 188 -1.51 -12.91 13.73
CA GLY B 188 -2.32 -11.88 13.12
C GLY B 188 -3.11 -11.09 14.15
N LEU B 189 -3.77 -11.80 15.06
CA LEU B 189 -4.48 -11.11 16.14
C LEU B 189 -3.55 -10.19 16.90
N TYR B 190 -2.38 -10.70 17.28
CA TYR B 190 -1.41 -9.88 18.01
C TYR B 190 -1.04 -8.65 17.21
N LEU B 191 -0.59 -8.84 15.96
CA LEU B 191 -0.07 -7.74 15.15
C LEU B 191 -1.16 -6.70 14.87
N ASN B 192 -2.39 -7.16 14.64
CA ASN B 192 -3.55 -6.29 14.54
C ASN B 192 -3.68 -5.37 15.74
N ALA B 193 -3.58 -5.94 16.94
CA ALA B 193 -3.75 -5.18 18.17
C ALA B 193 -2.62 -4.17 18.37
N THR B 194 -1.41 -4.53 17.96
CA THR B 194 -0.27 -3.64 18.07
C THR B 194 -0.48 -2.34 17.31
N TYR B 195 -1.17 -2.40 16.18
CA TYR B 195 -1.43 -1.18 15.43
C TYR B 195 -2.31 -0.21 16.21
N LEU B 196 -3.16 -0.71 17.10
CA LEU B 196 -3.97 0.16 17.94
C LEU B 196 -3.16 0.89 19.01
N LEU B 197 -1.90 0.50 19.24
CA LEU B 197 -1.08 1.13 20.27
C LEU B 197 -0.02 2.04 19.66
N GLY B 198 -0.22 2.53 18.45
CA GLY B 198 0.74 3.41 17.83
C GLY B 198 1.97 2.71 17.32
N TYR B 199 2.02 1.38 17.43
CA TYR B 199 3.17 0.58 17.03
C TYR B 199 2.84 -0.14 15.72
N GLY B 200 3.84 -0.82 15.17
CA GLY B 200 3.64 -1.59 13.97
C GLY B 200 4.40 -2.90 13.97
N PHE B 201 4.70 -3.42 12.79
CA PHE B 201 5.32 -4.73 12.71
C PHE B 201 6.67 -4.71 13.43
N GLY B 202 6.97 -5.78 14.15
CA GLY B 202 8.19 -5.83 14.93
C GLY B 202 8.14 -5.11 16.26
N ASP B 203 7.01 -4.54 16.64
CA ASP B 203 6.88 -3.91 17.94
C ASP B 203 6.17 -4.82 18.94
N GLU B 204 5.89 -6.06 18.54
CA GLU B 204 5.13 -6.95 19.41
C GLU B 204 5.82 -7.14 20.75
N TYR B 205 7.15 -7.23 20.76
CA TYR B 205 7.85 -7.41 22.02
C TYR B 205 7.58 -6.23 22.95
N LYS B 206 7.47 -5.02 22.39
CA LYS B 206 7.15 -3.86 23.21
C LYS B 206 5.76 -3.97 23.81
N VAL B 207 4.81 -4.56 23.08
CA VAL B 207 3.45 -4.72 23.61
C VAL B 207 3.44 -5.74 24.75
N MET B 208 4.09 -6.88 24.54
CA MET B 208 4.38 -7.79 25.66
C MET B 208 4.99 -7.05 26.84
N GLY B 209 6.04 -6.24 26.59
CA GLY B 209 6.64 -5.46 27.67
C GLY B 209 5.63 -4.60 28.43
N LEU B 210 4.67 -4.02 27.73
CA LEU B 210 3.75 -3.11 28.41
C LEU B 210 2.66 -3.83 29.20
N ALA B 211 2.33 -5.08 28.86
CA ALA B 211 1.13 -5.71 29.43
C ALA B 211 1.11 -5.87 30.95
N PRO B 212 2.25 -6.09 31.65
CA PRO B 212 2.17 -6.19 33.11
C PRO B 212 1.77 -4.88 33.79
N TRP B 213 2.11 -3.74 33.18
CA TRP B 213 1.70 -2.41 33.63
C TRP B 213 0.20 -2.21 33.56
N GLY B 214 -0.56 -3.24 33.18
CA GLY B 214 -1.94 -3.07 32.83
C GLY B 214 -2.80 -4.11 33.51
N ASN B 215 -4.10 -3.79 33.56
CA ASN B 215 -5.10 -4.59 34.26
C ASN B 215 -6.03 -5.25 33.24
N PRO B 216 -5.95 -6.56 33.04
CA PRO B 216 -6.70 -7.20 31.96
C PRO B 216 -8.21 -7.27 32.17
N GLU B 217 -8.74 -6.80 33.30
CA GLU B 217 -10.19 -6.95 33.50
C GLU B 217 -11.00 -5.93 32.72
N THR B 218 -10.44 -4.74 32.49
CA THR B 218 -11.07 -3.67 31.70
C THR B 218 -11.60 -4.15 30.35
N TYR B 219 -10.70 -4.55 29.45
CA TYR B 219 -11.08 -4.95 28.11
C TYR B 219 -11.20 -6.46 27.96
N ARG B 220 -11.48 -7.18 29.05
CA ARG B 220 -11.60 -8.64 28.95
C ARG B 220 -12.94 -9.07 28.37
N ASP B 221 -14.03 -8.42 28.77
CA ASP B 221 -15.29 -8.77 28.13
C ASP B 221 -15.35 -8.32 26.68
N THR B 222 -14.51 -7.36 26.29
CA THR B 222 -14.47 -6.92 24.89
C THR B 222 -13.78 -7.94 24.00
N PHE B 223 -12.53 -8.31 24.35
CA PHE B 223 -11.81 -9.34 23.61
C PHE B 223 -12.58 -10.64 23.58
N ALA B 224 -13.39 -10.93 24.60
CA ALA B 224 -14.19 -12.14 24.59
C ALA B 224 -15.16 -12.18 23.41
N LYS B 225 -15.57 -11.02 22.90
CA LYS B 225 -16.39 -10.96 21.70
C LYS B 225 -15.63 -11.43 20.44
N LEU B 226 -14.31 -11.37 20.44
CA LEU B 226 -13.54 -11.65 19.23
C LEU B 226 -13.08 -13.11 19.12
N TYR B 227 -13.24 -13.92 20.16
CA TYR B 227 -12.85 -15.31 20.07
C TYR B 227 -13.76 -16.17 20.94
N THR B 228 -13.69 -17.46 20.67
CA THR B 228 -14.48 -18.46 21.36
C THR B 228 -13.63 -19.72 21.46
N LEU B 229 -13.56 -20.31 22.65
CA LEU B 229 -12.91 -21.60 22.83
C LEU B 229 -13.94 -22.69 22.58
N GLN B 230 -13.59 -23.65 21.74
CA GLN B 230 -14.49 -24.72 21.36
C GLN B 230 -13.93 -26.05 21.84
N ASP B 231 -14.73 -27.10 21.68
CA ASP B 231 -14.32 -28.39 22.20
C ASP B 231 -13.12 -28.90 21.41
N ASN B 232 -12.34 -29.78 22.05
CA ASN B 232 -11.29 -30.53 21.37
C ASN B 232 -10.20 -29.60 20.83
N GLY B 233 -9.84 -28.62 21.65
CA GLY B 233 -8.72 -27.76 21.34
C GLY B 233 -8.93 -26.93 20.10
N GLU B 234 -10.17 -26.52 19.82
CA GLU B 234 -10.52 -25.65 18.72
C GLU B 234 -10.88 -24.27 19.27
N TYR B 235 -10.66 -23.25 18.45
CA TYR B 235 -11.10 -21.90 18.75
C TYR B 235 -11.58 -21.27 17.45
N GLU B 236 -12.43 -20.25 17.57
CA GLU B 236 -12.80 -19.39 16.46
C GLU B 236 -12.40 -17.97 16.80
N LEU B 237 -11.79 -17.28 15.84
CA LEU B 237 -11.70 -15.84 15.87
C LEU B 237 -12.86 -15.30 15.03
N HIS B 238 -13.49 -14.22 15.48
CA HIS B 238 -14.67 -13.67 14.83
C HIS B 238 -14.29 -12.43 14.03
N GLY B 239 -14.33 -12.57 12.71
CA GLY B 239 -13.91 -11.50 11.84
C GLY B 239 -14.99 -10.46 11.63
N ASN B 240 -14.75 -9.63 10.63
CA ASN B 240 -15.71 -8.61 10.22
C ASN B 240 -15.39 -8.24 8.78
N ILE B 241 -16.39 -7.71 8.08
CA ILE B 241 -16.20 -7.28 6.72
C ILE B 241 -15.88 -5.80 6.62
N MET B 242 -15.56 -5.13 7.73
CA MET B 242 -15.31 -3.71 7.58
C MET B 242 -13.88 -3.42 7.16
N VAL B 243 -12.88 -3.98 7.84
CA VAL B 243 -11.48 -3.60 7.61
C VAL B 243 -10.58 -4.80 7.81
N PRO B 244 -9.43 -4.81 7.16
CA PRO B 244 -8.46 -5.90 7.37
C PRO B 244 -7.79 -5.81 8.72
N ASN B 245 -8.56 -5.94 9.79
CA ASN B 245 -8.07 -5.91 11.17
C ASN B 245 -9.14 -6.52 12.04
N LEU B 246 -8.75 -7.46 12.88
CA LEU B 246 -9.70 -8.23 13.67
C LEU B 246 -10.28 -7.43 14.82
N VAL B 247 -9.53 -6.43 15.28
CA VAL B 247 -9.69 -5.85 16.60
C VAL B 247 -10.21 -4.42 16.53
N SER B 248 -9.74 -3.65 15.55
CA SER B 248 -10.00 -2.20 15.55
C SER B 248 -11.48 -1.82 15.42
N PRO B 249 -12.28 -2.44 14.55
CA PRO B 249 -13.69 -2.00 14.43
C PRO B 249 -14.47 -2.06 15.74
N LEU B 250 -14.42 -3.20 16.45
CA LEU B 250 -15.16 -3.33 17.70
C LEU B 250 -14.65 -2.37 18.76
N PHE B 251 -13.34 -2.15 18.79
CA PHE B 251 -12.78 -1.24 19.79
C PHE B 251 -13.05 0.20 19.44
N TYR B 252 -13.17 0.53 18.16
CA TYR B 252 -13.60 1.87 17.82
C TYR B 252 -15.05 2.07 18.26
N ALA B 253 -15.87 1.02 18.14
CA ALA B 253 -17.29 1.17 18.44
C ALA B 253 -17.52 1.38 19.93
N GLU B 254 -16.55 1.06 20.78
CA GLU B 254 -16.66 1.29 22.20
C GLU B 254 -15.82 2.48 22.66
N GLY B 255 -15.29 3.28 21.74
CA GLY B 255 -14.63 4.48 22.14
C GLY B 255 -13.14 4.34 22.39
N PHE B 256 -12.59 3.15 22.25
CA PHE B 256 -11.14 3.05 22.26
C PHE B 256 -10.60 3.70 21.00
N ARG B 257 -9.63 4.60 21.16
CA ARG B 257 -9.02 5.25 20.01
C ARG B 257 -7.51 5.08 20.06
N PRO B 258 -6.89 4.71 18.93
CA PRO B 258 -5.47 4.32 18.96
C PRO B 258 -4.53 5.48 19.31
N ARG B 259 -3.40 5.14 19.93
CA ARG B 259 -2.51 6.23 20.28
C ARG B 259 -1.70 6.66 19.05
N ARG B 260 -1.13 7.84 19.17
CA ARG B 260 -0.46 8.49 18.06
C ARG B 260 1.01 8.65 18.42
N LYS B 261 1.83 8.83 17.39
CA LYS B 261 3.27 8.97 17.58
C LYS B 261 3.57 9.95 18.71
N GLY B 262 4.45 9.55 19.62
CA GLY B 262 4.86 10.44 20.68
C GLY B 262 3.82 10.75 21.74
N GLU B 263 2.67 10.08 21.70
CA GLU B 263 1.72 10.21 22.79
C GLU B 263 2.08 9.28 23.94
N PRO B 264 1.97 9.74 25.19
CA PRO B 264 2.25 8.83 26.30
C PRO B 264 1.23 7.70 26.37
N PHE B 265 1.63 6.61 27.03
CA PHE B 265 0.78 5.44 27.18
C PHE B 265 -0.24 5.72 28.27
N THR B 266 -1.52 5.80 27.90
CA THR B 266 -2.52 6.03 28.94
C THR B 266 -2.84 4.72 29.67
N GLN B 267 -3.62 4.83 30.75
CA GLN B 267 -4.04 3.64 31.47
C GLN B 267 -4.95 2.75 30.61
N ALA B 268 -5.73 3.34 29.70
CA ALA B 268 -6.47 2.52 28.73
C ALA B 268 -5.52 1.71 27.85
N HIS B 269 -4.47 2.37 27.32
CA HIS B 269 -3.50 1.64 26.52
C HIS B 269 -2.84 0.52 27.33
N ARG B 270 -2.48 0.80 28.58
CA ARG B 270 -1.86 -0.21 29.42
C ARG B 270 -2.79 -1.42 29.58
N ASP B 271 -4.07 -1.16 29.82
CA ASP B 271 -5.03 -2.24 30.05
C ASP B 271 -5.31 -3.00 28.77
N PHE B 272 -5.32 -2.31 27.63
CA PHE B 272 -5.53 -2.97 26.36
C PHE B 272 -4.49 -4.05 26.15
N ALA B 273 -3.20 -3.67 26.19
CA ALA B 273 -2.11 -4.63 26.07
C ALA B 273 -2.23 -5.76 27.07
N ALA B 274 -2.75 -5.49 28.27
CA ALA B 274 -2.87 -6.59 29.23
C ALA B 274 -3.95 -7.57 28.81
N ALA B 275 -5.11 -7.08 28.37
CA ALA B 275 -6.15 -8.01 27.93
C ALA B 275 -5.74 -8.75 26.66
N LEU B 276 -4.98 -8.10 25.76
CA LEU B 276 -4.53 -8.77 24.55
C LEU B 276 -3.65 -9.96 24.89
N GLN B 277 -2.65 -9.74 25.74
CA GLN B 277 -1.74 -10.80 26.14
C GLN B 277 -2.46 -11.93 26.86
N GLU B 278 -3.39 -11.59 27.75
CA GLU B 278 -4.13 -12.64 28.45
C GLU B 278 -4.90 -13.51 27.46
N THR B 279 -5.42 -12.90 26.39
CA THR B 279 -6.22 -13.63 25.42
C THR B 279 -5.40 -14.67 24.67
N VAL B 280 -4.31 -14.26 24.04
CA VAL B 280 -3.51 -15.26 23.32
C VAL B 280 -2.90 -16.27 24.28
N GLU B 281 -2.70 -15.90 25.55
CA GLU B 281 -2.32 -16.92 26.53
C GLU B 281 -3.45 -17.93 26.71
N LYS B 282 -4.69 -17.44 26.79
CA LYS B 282 -5.81 -18.34 27.01
C LYS B 282 -5.94 -19.31 25.86
N ILE B 283 -5.92 -18.78 24.63
CA ILE B 283 -6.12 -19.62 23.46
C ILE B 283 -4.96 -20.60 23.30
N VAL B 284 -3.73 -20.13 23.49
CA VAL B 284 -2.58 -21.02 23.26
C VAL B 284 -2.53 -22.10 24.32
N LEU B 285 -2.81 -21.77 25.59
CA LEU B 285 -2.88 -22.81 26.59
C LEU B 285 -4.07 -23.74 26.37
N HIS B 286 -5.12 -23.27 25.70
CA HIS B 286 -6.26 -24.13 25.40
C HIS B 286 -5.92 -25.12 24.28
N ILE B 287 -5.21 -24.66 23.24
CA ILE B 287 -4.63 -25.58 22.26
C ILE B 287 -3.76 -26.62 22.97
N LEU B 288 -2.87 -26.15 23.84
CA LEU B 288 -1.83 -27.04 24.35
C LEU B 288 -2.40 -28.05 25.35
N GLU B 289 -3.36 -27.63 26.17
CA GLU B 289 -3.96 -28.57 27.10
C GLU B 289 -4.56 -29.76 26.36
N TYR B 290 -5.24 -29.51 25.24
CA TYR B 290 -5.82 -30.60 24.48
C TYR B 290 -4.75 -31.47 23.84
N TRP B 291 -3.79 -30.88 23.16
CA TRP B 291 -2.82 -31.71 22.46
C TRP B 291 -1.82 -32.39 23.39
N ALA B 292 -1.66 -31.90 24.62
CA ALA B 292 -0.85 -32.64 25.59
C ALA B 292 -1.56 -33.93 26.03
N LYS B 293 -2.86 -33.84 26.31
CA LYS B 293 -3.64 -35.02 26.69
C LYS B 293 -3.80 -35.99 25.53
N THR B 294 -4.13 -35.48 24.35
CA THR B 294 -4.43 -36.34 23.21
C THR B 294 -3.19 -37.06 22.70
N SER B 295 -2.06 -36.37 22.65
CA SER B 295 -0.86 -37.07 22.22
C SER B 295 -0.20 -37.83 23.38
N GLY B 296 -0.47 -37.43 24.61
CA GLY B 296 0.17 -38.03 25.75
C GLY B 296 1.61 -37.63 25.97
N HIS B 297 2.11 -36.65 25.24
CA HIS B 297 3.53 -36.38 25.25
C HIS B 297 3.94 -35.51 26.45
N SER B 298 5.18 -35.69 26.87
CA SER B 298 5.70 -34.97 28.03
C SER B 298 6.67 -33.87 27.64
N ARG B 299 7.05 -33.80 26.36
CA ARG B 299 8.02 -32.85 25.85
C ARG B 299 7.39 -31.98 24.77
N LEU B 300 7.77 -30.70 24.76
CA LEU B 300 7.21 -29.71 23.83
C LEU B 300 8.32 -28.89 23.20
N CYS B 301 8.37 -28.87 21.88
CA CYS B 301 9.04 -27.82 21.13
C CYS B 301 8.00 -26.79 20.68
N PHE B 302 8.38 -25.52 20.74
CA PHE B 302 7.50 -24.40 20.35
C PHE B 302 8.25 -23.49 19.39
N GLY B 303 7.60 -23.11 18.29
CA GLY B 303 8.26 -22.32 17.28
C GLY B 303 7.27 -21.50 16.49
N GLY B 304 7.79 -20.76 15.50
CA GLY B 304 7.02 -19.72 14.81
C GLY B 304 7.10 -18.44 15.62
N GLY B 305 6.91 -17.28 14.98
CA GLY B 305 7.22 -16.03 15.65
C GLY B 305 6.46 -15.80 16.94
N VAL B 306 5.28 -16.39 17.08
CA VAL B 306 4.56 -16.25 18.33
C VAL B 306 5.38 -16.82 19.47
N ALA B 307 6.23 -17.82 19.18
CA ALA B 307 7.10 -18.37 20.21
C ALA B 307 8.16 -17.39 20.69
N HIS B 308 8.30 -16.23 20.07
CA HIS B 308 9.14 -15.21 20.66
C HIS B 308 8.40 -14.42 21.72
N ASN B 309 7.17 -14.82 22.06
CA ASN B 309 6.45 -14.22 23.18
C ASN B 309 6.97 -14.83 24.48
N SER B 310 7.98 -14.17 25.08
CA SER B 310 8.62 -14.68 26.30
C SER B 310 7.64 -14.93 27.42
N SER B 311 6.61 -14.11 27.53
CA SER B 311 5.67 -14.24 28.64
C SER B 311 4.80 -15.48 28.49
N LEU B 312 4.35 -15.75 27.26
CA LEU B 312 3.54 -16.93 27.01
C LEU B 312 4.32 -18.21 27.31
N ASN B 313 5.55 -18.28 26.81
CA ASN B 313 6.44 -19.40 27.10
C ASN B 313 6.54 -19.67 28.60
N GLY B 314 6.59 -18.61 29.41
CA GLY B 314 6.67 -18.80 30.85
C GLY B 314 5.42 -19.43 31.44
N LEU B 315 4.25 -19.10 30.90
CA LEU B 315 3.03 -19.77 31.32
C LEU B 315 3.03 -21.23 30.90
N ILE B 316 3.55 -21.54 29.71
CA ILE B 316 3.67 -22.93 29.32
C ILE B 316 4.57 -23.69 30.29
N LEU B 317 5.73 -23.11 30.66
CA LEU B 317 6.60 -23.70 31.69
C LEU B 317 5.86 -23.93 33.00
N LYS B 318 5.22 -22.89 33.54
CA LYS B 318 4.52 -22.96 34.82
C LYS B 318 3.21 -23.74 34.75
N SER B 319 2.67 -24.01 33.56
CA SER B 319 1.63 -25.02 33.47
C SER B 319 2.27 -26.40 33.61
N GLY B 320 1.56 -27.31 34.24
CA GLY B 320 2.17 -28.61 34.46
C GLY B 320 1.84 -29.56 33.34
N LEU B 321 1.85 -29.06 32.11
CA LEU B 321 1.48 -29.86 30.95
C LEU B 321 2.66 -30.59 30.32
N PHE B 322 3.90 -30.23 30.65
CA PHE B 322 5.06 -30.86 30.04
C PHE B 322 6.19 -30.99 31.07
N ASP B 323 7.09 -31.95 30.82
CA ASP B 323 8.32 -32.03 31.60
C ASP B 323 9.40 -31.12 31.04
N GLU B 324 9.80 -31.36 29.80
CA GLU B 324 10.70 -30.48 29.09
C GLU B 324 9.91 -29.56 28.16
N VAL B 325 10.46 -28.35 27.93
CA VAL B 325 10.00 -27.45 26.87
C VAL B 325 11.23 -26.80 26.24
N PHE B 326 11.26 -26.75 24.90
CA PHE B 326 12.39 -26.16 24.17
C PHE B 326 11.92 -25.07 23.21
N VAL B 327 12.61 -23.93 23.21
CA VAL B 327 12.40 -22.89 22.20
C VAL B 327 13.74 -22.51 21.57
N HIS B 328 13.79 -22.54 20.25
CA HIS B 328 14.97 -22.21 19.44
C HIS B 328 15.23 -20.70 19.50
N PRO B 329 16.50 -20.29 19.50
CA PRO B 329 16.80 -18.84 19.59
C PRO B 329 16.19 -18.00 18.45
N ALA B 330 16.08 -18.56 17.25
CA ALA B 330 15.42 -17.90 16.12
C ALA B 330 14.17 -18.71 15.77
N SER B 331 13.10 -18.50 16.55
CA SER B 331 11.82 -19.12 16.25
C SER B 331 11.02 -18.38 15.19
N HIS B 332 11.38 -17.14 14.83
CA HIS B 332 10.72 -16.43 13.75
C HIS B 332 11.20 -16.95 12.39
N ASP B 333 10.93 -16.22 11.30
CA ASP B 333 11.09 -16.81 9.97
C ASP B 333 12.53 -17.13 9.62
N ALA B 334 13.50 -16.47 10.25
CA ALA B 334 14.90 -16.83 10.00
C ALA B 334 15.19 -18.26 10.41
N GLY B 335 14.52 -18.75 11.47
CA GLY B 335 14.65 -20.15 11.82
C GLY B 335 13.94 -21.07 10.85
N ALA B 336 12.81 -20.63 10.30
CA ALA B 336 12.19 -21.41 9.22
C ALA B 336 13.14 -21.56 8.03
N GLY B 337 14.01 -20.57 7.79
CA GLY B 337 14.98 -20.69 6.72
C GLY B 337 16.04 -21.75 6.96
N GLU B 338 16.48 -21.90 8.22
CA GLU B 338 17.38 -23.00 8.57
C GLU B 338 16.68 -24.35 8.48
N GLY B 339 15.49 -24.46 9.11
CA GLY B 339 14.67 -25.65 8.96
C GLY B 339 14.35 -26.00 7.53
N ALA B 340 14.34 -25.01 6.63
CA ALA B 340 14.19 -25.32 5.21
C ALA B 340 15.40 -26.07 4.68
N ALA B 341 16.61 -25.78 5.21
CA ALA B 341 17.79 -26.54 4.83
C ALA B 341 17.61 -28.01 5.17
N TYR B 342 17.25 -28.30 6.43
CA TYR B 342 17.06 -29.67 6.88
C TYR B 342 16.03 -30.41 6.02
N ALA B 343 14.87 -29.80 5.76
CA ALA B 343 13.86 -30.48 4.96
C ALA B 343 14.32 -30.72 3.54
N ALA B 344 15.18 -29.86 3.00
CA ALA B 344 15.71 -30.14 1.68
C ALA B 344 16.60 -31.37 1.71
N ALA B 345 17.41 -31.52 2.75
CA ALA B 345 18.27 -32.69 2.86
C ALA B 345 17.46 -33.98 3.00
N ALA B 346 16.35 -33.92 3.73
CA ALA B 346 15.50 -35.11 3.89
C ALA B 346 14.83 -35.50 2.58
N SER B 347 14.29 -34.53 1.85
CA SER B 347 13.66 -34.82 0.57
C SER B 347 14.66 -35.38 -0.44
N LEU B 348 15.92 -35.00 -0.33
CA LEU B 348 16.93 -35.41 -1.30
C LEU B 348 17.59 -36.72 -0.85
N GLY B 349 18.66 -36.61 -0.06
CA GLY B 349 19.22 -37.81 0.55
C GLY B 349 18.49 -38.14 1.83
N THR B 350 19.26 -38.32 2.90
CA THR B 350 18.70 -38.52 4.22
C THR B 350 19.07 -37.33 5.09
N LEU B 351 18.31 -37.21 6.18
CA LEU B 351 18.45 -36.11 7.11
C LEU B 351 19.40 -36.54 8.21
N GLU B 352 20.56 -35.86 8.29
CA GLU B 352 21.46 -36.01 9.42
C GLU B 352 21.02 -35.01 10.49
N ARG B 353 20.76 -35.53 11.81
CA ARG B 353 20.27 -34.73 12.93
C ARG B 353 21.46 -34.08 13.68
N PRO B 354 21.28 -32.86 14.20
CA PRO B 354 22.34 -32.23 15.00
C PRO B 354 22.61 -33.04 16.27
N GLY B 355 23.89 -33.16 16.62
CA GLY B 355 24.34 -33.83 17.83
C GLY B 355 23.50 -33.58 19.06
N LYS B 356 23.79 -32.53 19.81
CA LYS B 356 23.10 -32.29 21.07
C LYS B 356 22.16 -31.08 20.95
N ARG B 357 21.67 -30.62 22.11
CA ARG B 357 20.83 -29.43 22.18
C ARG B 357 21.62 -28.16 21.90
N LEU B 358 21.08 -27.30 21.04
CA LEU B 358 21.73 -26.02 20.76
C LEU B 358 21.82 -25.20 22.04
N LEU B 359 23.03 -24.77 22.38
CA LEU B 359 23.28 -23.95 23.56
C LEU B 359 23.71 -22.53 23.25
N SER B 360 24.24 -22.28 22.06
CA SER B 360 24.83 -21.00 21.73
C SER B 360 24.28 -20.53 20.39
N ALA B 361 23.76 -19.30 20.37
CA ALA B 361 23.35 -18.64 19.13
C ALA B 361 24.53 -18.05 18.38
N SER B 362 25.75 -18.17 18.90
CA SER B 362 26.89 -17.48 18.32
C SER B 362 27.21 -18.17 17.00
N LEU B 363 26.50 -17.74 15.95
CA LEU B 363 26.58 -18.40 14.67
C LEU B 363 26.85 -17.46 13.50
N GLY B 364 27.05 -16.18 13.75
CA GLY B 364 27.20 -15.24 12.66
C GLY B 364 28.65 -15.08 12.26
N PRO B 365 28.96 -14.07 11.47
CA PRO B 365 30.38 -13.76 11.24
C PRO B 365 30.96 -13.19 12.51
N ALA B 366 32.30 -13.18 12.57
CA ALA B 366 32.99 -12.71 13.76
C ALA B 366 33.51 -11.31 13.51
N LEU B 367 34.13 -10.72 14.52
CA LEU B 367 34.64 -9.36 14.36
C LEU B 367 35.90 -9.33 13.49
N GLY B 368 36.76 -10.33 13.64
CA GLY B 368 38.02 -10.37 12.92
C GLY B 368 39.09 -11.02 13.79
N GLY B 369 40.33 -11.05 13.26
CA GLY B 369 41.46 -11.52 14.03
C GLY B 369 42.09 -10.41 14.87
N ARG B 370 42.84 -10.81 15.90
CA ARG B 370 43.48 -9.86 16.80
C ARG B 370 44.35 -8.86 16.04
N GLU B 371 45.13 -9.32 15.06
CA GLU B 371 45.95 -8.40 14.27
C GLU B 371 45.10 -7.47 13.44
N GLN B 372 43.98 -7.96 12.90
CA GLN B 372 43.11 -7.13 12.08
C GLN B 372 42.39 -6.08 12.90
N ILE B 373 41.85 -6.50 14.05
CA ILE B 373 41.09 -5.62 14.90
C ILE B 373 41.97 -4.49 15.43
N ARG B 374 43.17 -4.86 15.92
CA ARG B 374 44.12 -3.86 16.38
C ARG B 374 44.40 -2.86 15.27
N ALA B 375 44.65 -3.35 14.06
CA ALA B 375 44.91 -2.46 12.93
C ALA B 375 43.74 -1.52 12.65
N ARG B 376 42.50 -2.03 12.68
CA ARG B 376 41.36 -1.20 12.34
C ARG B 376 41.07 -0.18 13.42
N LEU B 377 41.30 -0.54 14.69
CA LEU B 377 41.19 0.43 15.75
C LEU B 377 42.23 1.52 15.60
N ALA B 378 43.31 1.24 14.86
CA ALA B 378 44.29 2.28 14.57
C ALA B 378 43.76 3.26 13.55
N ASP B 379 43.02 2.78 12.54
CA ASP B 379 42.31 3.69 11.64
C ASP B 379 41.34 4.57 12.42
N TRP B 380 40.81 4.06 13.54
CA TRP B 380 39.86 4.77 14.36
C TRP B 380 40.54 5.68 15.36
N ALA B 381 41.86 5.79 15.29
CA ALA B 381 42.60 6.53 16.30
C ALA B 381 42.11 7.97 16.52
N PRO B 382 41.79 8.77 15.50
CA PRO B 382 41.36 10.15 15.77
C PRO B 382 40.09 10.27 16.60
N LEU B 383 39.41 9.17 16.92
CA LEU B 383 38.15 9.26 17.63
C LEU B 383 38.10 8.51 18.95
N ILE B 384 39.00 7.54 19.18
CA ILE B 384 38.95 6.68 20.35
C ILE B 384 40.33 6.59 21.02
N ASP B 385 40.32 6.04 22.24
CA ASP B 385 41.52 5.71 23.00
C ASP B 385 41.42 4.24 23.39
N VAL B 386 42.49 3.48 23.17
CA VAL B 386 42.47 2.03 23.30
C VAL B 386 43.50 1.57 24.33
N GLU B 387 43.04 0.85 25.36
CA GLU B 387 43.91 0.11 26.27
C GLU B 387 43.85 -1.37 25.92
N PHE B 388 44.94 -2.10 26.19
CA PHE B 388 45.02 -3.54 25.94
C PHE B 388 45.27 -4.24 27.27
N PRO B 389 44.26 -4.34 28.14
CA PRO B 389 44.48 -4.97 29.46
C PRO B 389 45.06 -6.36 29.32
N ASP B 390 45.63 -6.84 30.43
CA ASP B 390 46.22 -8.17 30.46
C ASP B 390 45.13 -9.24 30.58
N ASP B 391 44.06 -8.95 31.35
CA ASP B 391 42.85 -9.79 31.42
C ASP B 391 41.62 -8.91 31.27
N ALA B 392 41.07 -8.86 30.05
CA ALA B 392 39.97 -7.96 29.76
C ALA B 392 38.74 -8.28 30.61
N VAL B 393 38.38 -9.56 30.69
CA VAL B 393 37.26 -9.98 31.52
C VAL B 393 37.46 -9.50 32.95
N GLU B 394 38.71 -9.55 33.44
CA GLU B 394 39.01 -9.11 34.80
C GLU B 394 38.74 -7.63 34.96
N THR B 395 39.29 -6.82 34.05
CA THR B 395 39.04 -5.37 34.07
C THR B 395 37.56 -5.06 33.90
N ALA B 396 36.94 -5.71 32.92
CA ALA B 396 35.54 -5.44 32.60
C ALA B 396 34.64 -5.72 33.80
N ALA B 397 34.98 -6.73 34.61
CA ALA B 397 34.19 -6.98 35.81
C ALA B 397 34.34 -5.85 36.82
N GLY B 398 35.54 -5.32 36.97
CA GLY B 398 35.80 -4.19 37.84
C GLY B 398 34.92 -2.99 37.51
N LEU B 399 35.04 -2.49 36.29
CA LEU B 399 34.25 -1.33 35.86
C LEU B 399 32.76 -1.55 36.08
N LEU B 400 32.28 -2.78 35.84
CA LEU B 400 30.87 -3.08 36.04
C LEU B 400 30.46 -2.86 37.49
N ALA B 401 31.28 -3.33 38.43
CA ALA B 401 31.02 -3.10 39.85
C ALA B 401 31.19 -1.64 40.22
N GLU B 402 32.16 -0.95 39.60
CA GLU B 402 32.28 0.50 39.76
C GLU B 402 31.04 1.25 39.26
N GLY B 403 30.27 0.66 38.33
CA GLY B 403 29.04 1.26 37.83
C GLY B 403 29.06 1.68 36.37
N GLN B 404 30.15 1.43 35.66
CA GLN B 404 30.18 1.72 34.23
C GLN B 404 29.19 0.82 33.47
N VAL B 405 28.73 1.32 32.33
CA VAL B 405 27.86 0.58 31.41
C VAL B 405 28.70 0.23 30.19
N LEU B 406 28.72 -1.05 29.82
CA LEU B 406 29.74 -1.62 28.94
C LEU B 406 29.18 -2.15 27.62
N GLY B 407 29.81 -1.74 26.53
CA GLY B 407 29.65 -2.45 25.26
C GLY B 407 30.58 -3.66 25.22
N TRP B 408 30.04 -4.82 24.86
CA TRP B 408 30.70 -6.11 24.99
C TRP B 408 30.59 -6.85 23.66
N ALA B 409 31.66 -6.88 22.86
CA ALA B 409 31.60 -7.41 21.50
C ALA B 409 32.66 -8.48 21.29
N TYR B 410 32.22 -9.75 21.20
CA TYR B 410 33.15 -10.86 21.12
C TYR B 410 32.67 -11.90 20.12
N GLY B 411 33.59 -12.42 19.32
CA GLY B 411 33.30 -13.60 18.54
C GLY B 411 32.27 -13.41 17.44
N ARG B 412 31.54 -14.49 17.16
CA ARG B 412 30.47 -14.49 16.18
C ARG B 412 29.16 -13.95 16.77
N SER B 413 28.38 -13.28 15.92
CA SER B 413 27.16 -12.60 16.35
C SER B 413 26.02 -13.60 16.57
N GLU B 414 25.10 -13.25 17.47
CA GLU B 414 23.99 -14.13 17.80
C GLU B 414 22.98 -14.19 16.68
N PHE B 415 22.59 -15.42 16.29
CA PHE B 415 21.42 -15.66 15.47
C PHE B 415 20.15 -15.38 16.26
N GLY B 416 19.28 -14.54 15.71
CA GLY B 416 18.02 -14.29 16.35
C GLY B 416 18.03 -13.00 17.14
N PRO B 417 16.85 -12.62 17.64
CA PRO B 417 16.68 -11.25 18.17
C PRO B 417 17.43 -10.94 19.46
N ARG B 418 17.75 -11.94 20.30
CA ARG B 418 18.38 -11.70 21.60
C ARG B 418 19.90 -11.61 21.52
N ALA B 419 20.47 -10.61 22.19
CA ALA B 419 21.90 -10.54 22.43
C ALA B 419 22.24 -11.33 23.68
N LEU B 420 23.25 -12.20 23.58
CA LEU B 420 23.50 -13.23 24.59
C LEU B 420 24.97 -13.28 25.00
N GLY B 421 25.66 -12.16 24.94
CA GLY B 421 27.06 -12.12 25.33
C GLY B 421 28.04 -12.03 24.19
N HIS B 422 27.58 -11.73 22.97
CA HIS B 422 28.50 -11.56 21.86
C HIS B 422 28.36 -10.22 21.16
N ARG B 423 27.21 -9.56 21.29
CA ARG B 423 26.97 -8.20 20.84
C ARG B 423 26.01 -7.63 21.88
N SER B 424 26.49 -7.47 23.10
CA SER B 424 25.64 -7.08 24.22
C SER B 424 26.04 -5.72 24.76
N ILE B 425 25.17 -5.20 25.62
CA ILE B 425 25.48 -4.06 26.48
C ILE B 425 25.16 -4.50 27.89
N VAL B 426 26.18 -4.58 28.74
CA VAL B 426 26.02 -5.14 30.06
C VAL B 426 26.20 -4.05 31.10
N ALA B 427 25.65 -4.30 32.29
CA ALA B 427 25.64 -3.35 33.37
C ALA B 427 25.27 -4.08 34.65
N ASP B 428 25.74 -3.54 35.77
CA ASP B 428 25.25 -3.97 37.07
C ASP B 428 23.72 -3.94 37.06
N ALA B 429 23.13 -5.03 37.54
CA ALA B 429 21.68 -5.22 37.46
C ALA B 429 20.94 -4.83 38.73
N ARG B 430 21.65 -4.47 39.81
CA ARG B 430 21.01 -4.19 41.10
C ARG B 430 20.34 -2.81 41.19
N PRO B 431 20.89 -1.73 40.61
CA PRO B 431 20.28 -0.41 40.87
C PRO B 431 19.11 -0.12 39.94
N GLU B 432 17.98 0.27 40.53
CA GLU B 432 16.76 0.51 39.76
C GLU B 432 16.91 1.69 38.80
N GLU B 433 17.70 2.70 39.17
CA GLU B 433 17.92 3.84 38.29
C GLU B 433 18.53 3.40 36.97
N ASN B 434 19.29 2.29 36.97
CA ASN B 434 19.95 1.84 35.75
C ASN B 434 18.99 1.63 34.60
N ARG B 435 17.70 1.40 34.88
CA ARG B 435 16.68 1.27 33.84
C ARG B 435 16.60 2.52 32.98
N THR B 436 16.02 3.60 33.52
CA THR B 436 15.98 4.87 32.79
C THR B 436 17.35 5.32 32.29
N ARG B 437 18.41 5.01 33.04
CA ARG B 437 19.74 5.50 32.68
C ARG B 437 20.20 4.89 31.35
N ILE B 438 19.90 3.62 31.10
CA ILE B 438 20.36 2.99 29.89
C ILE B 438 19.33 3.08 28.77
N ASN B 439 18.06 2.91 29.11
CA ASN B 439 16.98 2.98 28.14
C ASN B 439 16.86 4.40 27.67
N ALA B 440 16.25 5.21 28.53
CA ALA B 440 15.89 6.57 28.20
C ALA B 440 17.10 7.50 28.17
N MET B 441 18.31 6.96 27.94
CA MET B 441 19.43 7.86 27.72
C MET B 441 20.45 7.31 26.73
N VAL B 442 21.26 6.34 27.14
CA VAL B 442 22.41 5.96 26.31
C VAL B 442 21.94 5.32 25.01
N LYS B 443 20.90 4.45 25.06
CA LYS B 443 20.34 3.82 23.87
C LYS B 443 19.21 4.62 23.23
N LYS B 444 18.63 5.60 23.94
CA LYS B 444 17.61 6.51 23.42
C LYS B 444 16.37 5.73 22.97
N ARG B 445 15.68 5.16 23.96
CA ARG B 445 14.48 4.36 23.73
C ARG B 445 13.40 4.74 24.74
N GLU B 446 12.55 3.77 25.12
CA GLU B 446 11.44 3.98 26.04
C GLU B 446 11.57 3.07 27.25
N GLY B 447 11.30 3.63 28.44
CA GLY B 447 11.64 2.98 29.71
C GLY B 447 10.56 2.23 30.47
N PHE B 448 9.39 2.01 29.87
CA PHE B 448 8.39 1.19 30.55
C PHE B 448 8.79 -0.29 30.59
N ARG B 449 9.77 -0.73 29.75
CA ARG B 449 10.17 -2.10 29.68
C ARG B 449 11.38 -2.34 30.56
N PRO B 450 11.35 -3.32 31.47
CA PRO B 450 12.56 -3.65 32.25
C PRO B 450 13.57 -4.32 31.38
N PHE B 451 14.73 -4.54 31.97
CA PHE B 451 15.85 -5.09 31.25
C PHE B 451 15.97 -6.56 31.60
N ALA B 452 16.85 -7.24 30.91
CA ALA B 452 16.90 -8.64 30.97
C ALA B 452 18.09 -9.09 31.78
N PRO B 453 17.91 -9.97 32.74
CA PRO B 453 19.03 -10.50 33.52
C PRO B 453 19.72 -11.65 32.82
N VAL B 454 21.03 -11.74 33.04
CA VAL B 454 21.82 -12.94 32.74
C VAL B 454 22.41 -13.42 34.05
N VAL B 455 22.07 -14.63 34.44
CA VAL B 455 22.55 -15.22 35.68
C VAL B 455 23.44 -16.41 35.34
N THR B 456 24.34 -16.76 36.27
CA THR B 456 25.21 -17.92 36.08
C THR B 456 24.37 -19.17 36.28
N ALA B 457 24.71 -20.25 35.55
CA ALA B 457 24.03 -21.53 35.76
C ALA B 457 24.05 -21.95 37.23
N GLU B 458 25.16 -21.66 37.93
CA GLU B 458 25.33 -22.11 39.30
C GLU B 458 24.44 -21.35 40.27
N ALA B 459 24.46 -20.03 40.23
CA ALA B 459 23.58 -19.27 41.10
C ALA B 459 22.16 -19.17 40.58
N ALA B 460 21.89 -19.72 39.39
CA ALA B 460 20.63 -19.45 38.69
C ALA B 460 19.43 -19.58 39.61
N ARG B 461 19.37 -20.70 40.33
CA ARG B 461 18.20 -21.04 41.14
C ARG B 461 18.17 -20.32 42.49
N ASP B 462 19.26 -19.67 42.88
CA ASP B 462 19.28 -18.81 44.07
C ASP B 462 18.60 -17.47 43.80
N TYR B 463 18.26 -17.18 42.54
CA TYR B 463 17.71 -15.88 42.18
C TYR B 463 16.38 -16.00 41.42
N PHE B 464 16.17 -17.10 40.70
CA PHE B 464 14.99 -17.21 39.84
C PHE B 464 14.24 -18.51 40.09
N ASP B 465 12.94 -18.50 39.74
CA ASP B 465 12.02 -19.64 39.93
C ASP B 465 11.90 -20.41 38.62
N LEU B 466 12.87 -21.29 38.39
CA LEU B 466 12.87 -22.12 37.19
C LEU B 466 12.05 -23.40 37.36
N SER B 467 11.24 -23.47 38.40
CA SER B 467 10.43 -24.64 38.68
C SER B 467 9.36 -24.83 37.62
N GLY B 468 8.45 -25.76 37.88
CA GLY B 468 7.59 -26.26 36.82
C GLY B 468 8.37 -27.18 35.92
N ALA B 469 8.08 -27.09 34.62
CA ALA B 469 8.80 -27.88 33.65
C ALA B 469 10.27 -27.45 33.60
N ASP B 470 11.02 -28.16 32.76
CA ASP B 470 12.45 -27.95 32.56
C ASP B 470 12.64 -27.25 31.22
N GLY B 471 12.67 -25.91 31.24
CA GLY B 471 12.89 -25.16 30.03
C GLY B 471 14.36 -24.86 29.78
N ASN B 472 14.71 -24.72 28.49
CA ASN B 472 16.00 -24.17 28.09
C ASN B 472 16.00 -22.66 28.26
N HIS B 473 17.00 -22.13 28.98
CA HIS B 473 17.10 -20.71 29.32
C HIS B 473 18.37 -20.08 28.76
N GLU B 474 18.95 -20.67 27.72
CA GLU B 474 20.19 -20.18 27.16
C GLU B 474 19.96 -19.06 26.16
N PHE B 475 18.69 -18.78 25.81
CA PHE B 475 18.36 -17.80 24.79
C PHE B 475 17.28 -16.83 25.22
N MET B 476 17.00 -16.74 26.52
CA MET B 476 16.00 -15.82 27.07
C MET B 476 14.60 -16.10 26.52
N SER B 477 14.33 -17.35 26.19
CA SER B 477 13.04 -17.73 25.66
C SER B 477 11.92 -17.74 26.71
N PHE B 478 12.23 -17.80 28.00
CA PHE B 478 11.20 -17.92 29.03
C PHE B 478 11.24 -16.78 30.03
N VAL B 479 10.05 -16.28 30.36
CA VAL B 479 9.84 -15.35 31.47
C VAL B 479 9.52 -16.16 32.73
N VAL B 480 10.25 -15.89 33.81
CA VAL B 480 10.10 -16.67 35.05
C VAL B 480 9.99 -15.75 36.26
N PRO B 481 9.37 -16.18 37.36
CA PRO B 481 9.27 -15.28 38.52
C PRO B 481 10.66 -15.02 39.11
N VAL B 482 10.90 -13.77 39.51
CA VAL B 482 12.10 -13.46 40.30
C VAL B 482 11.81 -13.79 41.75
N LEU B 483 12.73 -14.48 42.41
CA LEU B 483 12.49 -14.91 43.79
C LEU B 483 12.21 -13.69 44.66
N PRO B 484 11.09 -13.68 45.39
CA PRO B 484 10.66 -12.46 46.12
C PRO B 484 11.75 -11.80 46.94
N GLU B 485 12.61 -12.60 47.58
CA GLU B 485 13.65 -12.05 48.44
C GLU B 485 14.68 -11.27 47.65
N ARG B 486 15.03 -11.72 46.45
CA ARG B 486 15.98 -11.01 45.61
C ARG B 486 15.35 -9.91 44.76
N ARG B 487 14.02 -9.72 44.84
CA ARG B 487 13.35 -8.73 44.01
C ARG B 487 13.91 -7.32 44.21
N THR B 488 14.15 -6.93 45.46
CA THR B 488 14.73 -5.61 45.66
C THR B 488 16.19 -5.60 45.22
N GLU B 489 16.92 -6.70 45.46
CA GLU B 489 18.31 -6.79 45.02
C GLU B 489 18.44 -6.51 43.53
N LEU B 490 17.55 -7.10 42.73
CA LEU B 490 17.63 -7.01 41.27
C LEU B 490 16.60 -5.97 40.79
N GLY B 491 16.96 -4.69 40.94
CA GLY B 491 15.99 -3.64 40.62
C GLY B 491 15.93 -3.29 39.15
N ALA B 492 17.05 -3.44 38.43
CA ALA B 492 17.08 -3.05 37.03
C ALA B 492 16.39 -4.06 36.11
N VAL B 493 16.19 -5.30 36.57
CA VAL B 493 15.81 -6.40 35.70
C VAL B 493 14.51 -7.06 36.10
N THR B 494 13.74 -6.44 37.01
CA THR B 494 12.55 -7.07 37.57
C THR B 494 11.33 -6.22 37.30
N HIS B 495 10.31 -6.84 36.68
CA HIS B 495 9.10 -6.20 36.20
C HIS B 495 8.13 -5.90 37.36
N VAL B 496 6.99 -5.29 37.02
CA VAL B 496 5.95 -4.92 37.99
C VAL B 496 5.25 -6.13 38.58
N ASP B 497 5.31 -7.26 37.89
CA ASP B 497 4.78 -8.53 38.36
C ASP B 497 5.84 -9.41 38.99
N GLY B 498 7.08 -8.95 39.04
CA GLY B 498 8.16 -9.70 39.63
C GLY B 498 8.86 -10.68 38.73
N THR B 499 8.62 -10.65 37.42
CA THR B 499 9.15 -11.65 36.50
C THR B 499 10.36 -11.11 35.75
N ALA B 500 10.99 -11.98 34.97
CA ALA B 500 12.21 -11.60 34.28
C ALA B 500 12.48 -12.53 33.10
N ARG B 501 12.86 -11.96 31.97
CA ARG B 501 13.30 -12.72 30.79
C ARG B 501 14.72 -13.21 31.03
N VAL B 502 14.88 -14.44 31.49
CA VAL B 502 16.15 -14.89 32.05
C VAL B 502 17.02 -15.52 30.98
N GLN B 503 18.26 -15.05 30.89
CA GLN B 503 19.33 -15.82 30.30
C GLN B 503 20.11 -16.47 31.42
N VAL B 504 20.40 -17.77 31.26
CA VAL B 504 21.19 -18.56 32.21
C VAL B 504 22.45 -19.00 31.46
N VAL B 505 23.57 -18.36 31.73
CA VAL B 505 24.79 -18.68 30.99
C VAL B 505 25.61 -19.68 31.77
N SER B 506 26.20 -20.62 31.03
CA SER B 506 27.00 -21.70 31.57
C SER B 506 28.35 -21.66 30.89
N ALA B 507 29.32 -22.40 31.45
CA ALA B 507 30.62 -22.49 30.80
C ALA B 507 30.53 -23.12 29.41
N GLU B 508 29.43 -23.78 29.09
CA GLU B 508 29.28 -24.45 27.81
C GLU B 508 28.46 -23.67 26.80
N SER B 509 27.54 -22.81 27.27
CA SER B 509 26.80 -21.93 26.39
C SER B 509 27.63 -20.70 25.97
N GLY B 510 28.57 -20.27 26.79
CA GLY B 510 29.47 -19.17 26.46
C GLY B 510 30.52 -18.91 27.52
N GLU B 511 31.75 -19.38 27.27
CA GLU B 511 32.85 -19.27 28.21
C GLU B 511 33.12 -17.83 28.65
N ARG B 512 33.65 -16.99 27.74
CA ARG B 512 33.99 -15.61 28.10
C ARG B 512 32.86 -15.01 28.91
N PHE B 513 31.62 -15.19 28.45
CA PHE B 513 30.52 -14.51 29.11
C PHE B 513 30.23 -15.10 30.49
N HIS B 514 30.36 -16.41 30.66
CA HIS B 514 30.18 -17.01 31.98
C HIS B 514 31.20 -16.47 32.97
N ARG B 515 32.49 -16.51 32.59
CA ARG B 515 33.56 -15.93 33.41
C ARG B 515 33.22 -14.52 33.87
N LEU B 516 32.76 -13.68 32.93
CA LEU B 516 32.42 -12.30 33.25
C LEU B 516 31.34 -12.20 34.33
N VAL B 517 30.27 -12.98 34.20
CA VAL B 517 29.19 -12.86 35.18
C VAL B 517 29.55 -13.53 36.49
N ARG B 518 30.37 -14.59 36.46
CA ARG B 518 30.85 -15.17 37.71
C ARG B 518 31.72 -14.18 38.46
N ARG B 519 32.77 -13.70 37.80
CA ARG B 519 33.70 -12.74 38.40
C ARG B 519 32.97 -11.54 39.00
N PHE B 520 31.99 -10.99 38.29
CA PHE B 520 31.24 -9.87 38.85
C PHE B 520 30.52 -10.27 40.12
N GLY B 521 30.08 -11.52 40.22
CA GLY B 521 29.42 -11.98 41.44
C GLY B 521 30.37 -12.20 42.59
N GLU B 522 31.59 -12.65 42.29
CA GLU B 522 32.62 -12.73 43.32
C GLU B 522 32.97 -11.34 43.85
N LEU B 523 32.89 -10.31 43.01
CA LEU B 523 33.25 -8.96 43.44
C LEU B 523 32.10 -8.21 44.09
N THR B 524 30.86 -8.70 43.98
CA THR B 524 29.72 -7.95 44.49
C THR B 524 28.72 -8.79 45.28
N GLY B 525 28.83 -10.12 45.24
CA GLY B 525 27.85 -10.96 45.87
C GLY B 525 26.54 -11.05 45.11
N THR B 526 26.54 -10.65 43.84
CA THR B 526 25.37 -10.75 42.98
C THR B 526 25.87 -11.20 41.62
N PRO B 527 25.78 -12.49 41.31
CA PRO B 527 26.25 -12.96 39.99
C PRO B 527 25.21 -12.78 38.89
N VAL B 528 24.47 -11.68 38.94
CA VAL B 528 23.50 -11.30 37.92
C VAL B 528 23.92 -9.97 37.29
N LEU B 529 23.94 -9.94 35.97
CA LEU B 529 24.13 -8.72 35.20
C LEU B 529 22.85 -8.38 34.42
N LEU B 530 22.79 -7.13 33.98
CA LEU B 530 21.79 -6.69 33.01
C LEU B 530 22.33 -6.94 31.60
N ASN B 531 21.50 -7.49 30.71
CA ASN B 531 21.94 -7.78 29.35
C ASN B 531 20.92 -7.24 28.35
N THR B 532 21.37 -6.33 27.51
CA THR B 532 20.54 -5.79 26.44
C THR B 532 21.33 -5.84 25.14
N SER B 533 20.63 -5.64 24.02
CA SER B 533 21.29 -5.73 22.72
C SER B 533 22.11 -4.48 22.41
N PHE B 534 23.26 -4.69 21.77
CA PHE B 534 24.17 -3.63 21.35
C PHE B 534 23.65 -3.02 20.05
N ASN B 535 22.76 -2.04 20.19
CA ASN B 535 22.15 -1.30 19.08
C ASN B 535 21.37 -0.12 19.64
N ASN B 536 21.41 1.02 18.94
CA ASN B 536 20.55 2.14 19.31
C ASN B 536 19.18 1.97 18.66
N ASN B 537 18.34 3.02 18.68
CA ASN B 537 16.97 2.91 18.21
C ASN B 537 16.85 2.82 16.68
N ALA B 538 17.95 2.98 15.93
CA ALA B 538 17.88 3.11 14.49
C ALA B 538 18.63 2.00 13.77
N GLU B 539 18.88 0.86 14.42
CA GLU B 539 19.72 -0.16 13.82
C GLU B 539 19.38 -1.52 14.42
N PRO B 540 19.60 -2.59 13.70
CA PRO B 540 19.61 -3.92 14.31
C PRO B 540 20.91 -4.13 15.09
N ILE B 541 21.01 -5.28 15.75
CA ILE B 541 22.21 -5.62 16.52
C ILE B 541 23.43 -5.44 15.64
N VAL B 542 24.46 -4.80 16.19
CA VAL B 542 25.66 -4.50 15.42
C VAL B 542 26.35 -5.78 14.98
N GLN B 543 27.06 -5.71 13.85
CA GLN B 543 27.71 -6.91 13.34
C GLN B 543 29.22 -6.79 13.30
N SER B 544 29.72 -5.96 12.39
CA SER B 544 31.12 -5.75 12.12
C SER B 544 31.83 -4.99 13.25
N LEU B 545 33.16 -4.92 13.16
CA LEU B 545 33.92 -4.04 14.03
C LEU B 545 33.48 -2.59 13.85
N ASP B 546 33.49 -2.07 12.61
CA ASP B 546 33.04 -0.71 12.38
C ASP B 546 31.61 -0.49 12.90
N ASP B 547 30.71 -1.49 12.75
CA ASP B 547 29.40 -1.39 13.38
C ASP B 547 29.53 -1.11 14.87
N VAL B 548 30.41 -1.83 15.56
CA VAL B 548 30.46 -1.77 17.01
C VAL B 548 31.00 -0.42 17.48
N VAL B 549 32.11 0.05 16.86
CA VAL B 549 32.67 1.36 17.14
C VAL B 549 31.66 2.48 16.83
N THR B 550 31.03 2.42 15.65
CA THR B 550 30.03 3.41 15.28
C THR B 550 28.95 3.51 16.33
N SER B 551 28.52 2.37 16.85
CA SER B 551 27.41 2.41 17.80
C SER B 551 27.88 2.93 19.14
N PHE B 552 29.13 2.63 19.51
CA PHE B 552 29.67 3.12 20.77
C PHE B 552 29.80 4.65 20.76
N LEU B 553 30.27 5.22 19.64
CA LEU B 553 30.47 6.66 19.54
C LEU B 553 29.16 7.44 19.44
N THR B 554 28.07 6.82 19.01
CA THR B 554 26.81 7.54 18.82
C THR B 554 25.82 7.21 19.93
N THR B 555 26.30 6.66 21.03
CA THR B 555 25.50 6.43 22.22
C THR B 555 26.37 6.85 23.40
N ASP B 556 25.77 6.87 24.59
CA ASP B 556 26.42 7.36 25.78
C ASP B 556 26.82 6.23 26.73
N LEU B 557 27.33 5.14 26.16
CA LEU B 557 27.99 4.13 26.96
C LEU B 557 29.30 4.66 27.51
N ASP B 558 29.73 4.10 28.65
CA ASP B 558 30.97 4.57 29.29
C ASP B 558 32.19 3.90 28.68
N VAL B 559 32.20 2.57 28.60
CA VAL B 559 33.35 1.83 28.09
C VAL B 559 32.84 0.85 27.03
N LEU B 560 33.75 0.39 26.18
CA LEU B 560 33.47 -0.65 25.21
C LEU B 560 34.57 -1.71 25.27
N VAL B 561 34.18 -2.95 25.56
CA VAL B 561 35.10 -4.09 25.51
C VAL B 561 34.87 -4.83 24.20
N VAL B 562 35.88 -4.85 23.34
CA VAL B 562 35.73 -5.54 22.06
C VAL B 562 36.98 -6.35 21.75
N GLU B 563 36.93 -7.65 22.04
CA GLU B 563 38.04 -8.58 21.77
C GLU B 563 39.29 -8.21 22.56
N ASP B 564 39.11 -8.04 23.87
CA ASP B 564 40.17 -7.76 24.84
C ASP B 564 40.72 -6.34 24.75
N CYS B 565 40.04 -5.44 24.04
CA CYS B 565 40.45 -4.06 23.93
C CYS B 565 39.47 -3.18 24.69
N LEU B 566 40.00 -2.18 25.40
CA LEU B 566 39.18 -1.23 26.14
C LEU B 566 39.17 0.10 25.40
N VAL B 567 37.99 0.50 24.92
CA VAL B 567 37.85 1.59 23.97
C VAL B 567 36.98 2.67 24.60
N ARG B 568 37.49 3.90 24.64
CA ARG B 568 36.72 5.04 25.12
C ARG B 568 36.78 6.17 24.11
N GLY B 569 35.76 7.01 24.13
CA GLY B 569 35.70 8.13 23.20
C GLY B 569 36.68 9.23 23.60
N LYS B 570 37.50 9.65 22.63
CA LYS B 570 38.44 10.75 22.82
C LYS B 570 37.75 11.98 23.39
N ALA B 571 38.53 12.85 24.04
CA ALA B 571 38.06 14.13 24.55
C ALA B 571 37.30 14.87 23.45
N SER B 572 38.02 15.30 22.42
CA SER B 572 37.44 15.89 21.22
C SER B 572 37.70 14.97 20.03
N PRO B 573 36.74 14.15 19.62
CA PRO B 573 36.96 13.26 18.49
C PRO B 573 36.84 14.00 17.17
N ASP B 574 37.66 13.59 16.18
CA ASP B 574 37.77 14.28 14.90
C ASP B 574 36.86 13.60 13.86
N LEU B 575 35.65 14.14 13.69
CA LEU B 575 34.73 13.59 12.72
C LEU B 575 35.31 13.64 11.31
N GLY B 576 36.10 14.68 11.01
CA GLY B 576 36.57 14.95 9.67
C GLY B 576 37.41 13.84 9.06
N VAL B 577 37.92 12.89 9.86
CA VAL B 577 38.69 11.82 9.25
C VAL B 577 37.80 10.73 8.68
N LEU B 578 36.56 10.62 9.17
CA LEU B 578 35.60 9.64 8.66
C LEU B 578 35.33 9.87 7.17
N VAL B 579 35.24 8.77 6.44
CA VAL B 579 34.87 8.80 5.02
C VAL B 579 33.39 8.49 4.91
N PRO B 580 32.54 9.44 4.51
CA PRO B 580 31.12 9.11 4.31
C PRO B 580 30.92 8.31 3.03
N ARG B 581 30.08 7.28 3.14
CA ARG B 581 29.62 6.50 2.00
C ARG B 581 28.11 6.44 2.04
N PHE B 582 27.49 6.27 0.88
CA PHE B 582 26.05 6.08 0.81
C PHE B 582 25.71 4.63 1.11
N ARG B 583 24.64 4.41 1.87
CA ARG B 583 24.06 3.08 1.89
C ARG B 583 23.29 2.87 0.59
N PRO B 584 23.10 1.62 0.16
CA PRO B 584 22.45 1.42 -1.15
C PRO B 584 21.04 1.99 -1.20
N VAL B 585 20.44 2.27 -0.05
CA VAL B 585 19.08 2.78 0.06
C VAL B 585 19.08 4.25 0.42
N THR B 586 20.23 4.93 0.43
CA THR B 586 20.26 6.35 0.76
C THR B 586 19.80 7.17 -0.44
N ARG B 587 18.97 8.16 -0.17
CA ARG B 587 18.54 9.10 -1.20
C ARG B 587 18.67 10.51 -0.68
N LEU B 588 19.23 11.38 -1.49
CA LEU B 588 19.41 12.77 -1.14
C LEU B 588 18.54 13.57 -2.09
N VAL B 589 17.69 14.43 -1.55
CA VAL B 589 16.60 15.03 -2.32
C VAL B 589 16.53 16.53 -2.03
N GLU B 590 16.32 17.31 -3.08
CA GLU B 590 15.82 18.69 -3.00
C GLU B 590 14.40 18.70 -3.55
N ARG B 591 13.40 18.96 -2.69
CA ARG B 591 11.99 18.99 -3.07
C ARG B 591 11.52 20.43 -3.25
N ARG B 592 10.56 20.62 -4.15
CA ARG B 592 9.79 21.85 -4.18
C ARG B 592 8.33 21.44 -4.27
N THR B 593 7.49 22.04 -3.45
CA THR B 593 6.11 21.63 -3.39
C THR B 593 5.25 22.74 -3.99
N ALA B 594 3.94 22.52 -4.03
CA ALA B 594 3.05 23.57 -4.52
C ALA B 594 2.96 24.67 -3.47
N GLY B 595 2.82 25.90 -3.95
CA GLY B 595 2.85 27.07 -3.09
C GLY B 595 1.61 27.91 -3.26
N PRO B 596 1.50 28.95 -2.43
CA PRO B 596 0.38 29.89 -2.55
C PRO B 596 0.30 30.52 -3.94
N ASP B 597 -0.93 30.71 -4.42
CA ASP B 597 -1.22 31.33 -5.73
C ASP B 597 -0.66 30.51 -6.89
N ALA B 598 -0.55 29.20 -6.67
CA ALA B 598 -0.12 28.24 -7.67
C ALA B 598 1.34 28.44 -8.05
N SER B 599 2.14 28.89 -7.10
CA SER B 599 3.56 29.10 -7.36
C SER B 599 4.38 27.86 -6.96
N ALA B 600 5.65 27.86 -7.35
CA ALA B 600 6.56 26.84 -6.86
C ALA B 600 6.87 27.14 -5.40
N GLY B 601 6.69 26.16 -4.54
CA GLY B 601 6.75 26.42 -3.13
C GLY B 601 8.12 26.25 -2.50
N ALA B 602 8.10 25.63 -1.31
CA ALA B 602 9.23 25.65 -0.40
C ALA B 602 10.29 24.68 -0.87
N LYS B 603 11.52 25.17 -1.01
CA LYS B 603 12.71 24.36 -1.31
C LYS B 603 13.27 23.76 -0.03
N THR B 604 12.84 22.54 0.29
CA THR B 604 13.44 21.77 1.37
C THR B 604 14.46 20.76 0.84
N HIS B 605 15.38 20.37 1.72
CA HIS B 605 16.41 19.38 1.41
C HIS B 605 16.29 18.26 2.44
N GLU B 606 16.29 17.01 1.97
CA GLU B 606 16.02 15.84 2.78
C GLU B 606 16.97 14.69 2.44
N ILE B 607 17.39 13.97 3.47
CA ILE B 607 17.97 12.65 3.29
C ILE B 607 16.97 11.62 3.80
N HIS B 608 16.82 10.51 3.05
CA HIS B 608 15.91 9.45 3.47
C HIS B 608 16.47 8.09 3.08
N LEU B 609 15.89 7.04 3.66
CA LEU B 609 16.25 5.67 3.37
C LEU B 609 15.08 5.05 2.61
N ASP B 610 15.34 4.60 1.37
CA ASP B 610 14.32 4.12 0.41
C ASP B 610 13.90 2.66 0.67
N TYR B 611 13.01 2.49 1.63
CA TYR B 611 12.36 1.21 1.89
C TYR B 611 11.13 1.48 2.75
N ASP B 612 10.18 0.56 2.71
CA ASP B 612 8.94 0.73 3.46
C ASP B 612 9.20 0.95 4.95
N GLY B 613 8.91 2.17 5.41
CA GLY B 613 9.11 2.50 6.81
C GLY B 613 10.49 2.98 7.13
N GLY B 614 11.23 3.48 6.13
CA GLY B 614 12.55 4.01 6.34
C GLY B 614 12.49 5.42 6.91
N PRO B 615 13.47 5.77 7.72
CA PRO B 615 13.50 7.12 8.33
C PRO B 615 13.77 8.18 7.28
N SER B 616 13.47 9.43 7.66
CA SER B 616 13.67 10.62 6.83
C SER B 616 14.12 11.77 7.74
N ALA B 617 15.07 12.62 7.25
CA ALA B 617 15.52 13.80 7.97
C ALA B 617 15.71 14.98 7.02
N LYS B 618 15.37 16.18 7.50
CA LYS B 618 15.67 17.42 6.78
C LYS B 618 17.15 17.78 6.95
N VAL B 619 17.75 18.37 5.92
CA VAL B 619 19.16 18.77 5.96
C VAL B 619 19.22 20.22 5.53
N SER B 620 20.31 20.86 5.91
CA SER B 620 20.60 22.23 5.56
C SER B 620 21.14 22.31 4.13
N PRO B 621 20.98 23.46 3.49
CA PRO B 621 21.57 23.64 2.16
C PRO B 621 23.04 23.29 2.12
N GLU B 622 23.81 23.60 3.16
CA GLU B 622 25.23 23.31 3.15
C GLU B 622 25.48 21.81 3.27
N LEU B 623 24.64 21.10 4.05
CA LEU B 623 24.83 19.66 4.10
C LEU B 623 24.46 19.03 2.79
N TYR B 624 23.35 19.50 2.19
CA TYR B 624 22.95 19.03 0.88
C TYR B 624 24.09 19.14 -0.11
N GLU B 625 24.74 20.30 -0.17
CA GLU B 625 25.84 20.48 -1.10
C GLU B 625 27.01 19.56 -0.75
N LEU B 626 27.32 19.43 0.54
CA LEU B 626 28.34 18.52 0.99
C LEU B 626 28.00 17.06 0.66
N LEU B 627 26.86 16.57 1.12
CA LEU B 627 26.50 15.16 0.92
C LEU B 627 26.47 14.79 -0.57
N GLY B 628 25.94 15.68 -1.40
CA GLY B 628 25.88 15.42 -2.83
C GLY B 628 27.22 15.21 -3.48
N ALA B 629 28.31 15.55 -2.80
CA ALA B 629 29.66 15.37 -3.34
C ALA B 629 30.38 14.16 -2.76
N VAL B 630 29.74 13.40 -1.87
CA VAL B 630 30.30 12.16 -1.37
C VAL B 630 30.71 11.30 -2.55
N ASP B 631 31.93 10.81 -2.55
CA ASP B 631 32.36 9.92 -3.61
C ASP B 631 32.83 8.58 -3.08
N GLY B 632 32.72 8.33 -1.78
CA GLY B 632 33.09 7.06 -1.23
C GLY B 632 34.52 6.94 -0.76
N THR B 633 35.38 7.92 -1.09
CA THR B 633 36.78 7.88 -0.67
C THR B 633 37.17 9.13 0.09
N THR B 634 36.93 10.31 -0.47
CA THR B 634 37.24 11.57 0.21
C THR B 634 36.61 11.64 1.60
N THR B 635 37.40 12.10 2.56
CA THR B 635 36.96 12.20 3.95
C THR B 635 35.96 13.33 4.14
N LEU B 636 35.26 13.29 5.26
CA LEU B 636 34.28 14.32 5.58
C LEU B 636 34.93 15.70 5.66
N GLY B 637 36.11 15.78 6.27
CA GLY B 637 36.80 17.06 6.38
C GLY B 637 37.19 17.66 5.04
N ASP B 638 37.61 16.81 4.10
CA ASP B 638 37.97 17.33 2.79
C ASP B 638 36.73 17.69 1.99
N LEU B 639 35.64 16.94 2.18
CA LEU B 639 34.38 17.29 1.51
C LEU B 639 33.82 18.61 2.03
N ALA B 640 33.92 18.82 3.35
CA ALA B 640 33.44 20.04 3.96
C ALA B 640 34.16 21.28 3.45
N LYS B 641 35.37 21.11 2.90
CA LYS B 641 36.08 22.27 2.40
C LYS B 641 35.34 22.93 1.23
N THR B 642 34.56 22.18 0.46
CA THR B 642 33.86 22.89 -0.61
C THR B 642 32.70 23.75 -0.10
N VAL B 643 32.46 23.82 1.21
CA VAL B 643 31.40 24.67 1.75
C VAL B 643 31.93 25.44 2.96
N GLY B 644 33.24 25.63 3.01
CA GLY B 644 33.83 26.50 4.01
C GLY B 644 34.45 25.80 5.20
N GLY B 645 34.57 24.47 5.16
CA GLY B 645 35.14 23.71 6.25
C GLY B 645 34.08 23.17 7.21
N LEU B 646 34.50 22.19 7.99
CA LEU B 646 33.64 21.49 8.93
C LEU B 646 33.46 22.34 10.17
N SER B 647 32.48 23.25 10.15
CA SER B 647 32.13 24.05 11.32
C SER B 647 31.62 23.15 12.42
N ASP B 648 31.49 23.71 13.63
CA ASP B 648 30.85 22.90 14.66
C ASP B 648 29.38 22.66 14.33
N ALA B 649 28.73 23.63 13.67
CA ALA B 649 27.36 23.43 13.20
C ALA B 649 27.25 22.21 12.30
N LEU B 650 28.05 22.18 11.22
CA LEU B 650 27.97 21.07 10.29
C LEU B 650 28.25 19.75 11.00
N ALA B 651 29.28 19.71 11.86
CA ALA B 651 29.65 18.45 12.49
C ALA B 651 28.53 17.91 13.40
N THR B 652 27.81 18.80 14.07
CA THR B 652 26.66 18.37 14.85
C THR B 652 25.55 17.84 13.95
N GLU B 653 25.20 18.59 12.90
CA GLU B 653 24.23 18.13 11.92
C GLU B 653 24.60 16.75 11.37
N VAL B 654 25.84 16.61 10.87
CA VAL B 654 26.31 15.32 10.35
C VAL B 654 26.22 14.25 11.42
N PHE B 655 26.70 14.54 12.63
CA PHE B 655 26.62 13.59 13.73
C PHE B 655 25.18 13.12 13.96
N ALA B 656 24.23 14.05 14.02
CA ALA B 656 22.85 13.64 14.28
C ALA B 656 22.35 12.71 13.18
N LEU B 657 22.82 12.91 11.94
CA LEU B 657 22.53 12.02 10.83
C LEU B 657 23.19 10.65 11.01
N TRP B 658 24.39 10.65 11.59
CA TRP B 658 25.08 9.40 11.89
C TRP B 658 24.34 8.59 12.94
N GLU B 659 23.81 9.26 13.97
CA GLU B 659 23.00 8.58 14.98
C GLU B 659 21.84 7.82 14.34
N GLN B 660 21.25 8.37 13.29
CA GLN B 660 20.10 7.74 12.64
C GLN B 660 20.49 6.87 11.46
N ARG B 661 21.77 6.79 11.11
CA ARG B 661 22.28 5.85 10.12
C ARG B 661 21.74 6.11 8.71
N PHE B 662 21.60 7.38 8.34
CA PHE B 662 21.35 7.68 6.94
C PHE B 662 22.55 7.36 6.06
N LEU B 663 23.74 7.34 6.64
CA LEU B 663 24.99 7.17 5.94
C LEU B 663 25.91 6.27 6.72
N THR B 664 26.83 5.65 6.00
CA THR B 664 28.00 5.07 6.63
C THR B 664 29.05 6.15 6.82
N LEU B 665 29.48 6.36 8.07
CA LEU B 665 30.69 7.10 8.37
C LEU B 665 31.66 6.18 9.06
N ALA B 666 32.87 6.08 8.53
CA ALA B 666 33.87 5.17 9.06
C ALA B 666 35.21 5.58 8.45
N PRO B 667 36.34 5.28 9.11
CA PRO B 667 37.65 5.58 8.53
C PRO B 667 37.85 4.97 7.16
N ALA B 668 38.85 5.42 6.43
CA ALA B 668 39.11 4.93 5.09
C ALA B 668 39.52 3.46 5.12
N GLY B 669 39.12 2.72 4.08
CA GLY B 669 39.31 1.27 4.02
C GLY B 669 38.31 0.50 4.88
N ASP B 670 38.64 -0.78 5.08
CA ASP B 670 37.81 -1.69 5.88
C ASP B 670 38.74 -2.50 6.79
N ILE B 671 38.17 -3.47 7.50
CA ILE B 671 38.98 -4.34 8.35
C ILE B 671 39.77 -5.34 7.52
N GLY B 672 39.34 -5.61 6.28
CA GLY B 672 40.00 -6.56 5.43
C GLY B 672 39.20 -7.86 5.33
N PRO B 673 39.72 -8.87 4.63
CA PRO B 673 39.06 -10.20 4.58
C PRO B 673 39.10 -10.81 5.98
N LEU B 674 37.94 -11.05 6.53
CA LEU B 674 37.83 -11.52 7.92
C LEU B 674 38.28 -13.00 8.01
FE FE C . -21.47 2.24 -5.14
S SO4 D . -26.36 23.87 -24.87
O1 SO4 D . -25.74 23.34 -23.65
O2 SO4 D . -26.24 25.33 -24.87
O3 SO4 D . -27.76 23.47 -24.88
O4 SO4 D . -25.74 23.32 -26.09
S SO4 E . -15.03 6.94 -25.08
O1 SO4 E . -13.68 7.10 -24.56
O2 SO4 E . -15.01 6.96 -26.53
O3 SO4 E . -15.85 8.07 -24.65
O4 SO4 E . -15.58 5.68 -24.56
S SO4 F . -44.17 -2.65 -12.85
O1 SO4 F . -42.71 -2.84 -12.90
O2 SO4 F . -44.53 -1.50 -13.69
O3 SO4 F . -44.53 -2.41 -11.44
O4 SO4 F . -44.90 -3.83 -13.35
S SO4 G . -5.65 19.16 6.37
O1 SO4 G . -4.22 19.20 6.63
O2 SO4 G . -5.88 19.90 5.13
O3 SO4 G . -6.39 19.80 7.48
O4 SO4 G . -6.08 17.76 6.21
S SO4 H . 26.42 15.43 -10.56
O1 SO4 H . 27.53 14.69 -11.18
O2 SO4 H . 26.89 16.71 -10.01
O3 SO4 H . 25.83 14.66 -9.45
O4 SO4 H . 25.40 15.62 -11.59
N CP I . -7.64 7.48 -23.77
C CP I . -8.09 6.63 -22.66
O CP I . -7.60 5.57 -22.48
O4P CP I . -9.10 7.05 -21.78
P CP I . -10.49 7.67 -22.45
O1P CP I . -10.32 9.14 -22.78
O2P CP I . -11.67 7.54 -21.53
O3P CP I . -10.71 6.89 -23.74
C1 EDO J . -30.72 20.37 -23.74
O1 EDO J . -31.78 20.84 -24.61
C2 EDO J . -29.47 21.25 -23.82
O2 EDO J . -29.13 21.59 -25.20
C1 EDO K . -4.14 1.72 2.22
O1 EDO K . -4.20 1.20 3.57
C2 EDO K . -3.35 3.04 2.13
O2 EDO K . -4.14 4.07 1.50
C1 EDO L . -22.49 9.71 -18.25
O1 EDO L . -22.63 8.34 -18.71
C2 EDO L . -23.10 10.73 -19.20
O2 EDO L . -22.62 12.02 -18.84
C1 EDO M . -2.87 25.69 -7.38
O1 EDO M . -1.77 25.45 -6.48
C2 EDO M . -4.06 26.44 -6.74
O2 EDO M . -5.15 26.50 -7.67
C1 EDO N . -22.44 -7.08 -7.08
O1 EDO N . -21.05 -6.74 -7.23
C2 EDO N . -22.60 -8.41 -6.33
O2 EDO N . -23.78 -8.45 -5.51
C1 EDO O . -22.37 -22.60 -13.30
O1 EDO O . -23.24 -22.81 -12.17
C2 EDO O . -20.91 -22.66 -12.83
O2 EDO O . -20.03 -22.83 -13.94
C11 82Z P . -11.45 -2.20 2.97
C13 82Z P . -13.78 -1.17 3.17
C14 82Z P . -13.54 -0.17 2.04
C15 82Z P . -14.73 0.76 1.87
C20 82Z P . -15.46 2.22 -1.62
C21 82Z P . -16.39 3.43 -1.65
C22 82Z P . -15.70 1.16 -2.67
C24 82Z P . -17.54 1.08 -4.14
C32 82Z P . -11.36 -3.23 -2.06
C35 82Z P . -13.20 -1.10 -4.63
C01 82Z P . -10.46 -1.22 -1.01
C02 82Z P . -10.60 -2.74 -1.13
C03 82Z P . -9.89 -3.65 -0.13
C04 82Z P . -10.04 -2.96 1.21
C05 82Z P . -8.92 -2.44 1.84
C06 82Z P . -9.08 -1.81 3.06
C08 82Z P . -6.74 -1.67 3.27
C09 82Z P . -10.34 -1.70 3.61
C17 82Z P . -14.57 1.46 0.54
C18 82Z P . -13.22 2.06 0.16
C19 82Z P . -15.59 1.53 -0.28
C27 82Z P . -14.35 0.74 -3.20
C28 82Z P . -14.41 -0.62 -3.86
C31 82Z P . -11.30 -2.84 1.76
C33 82Z P . -12.01 -2.16 -2.93
C34 82Z P . -12.71 -2.38 -4.01
C37 82Z P . -13.43 -0.05 -6.67
N12 82Z P . -12.76 -2.10 3.57
N25 82Z P . -18.83 1.57 -3.63
O07 82Z P . -8.00 -1.27 3.74
O16 82Z P . -15.99 0.17 1.84
O23 82Z P . -16.36 1.75 -3.74
O26 82Z P . -17.52 0.17 -4.93
O29 82Z P . -15.38 -1.28 -3.80
O30 82Z P . -14.82 -1.21 3.73
O36 82Z P . -13.37 -1.26 -6.00
CL1 82Z P . -10.55 -0.89 5.16
P AMP Q . -19.21 2.24 -7.45
O1P AMP Q . -18.32 3.43 -7.79
O2P AMP Q . -20.58 2.48 -7.97
O3P AMP Q . -19.20 2.06 -5.95
O5' AMP Q . -18.74 0.85 -8.18
C5' AMP Q . -17.37 0.62 -8.29
C4' AMP Q . -17.25 -0.83 -8.67
O4' AMP Q . -18.03 -1.10 -10.13
C3' AMP Q . -16.03 -1.29 -8.80
O3' AMP Q . -16.02 -2.60 -8.11
C2' AMP Q . -15.81 -1.48 -10.36
O2' AMP Q . -15.01 -2.49 -10.72
C1' AMP Q . -17.24 -1.85 -10.83
N9 AMP Q . -17.31 -1.51 -12.25
C8 AMP Q . -17.12 -0.31 -12.77
N7 AMP Q . -17.27 -0.37 -14.08
C5 AMP Q . -17.56 -1.66 -14.40
C6 AMP Q . -17.82 -2.33 -15.62
N6 AMP Q . -17.81 -1.64 -16.90
N1 AMP Q . -18.08 -3.63 -15.58
C2 AMP Q . -18.10 -4.31 -14.43
N3 AMP Q . -17.86 -3.70 -13.27
C4 AMP Q . -17.59 -2.38 -13.23
C14 8CW R . 5.26 -15.04 9.28
C22 8CW R . 0.67 -9.82 7.01
C23 8CW R . -0.73 -9.72 6.32
C33 8CW R . 3.35 -13.62 3.69
C34 8CW R . 3.76 -12.12 3.48
C35 8CW R . 2.34 -14.26 2.72
C37 8CW R . 1.18 -13.33 2.58
C24 8CW R . -0.77 -9.40 5.02
C43 8CW R . -1.34 -9.47 0.49
C45 8CW R . -1.62 -7.28 -0.41
C46 8CW R . -1.65 -8.98 1.75
C47 8CW R . -1.77 -9.85 2.80
C48 8CW R . -1.57 -11.22 2.64
O56 8CW R . 2.83 -10.52 15.07
C02 8CW R . 5.31 -11.80 19.99
C03 8CW R . 5.38 -11.89 18.60
C05 8CW R . 5.89 -11.90 16.53
C07 8CW R . 3.79 -12.51 15.52
C09 8CW R . 4.12 -13.21 13.23
C10 8CW R . 5.45 -13.28 12.50
C17 8CW R . 4.32 -14.26 7.09
C18 8CW R . 2.88 -13.72 7.18
C19 8CW R . 2.59 -12.69 8.30
C20 8CW R . 2.40 -11.22 7.95
C21 8CW R . 1.02 -11.10 7.29
C25 8CW R . 0.59 -9.15 4.23
C26 8CW R . -2.11 -9.30 4.27
C28 8CW R . 3.89 -10.27 9.49
C30 8CW R . 4.87 -13.80 5.77
C31 8CW R . 6.17 -14.48 5.52
C32 8CW R . 3.86 -14.36 4.72
C38 8CW R . 0.03 -13.91 1.74
C40 8CW R . -1.24 -11.70 1.39
C41 8CW R . -1.14 -10.82 0.33
C53 8CW R . 3.64 -12.01 13.22
C55 8CW R . 3.86 -11.46 14.75
C57 8CW R . 4.26 -12.24 17.92
C59 8CW R . 3.10 -12.42 19.92
N01 8CW R . 6.55 -11.41 20.78
N04 8CW R . 6.38 -11.67 17.73
N06 8CW R . 4.64 -12.24 16.64
N39 8CW R . -1.05 -13.11 1.21
N50 8CW R . 5.51 -16.28 8.61
N58 8CW R . 3.14 -12.50 18.59
N60 8CW R . 4.17 -12.08 20.61
O08 8CW R . 4.53 -13.59 14.69
O11 8CW R . 5.93 -14.53 12.81
O13 8CW R . 6.44 -14.74 10.09
O15 8CW R . 4.14 -15.16 10.03
O16 8CW R . 5.10 -13.94 8.26
O27 8CW R . 2.52 -10.53 9.14
O29 8CW R . 2.49 -13.02 9.44
O36 8CW R . 1.93 -15.45 3.35
O44 8CW R . -1.22 -8.61 -0.62
O49 8CW R . 0.02 -15.06 1.49
O51 8CW R . 8.27 -14.68 11.86
O52 8CW R . 7.02 -16.69 11.87
O54 8CW R . 2.24 -12.05 12.95
P12 8CW R . 6.89 -15.22 11.67
CL1 8CW R . -0.73 -11.48 -1.28
FE FE S . 6.69 -18.24 10.13
S SO4 T . 6.57 6.51 19.63
O1 SO4 T . 7.18 5.69 20.69
O2 SO4 T . 7.57 7.17 18.80
O3 SO4 T . 5.72 7.54 20.23
O4 SO4 T . 5.76 5.59 18.82
S SO4 U . 16.85 -6.16 -10.20
O1 SO4 U . 17.86 -5.33 -9.56
O2 SO4 U . 16.59 -5.68 -11.57
O3 SO4 U . 17.32 -7.54 -10.31
O4 SO4 U . 15.65 -6.07 -9.36
S SO4 V . 16.33 -5.97 24.65
O1 SO4 V . 17.43 -6.83 24.23
O2 SO4 V . 16.56 -5.45 25.99
O3 SO4 V . 15.07 -6.71 24.67
O4 SO4 V . 16.22 -4.88 23.68
C1 EDO W . 22.80 0.96 10.60
O1 EDO W . 23.72 0.37 11.52
C2 EDO W . 21.40 0.41 10.84
O2 EDO W . 20.38 1.12 10.12
C1 EDO X . 22.36 -4.80 0.91
O1 EDO X . 23.79 -4.91 0.76
C2 EDO X . 21.67 -6.15 0.66
O2 EDO X . 20.34 -6.19 1.22
C1 EDO Y . 6.33 -26.52 -4.31
O1 EDO Y . 6.91 -26.94 -3.06
C2 EDO Y . 4.79 -26.64 -4.29
O2 EDO Y . 4.18 -25.78 -5.28
C1 EDO Z . 37.68 24.90 9.72
O1 EDO Z . 37.74 23.47 9.87
C2 EDO Z . 36.39 25.47 10.33
O2 EDO Z . 35.83 26.47 9.46
#